data_8PRO
# 
_entry.id   8PRO 
# 
_audit_conform.dict_name       mmcif_pdbx.dic 
_audit_conform.dict_version    5.395 
_audit_conform.dict_location   http://mmcif.pdb.org/dictionaries/ascii/mmcif_pdbx.dic 
# 
loop_
_database_2.database_id 
_database_2.database_code 
_database_2.pdbx_database_accession 
_database_2.pdbx_DOI 
PDB   8PRO         pdb_00008pro 10.2210/pdb8pro/pdb 
WWPDB D_1292130558 ?            ?                   
# 
_pdbx_audit_revision_history.ordinal             1 
_pdbx_audit_revision_history.data_content_type   'Structure model' 
_pdbx_audit_revision_history.major_revision      1 
_pdbx_audit_revision_history.minor_revision      0 
_pdbx_audit_revision_history.revision_date       2024-07-24 
# 
_pdbx_audit_revision_details.ordinal             1 
_pdbx_audit_revision_details.revision_ordinal    1 
_pdbx_audit_revision_details.data_content_type   'Structure model' 
_pdbx_audit_revision_details.provider            repository 
_pdbx_audit_revision_details.type                'Initial release' 
_pdbx_audit_revision_details.description         ? 
_pdbx_audit_revision_details.details             ? 
# 
_pdbx_database_status.status_code                     REL 
_pdbx_database_status.status_code_sf                  REL 
_pdbx_database_status.status_code_mr                  ? 
_pdbx_database_status.entry_id                        8PRO 
_pdbx_database_status.recvd_initial_deposition_date   2023-07-12 
_pdbx_database_status.SG_entry                        N 
_pdbx_database_status.deposit_site                    PDBE 
_pdbx_database_status.process_site                    PDBE 
_pdbx_database_status.status_code_cs                  ? 
_pdbx_database_status.status_code_nmr_data            ? 
_pdbx_database_status.methods_development_category    ? 
_pdbx_database_status.pdb_format_compatible           Y 
# 
_pdbx_contact_author.id                 2 
_pdbx_contact_author.email              arnout.voet@kuleuven.be 
_pdbx_contact_author.name_first         Arnout 
_pdbx_contact_author.name_last          Voet 
_pdbx_contact_author.name_mi            R.D. 
_pdbx_contact_author.role               'principal investigator/group leader' 
_pdbx_contact_author.identifier_ORCID   0000-0002-3329-2703 
# 
loop_
_audit_author.name 
_audit_author.pdbx_ordinal 
_audit_author.identifier_ORCID 
'Vandebroek, L.' 1 0000-0001-6907-425X 
'Voet, A.R.D.'   2 0000-0002-3329-2703 
'Lee, X.Y.'      3 0000-0002-8077-6030 
# 
_citation.abstract                  ? 
_citation.abstract_id_CAS           ? 
_citation.book_id_ISBN              ? 
_citation.book_publisher            ? 
_citation.book_publisher_city       ? 
_citation.book_title                ? 
_citation.coordinate_linkage        ? 
_citation.country                   ? 
_citation.database_id_Medline       ? 
_citation.details                   ? 
_citation.id                        primary 
_citation.journal_abbrev            'To Be Published' 
_citation.journal_id_ASTM           ? 
_citation.journal_id_CSD            0353 
_citation.journal_id_ISSN           ? 
_citation.journal_full              ? 
_citation.journal_issue             ? 
_citation.journal_volume            ? 
_citation.language                  ? 
_citation.page_first                ? 
_citation.page_last                 ? 
_citation.title                     'The structure of v13Bagel2' 
_citation.year                      ? 
_citation.database_id_CSD           ? 
_citation.pdbx_database_id_DOI      ? 
_citation.pdbx_database_id_PubMed   ? 
_citation.pdbx_database_id_patent   ? 
_citation.unpublished_flag          ? 
# 
loop_
_citation_author.citation_id 
_citation_author.name 
_citation_author.ordinal 
_citation_author.identifier_ORCID 
primary 'Vandebroek, L.' 1 0000-0001-6907-425X 
primary 'Voet, A.R.D.'   2 0000-0002-3329-2703 
primary 'Lee, X.Y.'      3 0000-0002-8077-6030 
# 
loop_
_entity.id 
_entity.type 
_entity.src_method 
_entity.pdbx_description 
_entity.formula_weight 
_entity.pdbx_number_of_molecules 
_entity.pdbx_ec 
_entity.pdbx_mutation 
_entity.pdbx_fragment 
_entity.details 
1 polymer     man 'Cell surface protein'      8637.474  1  ? ? ? ? 
2 non-polymer syn 'P8W48O184 polyoxometalate' 12016.000 1  ? ? ? ? 
3 water       nat water                       18.015    44 ? ? ? ? 
# 
_entity_poly.entity_id                      1 
_entity_poly.type                           'polypeptide(L)' 
_entity_poly.nstd_linkage                   no 
_entity_poly.nstd_monomer                   no 
_entity_poly.pdbx_seq_one_letter_code       TGGSVHSSPAIGQDGTIYVGSNDHYLYAINPNGKLKWKFETGGSVHSSPAIGQDGTIYVGSNDHYLYAINPNGKLKWKFE 
_entity_poly.pdbx_seq_one_letter_code_can   TGGSVHSSPAIGQDGTIYVGSNDHYLYAINPNGKLKWKFETGGSVHSSPAIGQDGTIYVGSNDHYLYAINPNGKLKWKFE 
_entity_poly.pdbx_strand_id                 A 
_entity_poly.pdbx_target_identifier         ? 
# 
loop_
_pdbx_entity_nonpoly.entity_id 
_pdbx_entity_nonpoly.name 
_pdbx_entity_nonpoly.comp_id 
2 'P8W48O184 polyoxometalate' IR0 
3 water                       HOH 
# 
loop_
_entity_poly_seq.entity_id 
_entity_poly_seq.num 
_entity_poly_seq.mon_id 
_entity_poly_seq.hetero 
1 1  THR n 
1 2  GLY n 
1 3  GLY n 
1 4  SER n 
1 5  VAL n 
1 6  HIS n 
1 7  SER n 
1 8  SER n 
1 9  PRO n 
1 10 ALA n 
1 11 ILE n 
1 12 GLY n 
1 13 GLN n 
1 14 ASP n 
1 15 GLY n 
1 16 THR n 
1 17 ILE n 
1 18 TYR n 
1 19 VAL n 
1 20 GLY n 
1 21 SER n 
1 22 ASN n 
1 23 ASP n 
1 24 HIS n 
1 25 TYR n 
1 26 LEU n 
1 27 TYR n 
1 28 ALA n 
1 29 ILE n 
1 30 ASN n 
1 31 PRO n 
1 32 ASN n 
1 33 GLY n 
1 34 LYS n 
1 35 LEU n 
1 36 LYS n 
1 37 TRP n 
1 38 LYS n 
1 39 PHE n 
1 40 GLU n 
1 41 THR n 
1 42 GLY n 
1 43 GLY n 
1 44 SER n 
1 45 VAL n 
1 46 HIS n 
1 47 SER n 
1 48 SER n 
1 49 PRO n 
1 50 ALA n 
1 51 ILE n 
1 52 GLY n 
1 53 GLN n 
1 54 ASP n 
1 55 GLY n 
1 56 THR n 
1 57 ILE n 
1 58 TYR n 
1 59 VAL n 
1 60 GLY n 
1 61 SER n 
1 62 ASN n 
1 63 ASP n 
1 64 HIS n 
1 65 TYR n 
1 66 LEU n 
1 67 TYR n 
1 68 ALA n 
1 69 ILE n 
1 70 ASN n 
1 71 PRO n 
1 72 ASN n 
1 73 GLY n 
1 74 LYS n 
1 75 LEU n 
1 76 LYS n 
1 77 TRP n 
1 78 LYS n 
1 79 PHE n 
1 80 GLU n 
# 
_entity_src_gen.entity_id                          1 
_entity_src_gen.pdbx_src_id                        1 
_entity_src_gen.pdbx_alt_source_flag               sample 
_entity_src_gen.pdbx_seq_type                      'Biological sequence' 
_entity_src_gen.pdbx_beg_seq_num                   1 
_entity_src_gen.pdbx_end_seq_num                   80 
_entity_src_gen.gene_src_common_name               ? 
_entity_src_gen.gene_src_genus                     ? 
_entity_src_gen.pdbx_gene_src_gene                 DICTH_0179 
_entity_src_gen.gene_src_species                   ? 
_entity_src_gen.gene_src_strain                    'ATCC 35947 / DSM 3960 / H-6-12' 
_entity_src_gen.gene_src_tissue                    ? 
_entity_src_gen.gene_src_tissue_fraction           ? 
_entity_src_gen.gene_src_details                   ? 
_entity_src_gen.pdbx_gene_src_fragment             ? 
_entity_src_gen.pdbx_gene_src_scientific_name      'Dictyoglomus thermophilum H-6-12' 
_entity_src_gen.pdbx_gene_src_ncbi_taxonomy_id     309799 
_entity_src_gen.pdbx_gene_src_variant              ? 
_entity_src_gen.pdbx_gene_src_cell_line            ? 
_entity_src_gen.pdbx_gene_src_atcc                 ? 
_entity_src_gen.pdbx_gene_src_organ                ? 
_entity_src_gen.pdbx_gene_src_organelle            ? 
_entity_src_gen.pdbx_gene_src_cell                 ? 
_entity_src_gen.pdbx_gene_src_cellular_location    ? 
_entity_src_gen.host_org_common_name               ? 
_entity_src_gen.pdbx_host_org_scientific_name      
;Escherichia coli 'BL21-Gold(DE3)pLysS AG'
;
_entity_src_gen.pdbx_host_org_ncbi_taxonomy_id     866768 
_entity_src_gen.host_org_genus                     ? 
_entity_src_gen.pdbx_host_org_gene                 ? 
_entity_src_gen.pdbx_host_org_organ                ? 
_entity_src_gen.host_org_species                   ? 
_entity_src_gen.pdbx_host_org_tissue               ? 
_entity_src_gen.pdbx_host_org_tissue_fraction      ? 
_entity_src_gen.pdbx_host_org_strain               ? 
_entity_src_gen.pdbx_host_org_variant              ? 
_entity_src_gen.pdbx_host_org_cell_line            ? 
_entity_src_gen.pdbx_host_org_atcc                 ? 
_entity_src_gen.pdbx_host_org_culture_collection   ? 
_entity_src_gen.pdbx_host_org_cell                 ? 
_entity_src_gen.pdbx_host_org_organelle            ? 
_entity_src_gen.pdbx_host_org_cellular_location    ? 
_entity_src_gen.pdbx_host_org_vector_type          ? 
_entity_src_gen.pdbx_host_org_vector               ? 
_entity_src_gen.host_org_details                   ? 
_entity_src_gen.expression_system_id               ? 
_entity_src_gen.plasmid_name                       ? 
_entity_src_gen.plasmid_details                    ? 
_entity_src_gen.pdbx_description                   ? 
# 
loop_
_chem_comp.id 
_chem_comp.type 
_chem_comp.mon_nstd_flag 
_chem_comp.name 
_chem_comp.pdbx_synonyms 
_chem_comp.formula 
_chem_comp.formula_weight 
ALA 'L-peptide linking' y ALANINE                     ? 'C3 H7 N O2'     89.093    
ARG 'L-peptide linking' y ARGININE                    ? 'C6 H15 N4 O2 1' 175.209   
ASN 'L-peptide linking' y ASPARAGINE                  ? 'C4 H8 N2 O3'    132.118   
ASP 'L-peptide linking' y 'ASPARTIC ACID'             ? 'C4 H7 N O4'     133.103   
GLN 'L-peptide linking' y GLUTAMINE                   ? 'C5 H10 N2 O3'   146.144   
GLU 'L-peptide linking' y 'GLUTAMIC ACID'             ? 'C5 H9 N O4'     147.129   
GLY 'peptide linking'   y GLYCINE                     ? 'C2 H5 N O2'     75.067    
HIS 'L-peptide linking' y HISTIDINE                   ? 'C6 H10 N3 O2 1' 156.162   
HOH non-polymer         . WATER                       ? 'H2 O'           18.015    
ILE 'L-peptide linking' y ISOLEUCINE                  ? 'C6 H13 N O2'    131.173   
IR0 non-polymer         . 'P8W48O184 polyoxometalate' ? 'O184 P8 W48'    12016.000 
LEU 'L-peptide linking' y LEUCINE                     ? 'C6 H13 N O2'    131.173   
LYS 'L-peptide linking' y LYSINE                      ? 'C6 H15 N2 O2 1' 147.195   
MET 'L-peptide linking' y METHIONINE                  ? 'C5 H11 N O2 S'  149.211   
PHE 'L-peptide linking' y PHENYLALANINE               ? 'C9 H11 N O2'    165.189   
PRO 'L-peptide linking' y PROLINE                     ? 'C5 H9 N O2'     115.130   
SER 'L-peptide linking' y SERINE                      ? 'C3 H7 N O3'     105.093   
THR 'L-peptide linking' y THREONINE                   ? 'C4 H9 N O3'     119.119   
TRP 'L-peptide linking' y TRYPTOPHAN                  ? 'C11 H12 N2 O2'  204.225   
TYR 'L-peptide linking' y TYROSINE                    ? 'C9 H11 N O3'    181.189   
VAL 'L-peptide linking' y VALINE                      ? 'C5 H11 N O2'    117.146   
# 
loop_
_pdbx_poly_seq_scheme.asym_id 
_pdbx_poly_seq_scheme.entity_id 
_pdbx_poly_seq_scheme.seq_id 
_pdbx_poly_seq_scheme.mon_id 
_pdbx_poly_seq_scheme.ndb_seq_num 
_pdbx_poly_seq_scheme.pdb_seq_num 
_pdbx_poly_seq_scheme.auth_seq_num 
_pdbx_poly_seq_scheme.pdb_mon_id 
_pdbx_poly_seq_scheme.auth_mon_id 
_pdbx_poly_seq_scheme.pdb_strand_id 
_pdbx_poly_seq_scheme.pdb_ins_code 
_pdbx_poly_seq_scheme.hetero 
A 1 1  THR 1  1  1  THR THR A . n 
A 1 2  GLY 2  2  2  GLY GLY A . n 
A 1 3  GLY 3  3  3  GLY GLY A . n 
A 1 4  SER 4  4  4  SER SER A . n 
A 1 5  VAL 5  5  5  VAL VAL A . n 
A 1 6  HIS 6  6  6  HIS HIS A . n 
A 1 7  SER 7  7  7  SER SER A . n 
A 1 8  SER 8  8  8  SER SER A . n 
A 1 9  PRO 9  9  9  PRO PRO A . n 
A 1 10 ALA 10 10 10 ALA ALA A . n 
A 1 11 ILE 11 11 11 ILE ILE A . n 
A 1 12 GLY 12 12 12 GLY GLY A . n 
A 1 13 GLN 13 13 13 GLN GLN A . n 
A 1 14 ASP 14 14 14 ASP ASP A . n 
A 1 15 GLY 15 15 15 GLY GLY A . n 
A 1 16 THR 16 16 16 THR THR A . n 
A 1 17 ILE 17 17 17 ILE ILE A . n 
A 1 18 TYR 18 18 18 TYR TYR A . n 
A 1 19 VAL 19 19 19 VAL VAL A . n 
A 1 20 GLY 20 20 20 GLY GLY A . n 
A 1 21 SER 21 21 21 SER SER A . n 
A 1 22 ASN 22 22 22 ASN ASN A . n 
A 1 23 ASP 23 23 23 ASP ASP A . n 
A 1 24 HIS 24 24 24 HIS HIS A . n 
A 1 25 TYR 25 25 25 TYR TYR A . n 
A 1 26 LEU 26 26 26 LEU LEU A . n 
A 1 27 TYR 27 27 27 TYR TYR A . n 
A 1 28 ALA 28 28 28 ALA ALA A . n 
A 1 29 ILE 29 29 29 ILE ILE A . n 
A 1 30 ASN 30 30 30 ASN ASN A . n 
A 1 31 PRO 31 31 31 PRO PRO A . n 
A 1 32 ASN 32 32 32 ASN ASN A . n 
A 1 33 GLY 33 33 33 GLY GLY A . n 
A 1 34 LYS 34 34 34 LYS LYS A . n 
A 1 35 LEU 35 35 35 LEU LEU A . n 
A 1 36 LYS 36 36 36 LYS LYS A . n 
A 1 37 TRP 37 37 37 TRP TRP A . n 
A 1 38 LYS 38 38 38 LYS LYS A . n 
A 1 39 PHE 39 39 39 PHE PHE A . n 
A 1 40 GLU 40 40 40 GLU GLU A . n 
A 1 41 THR 41 41 41 THR THR A . n 
A 1 42 GLY 42 42 42 GLY GLY A . n 
A 1 43 GLY 43 43 43 GLY GLY A . n 
A 1 44 SER 44 44 44 SER SER A . n 
A 1 45 VAL 45 45 45 VAL VAL A . n 
A 1 46 HIS 46 46 46 HIS HIS A . n 
A 1 47 SER 47 47 47 SER SER A . n 
A 1 48 SER 48 48 48 SER SER A . n 
A 1 49 PRO 49 49 49 PRO PRO A . n 
A 1 50 ALA 50 50 50 ALA ALA A . n 
A 1 51 ILE 51 51 51 ILE ILE A . n 
A 1 52 GLY 52 52 52 GLY GLY A . n 
A 1 53 GLN 53 53 53 GLN GLN A . n 
A 1 54 ASP 54 54 54 ASP ASP A . n 
A 1 55 GLY 55 55 55 GLY GLY A . n 
A 1 56 THR 56 56 56 THR THR A . n 
A 1 57 ILE 57 57 57 ILE ILE A . n 
A 1 58 TYR 58 58 58 TYR TYR A . n 
A 1 59 VAL 59 59 59 VAL VAL A . n 
A 1 60 GLY 60 60 60 GLY GLY A . n 
A 1 61 SER 61 61 61 SER SER A . n 
A 1 62 ASN 62 62 62 ASN ASN A . n 
A 1 63 ASP 63 63 63 ASP ASP A . n 
A 1 64 HIS 64 64 64 HIS HIS A . n 
A 1 65 TYR 65 65 65 TYR TYR A . n 
A 1 66 LEU 66 66 66 LEU LEU A . n 
A 1 67 TYR 67 67 67 TYR TYR A . n 
A 1 68 ALA 68 68 68 ALA ALA A . n 
A 1 69 ILE 69 69 69 ILE ILE A . n 
A 1 70 ASN 70 70 70 ASN ASN A . n 
A 1 71 PRO 71 71 71 PRO PRO A . n 
A 1 72 ASN 72 72 72 ASN ASN A . n 
A 1 73 GLY 73 73 73 GLY GLY A . n 
A 1 74 LYS 74 74 74 LYS LYS A . n 
A 1 75 LEU 75 75 75 LEU LEU A . n 
A 1 76 LYS 76 76 76 LYS LYS A . n 
A 1 77 TRP 77 77 77 TRP TRP A . n 
A 1 78 LYS 78 78 78 LYS LYS A . n 
A 1 79 PHE 79 79 79 PHE PHE A . n 
A 1 80 GLU 80 80 80 GLU GLU A . n 
# 
loop_
_pdbx_nonpoly_scheme.asym_id 
_pdbx_nonpoly_scheme.entity_id 
_pdbx_nonpoly_scheme.mon_id 
_pdbx_nonpoly_scheme.ndb_seq_num 
_pdbx_nonpoly_scheme.pdb_seq_num 
_pdbx_nonpoly_scheme.auth_seq_num 
_pdbx_nonpoly_scheme.pdb_mon_id 
_pdbx_nonpoly_scheme.auth_mon_id 
_pdbx_nonpoly_scheme.pdb_strand_id 
_pdbx_nonpoly_scheme.pdb_ins_code 
B 2 IR0 1  101 1  IR0 KPW A . 
C 3 HOH 1  201 26 HOH HOH A . 
C 3 HOH 2  202 11 HOH HOH A . 
C 3 HOH 3  203 27 HOH HOH A . 
C 3 HOH 4  204 1  HOH HOH A . 
C 3 HOH 5  205 19 HOH HOH A . 
C 3 HOH 6  206 7  HOH HOH A . 
C 3 HOH 7  207 38 HOH HOH A . 
C 3 HOH 8  208 17 HOH HOH A . 
C 3 HOH 9  209 2  HOH HOH A . 
C 3 HOH 10 210 23 HOH HOH A . 
C 3 HOH 11 211 43 HOH HOH A . 
C 3 HOH 12 212 29 HOH HOH A . 
C 3 HOH 13 213 35 HOH HOH A . 
C 3 HOH 14 214 22 HOH HOH A . 
C 3 HOH 15 215 36 HOH HOH A . 
C 3 HOH 16 216 13 HOH HOH A . 
C 3 HOH 17 217 25 HOH HOH A . 
C 3 HOH 18 218 31 HOH HOH A . 
C 3 HOH 19 219 14 HOH HOH A . 
C 3 HOH 20 220 20 HOH HOH A . 
C 3 HOH 21 221 12 HOH HOH A . 
C 3 HOH 22 222 6  HOH HOH A . 
C 3 HOH 23 223 34 HOH HOH A . 
C 3 HOH 24 224 21 HOH HOH A . 
C 3 HOH 25 225 4  HOH HOH A . 
C 3 HOH 26 226 16 HOH HOH A . 
C 3 HOH 27 227 24 HOH HOH A . 
C 3 HOH 28 228 33 HOH HOH A . 
C 3 HOH 29 229 8  HOH HOH A . 
C 3 HOH 30 230 40 HOH HOH A . 
C 3 HOH 31 231 28 HOH HOH A . 
C 3 HOH 32 232 9  HOH HOH A . 
C 3 HOH 33 233 3  HOH HOH A . 
C 3 HOH 34 234 32 HOH HOH A . 
C 3 HOH 35 235 37 HOH HOH A . 
C 3 HOH 36 236 15 HOH HOH A . 
C 3 HOH 37 237 18 HOH HOH A . 
C 3 HOH 38 238 10 HOH HOH A . 
C 3 HOH 39 239 44 HOH HOH A . 
C 3 HOH 40 240 30 HOH HOH A . 
C 3 HOH 41 241 5  HOH HOH A . 
C 3 HOH 42 242 42 HOH HOH A . 
C 3 HOH 43 243 39 HOH HOH A . 
C 3 HOH 44 244 41 HOH HOH A . 
# 
loop_
_software.citation_id 
_software.classification 
_software.compiler_name 
_software.compiler_version 
_software.contact_author 
_software.contact_author_email 
_software.date 
_software.description 
_software.dependencies 
_software.hardware 
_software.language 
_software.location 
_software.mods 
_software.name 
_software.os 
_software.os_version 
_software.type 
_software.version 
_software.pdbx_ordinal 
? refinement       ? ? ? ? ? ? ? ? ? ? ? PHENIX  ? ? ? '(1.20.1_4487: ???)' 1 
? 'data scaling'   ? ? ? ? ? ? ? ? ? ? ? Aimless ? ? ? .                    2 
? 'data reduction' ? ? ? ? ? ? ? ? ? ? ? XDS     ? ? ? .                    3 
? phasing          ? ? ? ? ? ? ? ? ? ? ? PHASER  ? ? ? .                    4 
# 
_cell.angle_alpha                  90.00 
_cell.angle_alpha_esd              ? 
_cell.angle_beta                   90.00 
_cell.angle_beta_esd               ? 
_cell.angle_gamma                  90.00 
_cell.angle_gamma_esd              ? 
_cell.entry_id                     8PRO 
_cell.details                      ? 
_cell.formula_units_Z              ? 
_cell.length_a                     54.848 
_cell.length_a_esd                 ? 
_cell.length_b                     54.848 
_cell.length_b_esd                 ? 
_cell.length_c                     118.430 
_cell.length_c_esd                 ? 
_cell.volume                       ? 
_cell.volume_esd                   ? 
_cell.Z_PDB                        16 
_cell.reciprocal_angle_alpha       ? 
_cell.reciprocal_angle_beta        ? 
_cell.reciprocal_angle_gamma       ? 
_cell.reciprocal_angle_alpha_esd   ? 
_cell.reciprocal_angle_beta_esd    ? 
_cell.reciprocal_angle_gamma_esd   ? 
_cell.reciprocal_length_a          ? 
_cell.reciprocal_length_b          ? 
_cell.reciprocal_length_c          ? 
_cell.reciprocal_length_a_esd      ? 
_cell.reciprocal_length_b_esd      ? 
_cell.reciprocal_length_c_esd      ? 
_cell.pdbx_unique_axis             ? 
_cell.pdbx_esd_method              ? 
# 
_symmetry.entry_id                         8PRO 
_symmetry.cell_setting                     ? 
_symmetry.Int_Tables_number                97 
_symmetry.space_group_name_Hall            ? 
_symmetry.space_group_name_H-M             'I 4 2 2' 
_symmetry.pdbx_full_space_group_name_H-M   ? 
# 
_exptl.absorpt_coefficient_mu     ? 
_exptl.absorpt_correction_T_max   ? 
_exptl.absorpt_correction_T_min   ? 
_exptl.absorpt_correction_type    ? 
_exptl.absorpt_process_details    ? 
_exptl.entry_id                   8PRO 
_exptl.crystals_number            1 
_exptl.details                    ? 
_exptl.method                     'X-RAY DIFFRACTION' 
_exptl.method_details             ? 
# 
_exptl_crystal.colour                       ? 
_exptl_crystal.density_diffrn               ? 
_exptl_crystal.density_Matthews             2.46 
_exptl_crystal.density_method               ? 
_exptl_crystal.density_percent_sol          50.00 
_exptl_crystal.description                  ? 
_exptl_crystal.F_000                        ? 
_exptl_crystal.id                           1 
_exptl_crystal.preparation                  ? 
_exptl_crystal.size_max                     ? 
_exptl_crystal.size_mid                     ? 
_exptl_crystal.size_min                     ? 
_exptl_crystal.size_rad                     ? 
_exptl_crystal.colour_lustre                ? 
_exptl_crystal.colour_modifier              ? 
_exptl_crystal.colour_primary               ? 
_exptl_crystal.density_meas                 ? 
_exptl_crystal.density_meas_esd             ? 
_exptl_crystal.density_meas_gt              ? 
_exptl_crystal.density_meas_lt              ? 
_exptl_crystal.density_meas_temp            ? 
_exptl_crystal.density_meas_temp_esd        ? 
_exptl_crystal.density_meas_temp_gt         ? 
_exptl_crystal.density_meas_temp_lt         ? 
_exptl_crystal.pdbx_crystal_image_url       ? 
_exptl_crystal.pdbx_crystal_image_format    ? 
_exptl_crystal.pdbx_mosaicity               ? 
_exptl_crystal.pdbx_mosaicity_esd           ? 
_exptl_crystal.pdbx_mosaic_method           ? 
_exptl_crystal.pdbx_mosaic_block_size       ? 
_exptl_crystal.pdbx_mosaic_block_size_esd   ? 
# 
_exptl_crystal_grow.apparatus       ? 
_exptl_crystal_grow.atmosphere      ? 
_exptl_crystal_grow.crystal_id      1 
_exptl_crystal_grow.details         ? 
_exptl_crystal_grow.method          'VAPOR DIFFUSION' 
_exptl_crystal_grow.method_ref      ? 
_exptl_crystal_grow.pH              4.6 
_exptl_crystal_grow.pressure        ? 
_exptl_crystal_grow.pressure_esd    ? 
_exptl_crystal_grow.seeding         ? 
_exptl_crystal_grow.seeding_ref     ? 
_exptl_crystal_grow.temp_details    ? 
_exptl_crystal_grow.temp_esd        ? 
_exptl_crystal_grow.time            ? 
_exptl_crystal_grow.pdbx_details    '0.1 M Sodium acetate pH 4.6, 15% (w/v) PEG 20000' 
_exptl_crystal_grow.pdbx_pH_range   ? 
_exptl_crystal_grow.temp            293.15 
# 
_diffrn.ambient_environment              ? 
_diffrn.ambient_temp                     100 
_diffrn.ambient_temp_details             ? 
_diffrn.ambient_temp_esd                 ? 
_diffrn.crystal_id                       1 
_diffrn.crystal_support                  ? 
_diffrn.crystal_treatment                ? 
_diffrn.details                          ? 
_diffrn.id                               1 
_diffrn.ambient_pressure                 ? 
_diffrn.ambient_pressure_esd             ? 
_diffrn.ambient_pressure_gt              ? 
_diffrn.ambient_pressure_lt              ? 
_diffrn.ambient_temp_gt                  ? 
_diffrn.ambient_temp_lt                  ? 
_diffrn.pdbx_serial_crystal_experiment   N 
# 
_diffrn_detector.details                      ? 
_diffrn_detector.detector                     PIXEL 
_diffrn_detector.diffrn_id                    1 
_diffrn_detector.type                         'DECTRIS PILATUS 6M' 
_diffrn_detector.area_resol_mean              ? 
_diffrn_detector.dtime                        ? 
_diffrn_detector.pdbx_frames_total            ? 
_diffrn_detector.pdbx_collection_time_total   ? 
_diffrn_detector.pdbx_collection_date         2020-11-28 
_diffrn_detector.pdbx_frequency               ? 
_diffrn_detector.id                           ? 
_diffrn_detector.number_of_axes               ? 
# 
_diffrn_radiation.collimation                      ? 
_diffrn_radiation.diffrn_id                        1 
_diffrn_radiation.filter_edge                      ? 
_diffrn_radiation.inhomogeneity                    ? 
_diffrn_radiation.monochromator                    ? 
_diffrn_radiation.polarisn_norm                    ? 
_diffrn_radiation.polarisn_ratio                   ? 
_diffrn_radiation.probe                            ? 
_diffrn_radiation.type                             ? 
_diffrn_radiation.xray_symbol                      ? 
_diffrn_radiation.wavelength_id                    1 
_diffrn_radiation.pdbx_monochromatic_or_laue_m_l   M 
_diffrn_radiation.pdbx_wavelength_list             ? 
_diffrn_radiation.pdbx_wavelength                  ? 
_diffrn_radiation.pdbx_diffrn_protocol             'SINGLE WAVELENGTH' 
_diffrn_radiation.pdbx_analyzer                    ? 
_diffrn_radiation.pdbx_scattering_type             x-ray 
# 
_diffrn_radiation_wavelength.id           1 
_diffrn_radiation_wavelength.wavelength   0.972423 
_diffrn_radiation_wavelength.wt           1.0 
# 
_diffrn_source.current                     ? 
_diffrn_source.details                     ? 
_diffrn_source.diffrn_id                   1 
_diffrn_source.power                       ? 
_diffrn_source.size                        ? 
_diffrn_source.source                      SYNCHROTRON 
_diffrn_source.target                      ? 
_diffrn_source.type                        'ESRF BEAMLINE ID23-1' 
_diffrn_source.voltage                     ? 
_diffrn_source.take-off_angle              ? 
_diffrn_source.pdbx_wavelength_list        0.972423 
_diffrn_source.pdbx_wavelength             ? 
_diffrn_source.pdbx_synchrotron_beamline   ID23-1 
_diffrn_source.pdbx_synchrotron_site       ESRF 
# 
_reflns.B_iso_Wilson_estimate                          ? 
_reflns.entry_id                                       8PRO 
_reflns.data_reduction_details                         ? 
_reflns.data_reduction_method                          ? 
_reflns.d_resolution_high                              1.70 
_reflns.d_resolution_low                               38.78 
_reflns.details                                        ? 
_reflns.limit_h_max                                    ? 
_reflns.limit_h_min                                    ? 
_reflns.limit_k_max                                    ? 
_reflns.limit_k_min                                    ? 
_reflns.limit_l_max                                    ? 
_reflns.limit_l_min                                    ? 
_reflns.number_all                                     ? 
_reflns.number_obs                                     18885 
_reflns.observed_criterion                             ? 
_reflns.observed_criterion_F_max                       ? 
_reflns.observed_criterion_F_min                       ? 
_reflns.observed_criterion_I_max                       ? 
_reflns.observed_criterion_I_min                       ? 
_reflns.observed_criterion_sigma_F                     ? 
_reflns.observed_criterion_sigma_I                     ? 
_reflns.percent_possible_obs                           99.9 
_reflns.R_free_details                                 ? 
_reflns.Rmerge_F_all                                   ? 
_reflns.Rmerge_F_obs                                   ? 
_reflns.Friedel_coverage                               ? 
_reflns.number_gt                                      ? 
_reflns.threshold_expression                           ? 
_reflns.pdbx_redundancy                                6.2 
_reflns.pdbx_netI_over_av_sigmaI                       ? 
_reflns.pdbx_netI_over_sigmaI                          11.7 
_reflns.pdbx_res_netI_over_av_sigmaI_2                 ? 
_reflns.pdbx_res_netI_over_sigmaI_2                    ? 
_reflns.pdbx_chi_squared                               0.96 
_reflns.pdbx_scaling_rejects                           ? 
_reflns.pdbx_d_res_high_opt                            ? 
_reflns.pdbx_d_res_low_opt                             ? 
_reflns.pdbx_d_res_opt_method                          ? 
_reflns.phase_calculation_details                      ? 
_reflns.pdbx_Rrim_I_all                                0.136 
_reflns.pdbx_Rpim_I_all                                0.054 
_reflns.pdbx_d_opt                                     ? 
_reflns.pdbx_number_measured_all                       ? 
_reflns.pdbx_diffrn_id                                 1 
_reflns.pdbx_ordinal                                   1 
_reflns.pdbx_CC_half                                   0.997 
_reflns.pdbx_CC_star                                   ? 
_reflns.pdbx_R_split                                   ? 
_reflns.pdbx_Rmerge_I_obs                              0.124 
_reflns.pdbx_Rmerge_I_all                              ? 
_reflns.pdbx_Rsym_value                                ? 
_reflns.pdbx_CC_split_method                           ? 
_reflns.pdbx_aniso_diffraction_limit_axis_1_ortho[1]   ? 
_reflns.pdbx_aniso_diffraction_limit_axis_1_ortho[2]   ? 
_reflns.pdbx_aniso_diffraction_limit_axis_1_ortho[3]   ? 
_reflns.pdbx_aniso_diffraction_limit_axis_2_ortho[1]   ? 
_reflns.pdbx_aniso_diffraction_limit_axis_2_ortho[2]   ? 
_reflns.pdbx_aniso_diffraction_limit_axis_2_ortho[3]   ? 
_reflns.pdbx_aniso_diffraction_limit_axis_3_ortho[1]   ? 
_reflns.pdbx_aniso_diffraction_limit_axis_3_ortho[2]   ? 
_reflns.pdbx_aniso_diffraction_limit_axis_3_ortho[3]   ? 
_reflns.pdbx_aniso_diffraction_limit_1                 ? 
_reflns.pdbx_aniso_diffraction_limit_2                 ? 
_reflns.pdbx_aniso_diffraction_limit_3                 ? 
_reflns.pdbx_aniso_B_tensor_eigenvector_1_ortho[1]     ? 
_reflns.pdbx_aniso_B_tensor_eigenvector_1_ortho[2]     ? 
_reflns.pdbx_aniso_B_tensor_eigenvector_1_ortho[3]     ? 
_reflns.pdbx_aniso_B_tensor_eigenvector_2_ortho[1]     ? 
_reflns.pdbx_aniso_B_tensor_eigenvector_2_ortho[2]     ? 
_reflns.pdbx_aniso_B_tensor_eigenvector_2_ortho[3]     ? 
_reflns.pdbx_aniso_B_tensor_eigenvector_3_ortho[1]     ? 
_reflns.pdbx_aniso_B_tensor_eigenvector_3_ortho[2]     ? 
_reflns.pdbx_aniso_B_tensor_eigenvector_3_ortho[3]     ? 
_reflns.pdbx_aniso_B_tensor_eigenvalue_1               ? 
_reflns.pdbx_aniso_B_tensor_eigenvalue_2               ? 
_reflns.pdbx_aniso_B_tensor_eigenvalue_3               ? 
_reflns.pdbx_orthogonalization_convention              ? 
_reflns.pdbx_percent_possible_ellipsoidal              ? 
_reflns.pdbx_percent_possible_spherical                ? 
_reflns.pdbx_percent_possible_ellipsoidal_anomalous    ? 
_reflns.pdbx_percent_possible_spherical_anomalous      ? 
_reflns.pdbx_redundancy_anomalous                      ? 
_reflns.pdbx_CC_half_anomalous                         ? 
_reflns.pdbx_absDiff_over_sigma_anomalous              ? 
_reflns.pdbx_percent_possible_anomalous                ? 
_reflns.pdbx_observed_signal_threshold                 ? 
_reflns.pdbx_signal_type                               ? 
_reflns.pdbx_signal_details                            ? 
_reflns.pdbx_signal_software_id                        ? 
# 
_reflns_shell.d_res_high                                    1.70 
_reflns_shell.d_res_low                                     1.73 
_reflns_shell.meanI_over_sigI_all                           ? 
_reflns_shell.meanI_over_sigI_obs                           ? 
_reflns_shell.number_measured_all                           3383 
_reflns_shell.number_measured_obs                           ? 
_reflns_shell.number_possible                               ? 
_reflns_shell.number_unique_all                             ? 
_reflns_shell.number_unique_obs                             525 
_reflns_shell.percent_possible_obs                          99.9 
_reflns_shell.Rmerge_F_all                                  ? 
_reflns_shell.Rmerge_F_obs                                  ? 
_reflns_shell.meanI_over_sigI_gt                            ? 
_reflns_shell.meanI_over_uI_all                             ? 
_reflns_shell.meanI_over_uI_gt                              ? 
_reflns_shell.number_measured_gt                            ? 
_reflns_shell.number_unique_gt                              ? 
_reflns_shell.percent_possible_gt                           ? 
_reflns_shell.Rmerge_F_gt                                   ? 
_reflns_shell.Rmerge_I_gt                                   ? 
_reflns_shell.pdbx_redundancy                               6.4 
_reflns_shell.pdbx_chi_squared                              0.96 
_reflns_shell.pdbx_netI_over_sigmaI_all                     ? 
_reflns_shell.pdbx_netI_over_sigmaI_obs                     3.6 
_reflns_shell.pdbx_Rrim_I_all                               0.878 
_reflns_shell.pdbx_Rpim_I_all                               0.345 
_reflns_shell.pdbx_rejects                                  ? 
_reflns_shell.pdbx_ordinal                                  1 
_reflns_shell.pdbx_diffrn_id                                1 
_reflns_shell.pdbx_CC_half                                  0.954 
_reflns_shell.pdbx_CC_star                                  ? 
_reflns_shell.pdbx_R_split                                  ? 
_reflns_shell.percent_possible_all                          ? 
_reflns_shell.Rmerge_I_all                                  ? 
_reflns_shell.Rmerge_I_obs                                  0.806 
_reflns_shell.pdbx_Rsym_value                               ? 
_reflns_shell.pdbx_percent_possible_ellipsoidal             ? 
_reflns_shell.pdbx_percent_possible_spherical               ? 
_reflns_shell.pdbx_percent_possible_ellipsoidal_anomalous   ? 
_reflns_shell.pdbx_percent_possible_spherical_anomalous     ? 
_reflns_shell.pdbx_redundancy_anomalous                     ? 
_reflns_shell.pdbx_CC_half_anomalous                        ? 
_reflns_shell.pdbx_absDiff_over_sigma_anomalous             ? 
_reflns_shell.pdbx_percent_possible_anomalous               ? 
# 
_refine.aniso_B[1][1]                            ? 
_refine.aniso_B[1][2]                            ? 
_refine.aniso_B[1][3]                            ? 
_refine.aniso_B[2][2]                            ? 
_refine.aniso_B[2][3]                            ? 
_refine.aniso_B[3][3]                            ? 
_refine.B_iso_max                                ? 
_refine.B_iso_mean                               ? 
_refine.B_iso_min                                ? 
_refine.correlation_coeff_Fo_to_Fc               ? 
_refine.correlation_coeff_Fo_to_Fc_free          ? 
_refine.details                                  ? 
_refine.diff_density_max                         ? 
_refine.diff_density_max_esd                     ? 
_refine.diff_density_min                         ? 
_refine.diff_density_min_esd                     ? 
_refine.diff_density_rms                         ? 
_refine.diff_density_rms_esd                     ? 
_refine.entry_id                                 8PRO 
_refine.pdbx_refine_id                           'X-RAY DIFFRACTION' 
_refine.ls_abs_structure_details                 ? 
_refine.ls_abs_structure_Flack                   ? 
_refine.ls_abs_structure_Flack_esd               ? 
_refine.ls_abs_structure_Rogers                  ? 
_refine.ls_abs_structure_Rogers_esd              ? 
_refine.ls_d_res_high                            1.70 
_refine.ls_d_res_low                             38.78 
_refine.ls_extinction_coef                       ? 
_refine.ls_extinction_coef_esd                   ? 
_refine.ls_extinction_expression                 ? 
_refine.ls_extinction_method                     ? 
_refine.ls_goodness_of_fit_all                   ? 
_refine.ls_goodness_of_fit_all_esd               ? 
_refine.ls_goodness_of_fit_obs                   ? 
_refine.ls_goodness_of_fit_obs_esd               ? 
_refine.ls_hydrogen_treatment                    ? 
_refine.ls_matrix_type                           ? 
_refine.ls_number_constraints                    ? 
_refine.ls_number_parameters                     ? 
_refine.ls_number_reflns_all                     ? 
_refine.ls_number_reflns_obs                     18885 
_refine.ls_number_reflns_R_free                  943 
_refine.ls_number_reflns_R_work                  ? 
_refine.ls_number_restraints                     ? 
_refine.ls_percent_reflns_obs                    99.21 
_refine.ls_percent_reflns_R_free                 4.99 
_refine.ls_R_factor_all                          ? 
_refine.ls_R_factor_obs                          0.1655 
_refine.ls_R_factor_R_free                       0.1820 
_refine.ls_R_factor_R_free_error                 ? 
_refine.ls_R_factor_R_free_error_details         ? 
_refine.ls_R_factor_R_work                       0.1647 
_refine.ls_R_Fsqd_factor_obs                     ? 
_refine.ls_R_I_factor_obs                        ? 
_refine.ls_redundancy_reflns_all                 ? 
_refine.ls_redundancy_reflns_obs                 ? 
_refine.ls_restrained_S_all                      ? 
_refine.ls_restrained_S_obs                      ? 
_refine.ls_shift_over_esd_max                    ? 
_refine.ls_shift_over_esd_mean                   ? 
_refine.ls_structure_factor_coef                 ? 
_refine.ls_weighting_details                     ? 
_refine.ls_weighting_scheme                      ? 
_refine.ls_wR_factor_all                         ? 
_refine.ls_wR_factor_obs                         ? 
_refine.ls_wR_factor_R_free                      ? 
_refine.ls_wR_factor_R_work                      ? 
_refine.occupancy_max                            ? 
_refine.occupancy_min                            ? 
_refine.solvent_model_details                    'FLAT BULK SOLVENT MODEL' 
_refine.solvent_model_param_bsol                 ? 
_refine.solvent_model_param_ksol                 ? 
_refine.pdbx_R_complete                          ? 
_refine.ls_R_factor_gt                           ? 
_refine.ls_goodness_of_fit_gt                    ? 
_refine.ls_goodness_of_fit_ref                   ? 
_refine.ls_shift_over_su_max                     ? 
_refine.ls_shift_over_su_max_lt                  ? 
_refine.ls_shift_over_su_mean                    ? 
_refine.ls_shift_over_su_mean_lt                 ? 
_refine.pdbx_ls_sigma_I                          ? 
_refine.pdbx_ls_sigma_F                          1.34 
_refine.pdbx_ls_sigma_Fsqd                       ? 
_refine.pdbx_data_cutoff_high_absF               ? 
_refine.pdbx_data_cutoff_high_rms_absF           ? 
_refine.pdbx_data_cutoff_low_absF                ? 
_refine.pdbx_isotropic_thermal_model             ? 
_refine.pdbx_ls_cross_valid_method               'FREE R-VALUE' 
_refine.pdbx_method_to_determine_struct          'MOLECULAR REPLACEMENT' 
_refine.pdbx_starting_model                      ? 
_refine.pdbx_stereochemistry_target_values       ML 
_refine.pdbx_R_Free_selection_details            ? 
_refine.pdbx_stereochem_target_val_spec_case     ? 
_refine.pdbx_overall_ESU_R                       ? 
_refine.pdbx_overall_ESU_R_Free                  ? 
_refine.pdbx_solvent_vdw_probe_radii             1.10 
_refine.pdbx_solvent_ion_probe_radii             ? 
_refine.pdbx_solvent_shrinkage_radii             0.90 
_refine.pdbx_real_space_R                        ? 
_refine.pdbx_density_correlation                 ? 
_refine.pdbx_pd_number_of_powder_patterns        ? 
_refine.pdbx_pd_number_of_points                 ? 
_refine.pdbx_pd_meas_number_of_points            ? 
_refine.pdbx_pd_proc_ls_prof_R_factor            ? 
_refine.pdbx_pd_proc_ls_prof_wR_factor           ? 
_refine.pdbx_pd_Marquardt_correlation_coeff      ? 
_refine.pdbx_pd_Fsqrd_R_factor                   ? 
_refine.pdbx_pd_ls_matrix_band_width             ? 
_refine.pdbx_overall_phase_error                 24.28 
_refine.pdbx_overall_SU_R_free_Cruickshank_DPI   ? 
_refine.pdbx_overall_SU_R_free_Blow_DPI          ? 
_refine.pdbx_overall_SU_R_Blow_DPI               ? 
_refine.pdbx_TLS_residual_ADP_flag               ? 
_refine.pdbx_diffrn_id                           1 
_refine.overall_SU_B                             ? 
_refine.overall_SU_ML                            0.16 
_refine.overall_SU_R_Cruickshank_DPI             ? 
_refine.overall_SU_R_free                        ? 
_refine.overall_FOM_free_R_set                   ? 
_refine.overall_FOM_work_R_set                   ? 
_refine.pdbx_average_fsc_overall                 ? 
_refine.pdbx_average_fsc_work                    ? 
_refine.pdbx_average_fsc_free                    ? 
# 
_refine_hist.pdbx_refine_id                   'X-RAY DIFFRACTION' 
_refine_hist.cycle_id                         LAST 
_refine_hist.details                          ? 
_refine_hist.d_res_high                       1.70 
_refine_hist.d_res_low                        38.78 
_refine_hist.number_atoms_solvent             44 
_refine_hist.number_atoms_total               896 
_refine_hist.number_reflns_all                ? 
_refine_hist.number_reflns_obs                ? 
_refine_hist.number_reflns_R_free             ? 
_refine_hist.number_reflns_R_work             ? 
_refine_hist.R_factor_all                     ? 
_refine_hist.R_factor_obs                     ? 
_refine_hist.R_factor_R_free                  ? 
_refine_hist.R_factor_R_work                  ? 
_refine_hist.pdbx_number_residues_total       ? 
_refine_hist.pdbx_B_iso_mean_ligand           ? 
_refine_hist.pdbx_B_iso_mean_solvent          ? 
_refine_hist.pdbx_number_atoms_protein        612 
_refine_hist.pdbx_number_atoms_nucleic_acid   0 
_refine_hist.pdbx_number_atoms_ligand         240 
_refine_hist.pdbx_number_atoms_lipid          ? 
_refine_hist.pdbx_number_atoms_carb           ? 
_refine_hist.pdbx_pseudo_atom_details         ? 
# 
loop_
_refine_ls_restr.pdbx_refine_id 
_refine_ls_restr.criterion 
_refine_ls_restr.dev_ideal 
_refine_ls_restr.dev_ideal_target 
_refine_ls_restr.number 
_refine_ls_restr.rejects 
_refine_ls_restr.type 
_refine_ls_restr.weight 
_refine_ls_restr.pdbx_restraint_function 
'X-RAY DIFFRACTION' ? 0.009 ? 1311 ? f_bond_d           ? ? 
'X-RAY DIFFRACTION' ? 1.513 ? 2758 ? f_angle_d          ? ? 
'X-RAY DIFFRACTION' ? 5.365 ? 605  ? f_dihedral_angle_d ? ? 
'X-RAY DIFFRACTION' ? 0.079 ? 122  ? f_chiral_restr     ? ? 
'X-RAY DIFFRACTION' ? 0.007 ? 122  ? f_plane_restr      ? ? 
# 
loop_
_refine_ls_shell.pdbx_refine_id 
_refine_ls_shell.d_res_high 
_refine_ls_shell.d_res_low 
_refine_ls_shell.number_reflns_all 
_refine_ls_shell.number_reflns_obs 
_refine_ls_shell.number_reflns_R_free 
_refine_ls_shell.number_reflns_R_work 
_refine_ls_shell.percent_reflns_obs 
_refine_ls_shell.percent_reflns_R_free 
_refine_ls_shell.R_factor_all 
_refine_ls_shell.R_factor_obs 
_refine_ls_shell.R_factor_R_free_error 
_refine_ls_shell.R_factor_R_work 
_refine_ls_shell.redundancy_reflns_all 
_refine_ls_shell.redundancy_reflns_obs 
_refine_ls_shell.wR_factor_all 
_refine_ls_shell.wR_factor_obs 
_refine_ls_shell.wR_factor_R_free 
_refine_ls_shell.wR_factor_R_work 
_refine_ls_shell.pdbx_R_complete 
_refine_ls_shell.pdbx_total_number_of_bins_used 
_refine_ls_shell.pdbx_phase_error 
_refine_ls_shell.pdbx_fsc_work 
_refine_ls_shell.pdbx_fsc_free 
_refine_ls_shell.R_factor_R_free 
'X-RAY DIFFRACTION' 1.70 1.79  . . 137 2556 99.00  . . . . 0.2378 . . . . . . . . . . . 0.2757 
'X-RAY DIFFRACTION' 1.79 1.90  . . 113 2582 99.00  . . . . 0.2112 . . . . . . . . . . . 0.2910 
'X-RAY DIFFRACTION' 1.90 2.05  . . 141 2552 99.00  . . . . 0.1896 . . . . . . . . . . . 0.2117 
'X-RAY DIFFRACTION' 2.05 2.25  . . 153 2544 100.00 . . . . 0.1808 . . . . . . . . . . . 0.1987 
'X-RAY DIFFRACTION' 2.25 2.58  . . 133 2569 100.00 . . . . 0.1638 . . . . . . . . . . . 0.1642 
'X-RAY DIFFRACTION' 2.58 3.25  . . 121 2588 99.00  . . . . 0.1478 . . . . . . . . . . . 0.1884 
'X-RAY DIFFRACTION' 3.25 38.78 . . 145 2551 99.00  . . . . 0.1444 . . . . . . . . . . . 0.1472 
# 
_struct.entry_id                     8PRO 
_struct.title                        'The structure of nvBagel2 binding the P8W48O184 polyoxometalate' 
_struct.pdbx_model_details           ? 
_struct.pdbx_formula_weight          ? 
_struct.pdbx_formula_weight_method   ? 
_struct.pdbx_model_type_details      ? 
_struct.pdbx_CASP_flag               N 
# 
_struct_keywords.entry_id        8PRO 
_struct_keywords.text            'Protein design, symmetric, assembly, self-assembly, beta-propeller, BIOSYNTHETIC PROTEIN' 
_struct_keywords.pdbx_keywords   'BIOSYNTHETIC PROTEIN' 
# 
loop_
_struct_asym.id 
_struct_asym.pdbx_blank_PDB_chainid_flag 
_struct_asym.pdbx_modified 
_struct_asym.entity_id 
_struct_asym.details 
A N N 1 ? 
B N N 2 ? 
C N N 3 ? 
# 
_struct_ref.id                         1 
_struct_ref.db_name                    UNP 
_struct_ref.db_code                    B5YBJ6_DICT6 
_struct_ref.pdbx_db_accession          B5YBJ6 
_struct_ref.pdbx_db_isoform            ? 
_struct_ref.entity_id                  1 
_struct_ref.pdbx_seq_one_letter_code   
;TGGSVHSSPAIGQDGTIYVGSDDHYLYAINPNGKLKWKFETGRPVHSSPAIGQDGTIYVGSMDHYLYAINPDGTLKWKFK

;
_struct_ref.pdbx_align_begin           154 
# 
_struct_ref_seq.align_id                      1 
_struct_ref_seq.ref_id                        1 
_struct_ref_seq.pdbx_PDB_id_code              8PRO 
_struct_ref_seq.pdbx_strand_id                A 
_struct_ref_seq.seq_align_beg                 1 
_struct_ref_seq.pdbx_seq_align_beg_ins_code   ? 
_struct_ref_seq.seq_align_end                 80 
_struct_ref_seq.pdbx_seq_align_end_ins_code   ? 
_struct_ref_seq.pdbx_db_accession             B5YBJ6 
_struct_ref_seq.db_align_beg                  154 
_struct_ref_seq.pdbx_db_align_beg_ins_code    ? 
_struct_ref_seq.db_align_end                  233 
_struct_ref_seq.pdbx_db_align_end_ins_code    ? 
_struct_ref_seq.pdbx_auth_seq_align_beg       1 
_struct_ref_seq.pdbx_auth_seq_align_end       80 
# 
loop_
_struct_ref_seq_dif.align_id 
_struct_ref_seq_dif.pdbx_pdb_id_code 
_struct_ref_seq_dif.mon_id 
_struct_ref_seq_dif.pdbx_pdb_strand_id 
_struct_ref_seq_dif.seq_num 
_struct_ref_seq_dif.pdbx_pdb_ins_code 
_struct_ref_seq_dif.pdbx_seq_db_name 
_struct_ref_seq_dif.pdbx_seq_db_accession_code 
_struct_ref_seq_dif.db_mon_id 
_struct_ref_seq_dif.pdbx_seq_db_seq_num 
_struct_ref_seq_dif.details 
_struct_ref_seq_dif.pdbx_auth_seq_num 
_struct_ref_seq_dif.pdbx_ordinal 
1 8PRO ASN A 22 ? UNP B5YBJ6 ASP 175 'engineered mutation' 22 1 
1 8PRO GLY A 43 ? UNP B5YBJ6 ARG 196 'engineered mutation' 43 2 
1 8PRO SER A 44 ? UNP B5YBJ6 PRO 197 'engineered mutation' 44 3 
1 8PRO ASN A 62 ? UNP B5YBJ6 MET 215 'engineered mutation' 62 4 
1 8PRO ASN A 72 ? UNP B5YBJ6 ASP 225 'engineered mutation' 72 5 
1 8PRO LYS A 74 ? UNP B5YBJ6 THR 227 'engineered mutation' 74 6 
1 8PRO GLU A 80 ? UNP B5YBJ6 LYS 233 'engineered mutation' 80 7 
# 
_pdbx_struct_assembly.id                   1 
_pdbx_struct_assembly.details              author_defined_assembly 
_pdbx_struct_assembly.method_details       ? 
_pdbx_struct_assembly.oligomeric_details   monomeric 
_pdbx_struct_assembly.oligomeric_count     1 
# 
loop_
_pdbx_struct_assembly_gen.assembly_id 
_pdbx_struct_assembly_gen.oper_expression 
_pdbx_struct_assembly_gen.asym_id_list 
1 1 A,B,C 
1 2 A,B,C 
1 3 A,B,C 
1 4 A,B,C 
# 
_pdbx_struct_assembly_auth_evidence.id                     1 
_pdbx_struct_assembly_auth_evidence.assembly_id            1 
_pdbx_struct_assembly_auth_evidence.experimental_support   none 
_pdbx_struct_assembly_auth_evidence.details                ? 
# 
loop_
_pdbx_struct_oper_list.id 
_pdbx_struct_oper_list.type 
_pdbx_struct_oper_list.name 
_pdbx_struct_oper_list.symmetry_operation 
_pdbx_struct_oper_list.matrix[1][1] 
_pdbx_struct_oper_list.matrix[1][2] 
_pdbx_struct_oper_list.matrix[1][3] 
_pdbx_struct_oper_list.vector[1] 
_pdbx_struct_oper_list.matrix[2][1] 
_pdbx_struct_oper_list.matrix[2][2] 
_pdbx_struct_oper_list.matrix[2][3] 
_pdbx_struct_oper_list.vector[2] 
_pdbx_struct_oper_list.matrix[3][1] 
_pdbx_struct_oper_list.matrix[3][2] 
_pdbx_struct_oper_list.matrix[3][3] 
_pdbx_struct_oper_list.vector[3] 
1 'identity operation'       1_555 x,y,z 1.0        0.0         0.0         0.0      0.0         1.0         0.0         0.0       0.0         0.0         1.0         0.0      
2 'point symmetry operation' ?     ?     0.77344890 0.30010559  -0.55831303 6.81119  -0.59207602 0.02755409  -0.80541092 -8.47985  -0.22632451 0.95350795  0.19899701  16.58356 
3 'point symmetry operation' ?     ?     0.77344890 -0.59207602 -0.22632451 -6.53556 0.30010559  0.02755409  0.95350795  -17.62298 -0.55831303 -0.80541092 0.19899701  -6.32707 
4 'point symmetry operation' ?     ?     0.54689780 -0.29197043 -0.78463754 0.27563  -0.29197043 -0.94489181 0.14809703  -26.10283 -0.78463754 0.14809703  -0.60200598 10.25649 
# 
loop_
_struct_conn.id 
_struct_conn.conn_type_id 
_struct_conn.pdbx_leaving_atom_flag 
_struct_conn.pdbx_PDB_id 
_struct_conn.ptnr1_label_asym_id 
_struct_conn.ptnr1_label_comp_id 
_struct_conn.ptnr1_label_seq_id 
_struct_conn.ptnr1_label_atom_id 
_struct_conn.pdbx_ptnr1_label_alt_id 
_struct_conn.pdbx_ptnr1_PDB_ins_code 
_struct_conn.pdbx_ptnr1_standard_comp_id 
_struct_conn.ptnr1_symmetry 
_struct_conn.ptnr2_label_asym_id 
_struct_conn.ptnr2_label_comp_id 
_struct_conn.ptnr2_label_seq_id 
_struct_conn.ptnr2_label_atom_id 
_struct_conn.pdbx_ptnr2_label_alt_id 
_struct_conn.pdbx_ptnr2_PDB_ins_code 
_struct_conn.ptnr1_auth_asym_id 
_struct_conn.ptnr1_auth_comp_id 
_struct_conn.ptnr1_auth_seq_id 
_struct_conn.ptnr2_auth_asym_id 
_struct_conn.ptnr2_auth_comp_id 
_struct_conn.ptnr2_auth_seq_id 
_struct_conn.ptnr2_symmetry 
_struct_conn.pdbx_ptnr3_label_atom_id 
_struct_conn.pdbx_ptnr3_label_seq_id 
_struct_conn.pdbx_ptnr3_label_comp_id 
_struct_conn.pdbx_ptnr3_label_asym_id 
_struct_conn.pdbx_ptnr3_label_alt_id 
_struct_conn.pdbx_ptnr3_PDB_ins_code 
_struct_conn.details 
_struct_conn.pdbx_dist_value 
_struct_conn.pdbx_value_order 
_struct_conn.pdbx_role 
metalc1  metalc ? ? A HIS 6  ND1 B ? ? 1_555 B IR0 . W12 B ? A HIS 6   A IR0 101 6_555 ? ? ? ? ? ? ? 3.143 ? ? 
metalc2  metalc ? ? A HIS 6  ND1 B ? ? 1_555 B IR0 . W16 B ? A HIS 6   A IR0 101 8_555 ? ? ? ? ? ? ? 3.269 ? ? 
metalc3  metalc ? ? A HIS 6  NE2 A ? ? 1_555 B IR0 . W4  A ? A HIS 6   A IR0 101 8_555 ? ? ? ? ? ? ? 2.917 ? ? 
metalc4  metalc ? ? A ASN 22 ND2 A ? ? 1_555 B IR0 . W43 A ? A ASN 22  A IR0 101 4_555 ? ? ? ? ? ? ? 3.044 ? ? 
metalc5  metalc ? ? A ASN 22 ND2 A ? ? 1_555 B IR0 . W38 A ? A ASN 22  A IR0 101 6_555 ? ? ? ? ? ? ? 3.078 ? ? 
metalc6  metalc ? ? A ASN 22 ND2 A ? ? 1_555 B IR0 . W34 A ? A ASN 22  A IR0 101 7_555 ? ? ? ? ? ? ? 2.791 ? ? 
metalc7  metalc ? ? A ASN 22 ND2 A ? ? 1_555 B IR0 . W4  A ? A ASN 22  A IR0 101 8_555 ? ? ? ? ? ? ? 3.230 ? ? 
metalc8  metalc ? ? A HIS 46 ND1 A ? ? 1_555 B IR0 . W16 A ? A HIS 46  A IR0 101 8_555 ? ? ? ? ? ? ? 2.982 ? ? 
metalc9  metalc ? ? A HIS 46 ND1 B ? ? 1_555 B IR0 . W4  B ? A HIS 46  A IR0 101 6_555 ? ? ? ? ? ? ? 2.894 ? ? 
metalc10 metalc ? ? A ASN 62 OD1 ? ? ? 1_555 B IR0 . W6  B ? A ASN 62  A IR0 101 7_555 ? ? ? ? ? ? ? 3.233 ? ? 
metalc11 metalc ? ? B IR0 .  W38 B ? ? 1_555 C HOH . O   ? ? A IR0 101 A HOH 201 1_555 ? ? ? ? ? ? ? 3.211 ? ? 
metalc12 metalc ? ? B IR0 .  W46 B ? ? 1_555 C HOH . O   ? ? A IR0 101 A HOH 201 1_555 ? ? ? ? ? ? ? 3.192 ? ? 
metalc13 metalc ? ? B IR0 .  W35 B ? ? 1_555 C HOH . O   ? ? A IR0 101 A HOH 201 4_555 ? ? ? ? ? ? ? 3.247 ? ? 
metalc14 metalc ? ? B IR0 .  W38 B ? ? 1_555 C HOH . O   ? ? A IR0 101 A HOH 201 8_555 ? ? ? ? ? ? ? 3.211 ? ? 
metalc15 metalc ? ? B IR0 .  W46 B ? ? 1_555 C HOH . O   ? ? A IR0 101 A HOH 201 8_555 ? ? ? ? ? ? ? 3.192 ? ? 
# 
_struct_conn_type.id          metalc 
_struct_conn_type.criteria    ? 
_struct_conn_type.reference   ? 
# 
loop_
_pdbx_struct_conn_angle.id 
_pdbx_struct_conn_angle.ptnr1_label_atom_id 
_pdbx_struct_conn_angle.ptnr1_label_alt_id 
_pdbx_struct_conn_angle.ptnr1_label_asym_id 
_pdbx_struct_conn_angle.ptnr1_label_comp_id 
_pdbx_struct_conn_angle.ptnr1_label_seq_id 
_pdbx_struct_conn_angle.ptnr1_auth_atom_id 
_pdbx_struct_conn_angle.ptnr1_auth_asym_id 
_pdbx_struct_conn_angle.ptnr1_auth_comp_id 
_pdbx_struct_conn_angle.ptnr1_auth_seq_id 
_pdbx_struct_conn_angle.ptnr1_PDB_ins_code 
_pdbx_struct_conn_angle.ptnr1_symmetry 
_pdbx_struct_conn_angle.ptnr2_label_atom_id 
_pdbx_struct_conn_angle.ptnr2_label_alt_id 
_pdbx_struct_conn_angle.ptnr2_label_asym_id 
_pdbx_struct_conn_angle.ptnr2_label_comp_id 
_pdbx_struct_conn_angle.ptnr2_label_seq_id 
_pdbx_struct_conn_angle.ptnr2_auth_atom_id 
_pdbx_struct_conn_angle.ptnr2_auth_asym_id 
_pdbx_struct_conn_angle.ptnr2_auth_comp_id 
_pdbx_struct_conn_angle.ptnr2_auth_seq_id 
_pdbx_struct_conn_angle.ptnr2_PDB_ins_code 
_pdbx_struct_conn_angle.ptnr2_symmetry 
_pdbx_struct_conn_angle.ptnr3_label_atom_id 
_pdbx_struct_conn_angle.ptnr3_label_alt_id 
_pdbx_struct_conn_angle.ptnr3_label_asym_id 
_pdbx_struct_conn_angle.ptnr3_label_comp_id 
_pdbx_struct_conn_angle.ptnr3_label_seq_id 
_pdbx_struct_conn_angle.ptnr3_auth_atom_id 
_pdbx_struct_conn_angle.ptnr3_auth_asym_id 
_pdbx_struct_conn_angle.ptnr3_auth_comp_id 
_pdbx_struct_conn_angle.ptnr3_auth_seq_id 
_pdbx_struct_conn_angle.ptnr3_PDB_ins_code 
_pdbx_struct_conn_angle.ptnr3_symmetry 
_pdbx_struct_conn_angle.value 
_pdbx_struct_conn_angle.value_esd 
1   ND1  B A HIS 6  ? A HIS 6   ? 1_555 W12 B B IR0 . ? A IR0 101 ? 6_555 O13  B B IR0 .  ? A IR0 101 ? 6_555 173.5 ? 
2   ND1  B A HIS 6  ? A HIS 6   ? 1_555 W12 B B IR0 . ? A IR0 101 ? 6_555 O53  B B IR0 .  ? A IR0 101 ? 6_555 103.6 ? 
3   O13  B B IR0 .  ? A IR0 101 ? 6_555 W12 B B IR0 . ? A IR0 101 ? 6_555 O53  B B IR0 .  ? A IR0 101 ? 6_555 80.4  ? 
4   ND1  B A HIS 6  ? A HIS 6   ? 1_555 W12 B B IR0 . ? A IR0 101 ? 6_555 O61  B B IR0 .  ? A IR0 101 ? 6_555 96.7  ? 
5   O13  B B IR0 .  ? A IR0 101 ? 6_555 W12 B B IR0 . ? A IR0 101 ? 6_555 O61  B B IR0 .  ? A IR0 101 ? 6_555 78.7  ? 
6   O53  B B IR0 .  ? A IR0 101 ? 6_555 W12 B B IR0 . ? A IR0 101 ? 6_555 O61  B B IR0 .  ? A IR0 101 ? 6_555 81.4  ? 
7   ND1  B A HIS 6  ? A HIS 6   ? 1_555 W12 B B IR0 . ? A IR0 101 ? 6_555 O85  B B IR0 .  ? A IR0 101 ? 6_555 94.9  ? 
8   O13  B B IR0 .  ? A IR0 101 ? 6_555 W12 B B IR0 . ? A IR0 101 ? 6_555 O85  B B IR0 .  ? A IR0 101 ? 6_555 80.2  ? 
9   O53  B B IR0 .  ? A IR0 101 ? 6_555 W12 B B IR0 . ? A IR0 101 ? 6_555 O85  B B IR0 .  ? A IR0 101 ? 6_555 158.5 ? 
10  O61  B B IR0 .  ? A IR0 101 ? 6_555 W12 B B IR0 . ? A IR0 101 ? 6_555 O85  B B IR0 .  ? A IR0 101 ? 6_555 85.8  ? 
11  ND1  B A HIS 6  ? A HIS 6   ? 1_555 W12 B B IR0 . ? A IR0 101 ? 6_555 O133 B B IR0 .  ? A IR0 101 ? 6_555 97.4  ? 
12  O13  B B IR0 .  ? A IR0 101 ? 6_555 W12 B B IR0 . ? A IR0 101 ? 6_555 O133 B B IR0 .  ? A IR0 101 ? 6_555 87.4  ? 
13  O53  B B IR0 .  ? A IR0 101 ? 6_555 W12 B B IR0 . ? A IR0 101 ? 6_555 O133 B B IR0 .  ? A IR0 101 ? 6_555 93.4  ? 
14  O61  B B IR0 .  ? A IR0 101 ? 6_555 W12 B B IR0 . ? A IR0 101 ? 6_555 O133 B B IR0 .  ? A IR0 101 ? 6_555 165.7 ? 
15  O85  B B IR0 .  ? A IR0 101 ? 6_555 W12 B B IR0 . ? A IR0 101 ? 6_555 O133 B B IR0 .  ? A IR0 101 ? 6_555 94.9  ? 
16  ND1  B A HIS 6  ? A HIS 6   ? 1_555 W12 B B IR0 . ? A IR0 101 ? 6_555 O149 B B IR0 .  ? A IR0 101 ? 6_555 3.8   ? 
17  O13  B B IR0 .  ? A IR0 101 ? 6_555 W12 B B IR0 . ? A IR0 101 ? 6_555 O149 B B IR0 .  ? A IR0 101 ? 6_555 171.9 ? 
18  O53  B B IR0 .  ? A IR0 101 ? 6_555 W12 B B IR0 . ? A IR0 101 ? 6_555 O149 B B IR0 .  ? A IR0 101 ? 6_555 101.0 ? 
19  O61  B B IR0 .  ? A IR0 101 ? 6_555 W12 B B IR0 . ? A IR0 101 ? 6_555 O149 B B IR0 .  ? A IR0 101 ? 6_555 93.6  ? 
20  O85  B B IR0 .  ? A IR0 101 ? 6_555 W12 B B IR0 . ? A IR0 101 ? 6_555 O149 B B IR0 .  ? A IR0 101 ? 6_555 96.9  ? 
21  O133 B B IR0 .  ? A IR0 101 ? 6_555 W12 B B IR0 . ? A IR0 101 ? 6_555 O149 B B IR0 .  ? A IR0 101 ? 6_555 100.5 ? 
22  ND1  B A HIS 6  ? A HIS 6   ? 1_555 W16 B B IR0 . ? A IR0 101 ? 8_555 O16  B B IR0 .  ? A IR0 101 ? 8_555 160.3 ? 
23  ND1  B A HIS 6  ? A HIS 6   ? 1_555 W16 B B IR0 . ? A IR0 101 ? 8_555 O54  B B IR0 .  ? A IR0 101 ? 8_555 87.0  ? 
24  O16  B B IR0 .  ? A IR0 101 ? 8_555 W16 B B IR0 . ? A IR0 101 ? 8_555 O54  B B IR0 .  ? A IR0 101 ? 8_555 78.2  ? 
25  ND1  B A HIS 6  ? A HIS 6   ? 1_555 W16 B B IR0 . ? A IR0 101 ? 8_555 O63  B B IR0 .  ? A IR0 101 ? 8_555 112.3 ? 
26  O16  B B IR0 .  ? A IR0 101 ? 8_555 W16 B B IR0 . ? A IR0 101 ? 8_555 O63  B B IR0 .  ? A IR0 101 ? 8_555 78.6  ? 
27  O54  B B IR0 .  ? A IR0 101 ? 8_555 W16 B B IR0 . ? A IR0 101 ? 8_555 O63  B B IR0 .  ? A IR0 101 ? 8_555 81.8  ? 
28  ND1  B A HIS 6  ? A HIS 6   ? 1_555 W16 B B IR0 . ? A IR0 101 ? 8_555 O87  B B IR0 .  ? A IR0 101 ? 8_555 115.8 ? 
29  O16  B B IR0 .  ? A IR0 101 ? 8_555 W16 B B IR0 . ? A IR0 101 ? 8_555 O87  B B IR0 .  ? A IR0 101 ? 8_555 79.7  ? 
30  O54  B B IR0 .  ? A IR0 101 ? 8_555 W16 B B IR0 . ? A IR0 101 ? 8_555 O87  B B IR0 .  ? A IR0 101 ? 8_555 157.3 ? 
31  O63  B B IR0 .  ? A IR0 101 ? 8_555 W16 B B IR0 . ? A IR0 101 ? 8_555 O87  B B IR0 .  ? A IR0 101 ? 8_555 88.7  ? 
32  ND1  B A HIS 6  ? A HIS 6   ? 1_555 W16 B B IR0 . ? A IR0 101 ? 8_555 O134 B B IR0 .  ? A IR0 101 ? 8_555 80.1  ? 
33  O16  B B IR0 .  ? A IR0 101 ? 8_555 W16 B B IR0 . ? A IR0 101 ? 8_555 O134 B B IR0 .  ? A IR0 101 ? 8_555 87.3  ? 
34  O54  B B IR0 .  ? A IR0 101 ? 8_555 W16 B B IR0 . ? A IR0 101 ? 8_555 O134 B B IR0 .  ? A IR0 101 ? 8_555 91.4  ? 
35  O63  B B IR0 .  ? A IR0 101 ? 8_555 W16 B B IR0 . ? A IR0 101 ? 8_555 O134 B B IR0 .  ? A IR0 101 ? 8_555 165.3 ? 
36  O87  B B IR0 .  ? A IR0 101 ? 8_555 W16 B B IR0 . ? A IR0 101 ? 8_555 O134 B B IR0 .  ? A IR0 101 ? 8_555 92.8  ? 
37  ND1  B A HIS 6  ? A HIS 6   ? 1_555 W16 B B IR0 . ? A IR0 101 ? 8_555 O151 B B IR0 .  ? A IR0 101 ? 8_555 24.8  ? 
38  O16  B B IR0 .  ? A IR0 101 ? 8_555 W16 B B IR0 . ? A IR0 101 ? 8_555 O151 B B IR0 .  ? A IR0 101 ? 8_555 173.7 ? 
39  O54  B B IR0 .  ? A IR0 101 ? 8_555 W16 B B IR0 . ? A IR0 101 ? 8_555 O151 B B IR0 .  ? A IR0 101 ? 8_555 102.5 ? 
40  O63  B B IR0 .  ? A IR0 101 ? 8_555 W16 B B IR0 . ? A IR0 101 ? 8_555 O151 B B IR0 .  ? A IR0 101 ? 8_555 95.2  ? 
41  O87  B B IR0 .  ? A IR0 101 ? 8_555 W16 B B IR0 . ? A IR0 101 ? 8_555 O151 B B IR0 .  ? A IR0 101 ? 8_555 98.9  ? 
42  O134 B B IR0 .  ? A IR0 101 ? 8_555 W16 B B IR0 . ? A IR0 101 ? 8_555 O151 B B IR0 .  ? A IR0 101 ? 8_555 99.0  ? 
43  NE2  A A HIS 6  ? A HIS 6   ? 1_555 W4  A B IR0 . ? A IR0 101 ? 8_555 O4   A B IR0 .  ? A IR0 101 ? 8_555 152.5 ? 
44  NE2  A A HIS 6  ? A HIS 6   ? 1_555 W4  A B IR0 . ? A IR0 101 ? 8_555 O37  A B IR0 .  ? A IR0 101 ? 8_555 109.2 ? 
45  O4   A B IR0 .  ? A IR0 101 ? 8_555 W4  A B IR0 . ? A IR0 101 ? 8_555 O37  A B IR0 .  ? A IR0 101 ? 8_555 82.4  ? 
46  NE2  A A HIS 6  ? A HIS 6   ? 1_555 W4  A B IR0 . ? A IR0 101 ? 8_555 O45  A B IR0 .  ? A IR0 101 ? 8_555 74.9  ? 
47  O4   A B IR0 .  ? A IR0 101 ? 8_555 W4  A B IR0 . ? A IR0 101 ? 8_555 O45  A B IR0 .  ? A IR0 101 ? 8_555 82.1  ? 
48  O37  A B IR0 .  ? A IR0 101 ? 8_555 W4  A B IR0 . ? A IR0 101 ? 8_555 O45  A B IR0 .  ? A IR0 101 ? 8_555 83.1  ? 
49  NE2  A A HIS 6  ? A HIS 6   ? 1_555 W4  A B IR0 . ? A IR0 101 ? 8_555 O85  A B IR0 .  ? A IR0 101 ? 8_555 82.1  ? 
50  O4   A B IR0 .  ? A IR0 101 ? 8_555 W4  A B IR0 . ? A IR0 101 ? 8_555 O85  A B IR0 .  ? A IR0 101 ? 8_555 82.5  ? 
51  O37  A B IR0 .  ? A IR0 101 ? 8_555 W4  A B IR0 . ? A IR0 101 ? 8_555 O85  A B IR0 .  ? A IR0 101 ? 8_555 163.6 ? 
52  O45  A B IR0 .  ? A IR0 101 ? 8_555 W4  A B IR0 . ? A IR0 101 ? 8_555 O85  A B IR0 .  ? A IR0 101 ? 8_555 88.8  ? 
53  NE2  A A HIS 6  ? A HIS 6   ? 1_555 W4  A B IR0 . ? A IR0 101 ? 8_555 O125 A B IR0 .  ? A IR0 101 ? 8_555 116.6 ? 
54  O4   A B IR0 .  ? A IR0 101 ? 8_555 W4  A B IR0 . ? A IR0 101 ? 8_555 O125 A B IR0 .  ? A IR0 101 ? 8_555 86.9  ? 
55  O37  A B IR0 .  ? A IR0 101 ? 8_555 W4  A B IR0 . ? A IR0 101 ? 8_555 O125 A B IR0 .  ? A IR0 101 ? 8_555 92.0  ? 
56  O45  A B IR0 .  ? A IR0 101 ? 8_555 W4  A B IR0 . ? A IR0 101 ? 8_555 O125 A B IR0 .  ? A IR0 101 ? 8_555 168.5 ? 
57  O85  A B IR0 .  ? A IR0 101 ? 8_555 W4  A B IR0 . ? A IR0 101 ? 8_555 O125 A B IR0 .  ? A IR0 101 ? 8_555 93.4  ? 
58  NE2  A A HIS 6  ? A HIS 6   ? 1_555 W4  A B IR0 . ? A IR0 101 ? 8_555 O141 A B IR0 .  ? A IR0 101 ? 8_555 15.3  ? 
59  O4   A B IR0 .  ? A IR0 101 ? 8_555 W4  A B IR0 . ? A IR0 101 ? 8_555 O141 A B IR0 .  ? A IR0 101 ? 8_555 167.4 ? 
60  O37  A B IR0 .  ? A IR0 101 ? 8_555 W4  A B IR0 . ? A IR0 101 ? 8_555 O141 A B IR0 .  ? A IR0 101 ? 8_555 101.1 ? 
61  O45  A B IR0 .  ? A IR0 101 ? 8_555 W4  A B IR0 . ? A IR0 101 ? 8_555 O141 A B IR0 .  ? A IR0 101 ? 8_555 86.2  ? 
62  O85  A B IR0 .  ? A IR0 101 ? 8_555 W4  A B IR0 . ? A IR0 101 ? 8_555 O141 A B IR0 .  ? A IR0 101 ? 8_555 92.5  ? 
63  O125 A B IR0 .  ? A IR0 101 ? 8_555 W4  A B IR0 . ? A IR0 101 ? 8_555 O141 A B IR0 .  ? A IR0 101 ? 8_555 105.0 ? 
64  NE2  A A HIS 6  ? A HIS 6   ? 1_555 W4  A B IR0 . ? A IR0 101 ? 8_555 ND2  A A ASN 22 ? A ASN 22  ? 1_555 54.6  ? 
65  O4   A B IR0 .  ? A IR0 101 ? 8_555 W4  A B IR0 . ? A IR0 101 ? 8_555 ND2  A A ASN 22 ? A ASN 22  ? 1_555 127.2 ? 
66  O37  A B IR0 .  ? A IR0 101 ? 8_555 W4  A B IR0 . ? A IR0 101 ? 8_555 ND2  A A ASN 22 ? A ASN 22  ? 1_555 55.1  ? 
67  O45  A B IR0 .  ? A IR0 101 ? 8_555 W4  A B IR0 . ? A IR0 101 ? 8_555 ND2  A A ASN 22 ? A ASN 22  ? 1_555 64.8  ? 
68  O85  A B IR0 .  ? A IR0 101 ? 8_555 W4  A B IR0 . ? A IR0 101 ? 8_555 ND2  A A ASN 22 ? A ASN 22  ? 1_555 132.9 ? 
69  O125 A B IR0 .  ? A IR0 101 ? 8_555 W4  A B IR0 . ? A IR0 101 ? 8_555 ND2  A A ASN 22 ? A ASN 22  ? 1_555 120.4 ? 
70  O141 A B IR0 .  ? A IR0 101 ? 8_555 W4  A B IR0 . ? A IR0 101 ? 8_555 ND2  A A ASN 22 ? A ASN 22  ? 1_555 50.0  ? 
71  ND2  A A ASN 22 ? A ASN 22  ? 1_555 W43 A B IR0 . ? A IR0 101 ? 4_555 O30  A B IR0 .  ? A IR0 101 ? 4_555 133.6 ? 
72  ND2  A A ASN 22 ? A ASN 22  ? 1_555 W43 A B IR0 . ? A IR0 101 ? 4_555 O58  A B IR0 .  ? A IR0 101 ? 4_555 61.0  ? 
73  O30  A B IR0 .  ? A IR0 101 ? 4_555 W43 A B IR0 . ? A IR0 101 ? 4_555 O58  A B IR0 .  ? A IR0 101 ? 4_555 86.5  ? 
74  ND2  A A ASN 22 ? A ASN 22  ? 1_555 W43 A B IR0 . ? A IR0 101 ? 4_555 O74  A B IR0 .  ? A IR0 101 ? 4_555 65.9  ? 
75  O30  A B IR0 .  ? A IR0 101 ? 4_555 W43 A B IR0 . ? A IR0 101 ? 4_555 O74  A B IR0 .  ? A IR0 101 ? 4_555 81.1  ? 
76  O58  A B IR0 .  ? A IR0 101 ? 4_555 W43 A B IR0 . ? A IR0 101 ? 4_555 O74  A B IR0 .  ? A IR0 101 ? 4_555 86.7  ? 
77  ND2  A A ASN 22 ? A ASN 22  ? 1_555 W43 A B IR0 . ? A IR0 101 ? 4_555 O98  A B IR0 .  ? A IR0 101 ? 4_555 127.0 ? 
78  O30  A B IR0 .  ? A IR0 101 ? 4_555 W43 A B IR0 . ? A IR0 101 ? 4_555 O98  A B IR0 .  ? A IR0 101 ? 4_555 84.8  ? 
79  O58  A B IR0 .  ? A IR0 101 ? 4_555 W43 A B IR0 . ? A IR0 101 ? 4_555 O98  A B IR0 .  ? A IR0 101 ? 4_555 94.8  ? 
80  O74  A B IR0 .  ? A IR0 101 ? 4_555 W43 A B IR0 . ? A IR0 101 ? 4_555 O98  A B IR0 .  ? A IR0 101 ? 4_555 165.7 ? 
81  ND2  A A ASN 22 ? A ASN 22  ? 1_555 W43 A B IR0 . ? A IR0 101 ? 4_555 O118 A B IR0 .  ? A IR0 101 ? 4_555 133.3 ? 
82  O30  A B IR0 .  ? A IR0 101 ? 4_555 W43 A B IR0 . ? A IR0 101 ? 4_555 O118 A B IR0 .  ? A IR0 101 ? 4_555 71.7  ? 
83  O58  A B IR0 .  ? A IR0 101 ? 4_555 W43 A B IR0 . ? A IR0 101 ? 4_555 O118 A B IR0 .  ? A IR0 101 ? 4_555 157.9 ? 
84  O74  A B IR0 .  ? A IR0 101 ? 4_555 W43 A B IR0 . ? A IR0 101 ? 4_555 O118 A B IR0 .  ? A IR0 101 ? 4_555 86.3  ? 
85  O98  A B IR0 .  ? A IR0 101 ? 4_555 W43 A B IR0 . ? A IR0 101 ? 4_555 O118 A B IR0 .  ? A IR0 101 ? 4_555 87.0  ? 
86  ND2  A A ASN 22 ? A ASN 22  ? 1_555 W43 A B IR0 . ? A IR0 101 ? 4_555 O178 A B IR0 .  ? A IR0 101 ? 4_555 50.3  ? 
87  O30  A B IR0 .  ? A IR0 101 ? 4_555 W43 A B IR0 . ? A IR0 101 ? 4_555 O178 A B IR0 .  ? A IR0 101 ? 4_555 169.5 ? 
88  O58  A B IR0 .  ? A IR0 101 ? 4_555 W43 A B IR0 . ? A IR0 101 ? 4_555 O178 A B IR0 .  ? A IR0 101 ? 4_555 102.6 ? 
89  O74  A B IR0 .  ? A IR0 101 ? 4_555 W43 A B IR0 . ? A IR0 101 ? 4_555 O178 A B IR0 .  ? A IR0 101 ? 4_555 94.0  ? 
90  O98  A B IR0 .  ? A IR0 101 ? 4_555 W43 A B IR0 . ? A IR0 101 ? 4_555 O178 A B IR0 .  ? A IR0 101 ? 4_555 99.5  ? 
91  O118 A B IR0 .  ? A IR0 101 ? 4_555 W43 A B IR0 . ? A IR0 101 ? 4_555 O178 A B IR0 .  ? A IR0 101 ? 4_555 98.8  ? 
92  ND2  A A ASN 22 ? A ASN 22  ? 1_555 W38 A B IR0 . ? A IR0 101 ? 6_555 O27  A B IR0 .  ? A IR0 101 ? 6_555 130.7 ? 
93  ND2  A A ASN 22 ? A ASN 22  ? 1_555 W38 A B IR0 . ? A IR0 101 ? 6_555 O48  A B IR0 .  ? A IR0 101 ? 6_555 48.5  ? 
94  O27  A B IR0 .  ? A IR0 101 ? 6_555 W38 A B IR0 . ? A IR0 101 ? 6_555 O48  A B IR0 .  ? A IR0 101 ? 6_555 87.3  ? 
95  ND2  A A ASN 22 ? A ASN 22  ? 1_555 W38 A B IR0 . ? A IR0 101 ? 6_555 O72  A B IR0 .  ? A IR0 101 ? 6_555 74.3  ? 
96  O27  A B IR0 .  ? A IR0 101 ? 6_555 W38 A B IR0 . ? A IR0 101 ? 6_555 O72  A B IR0 .  ? A IR0 101 ? 6_555 81.9  ? 
97  O48  A B IR0 .  ? A IR0 101 ? 6_555 W38 A B IR0 . ? A IR0 101 ? 6_555 O72  A B IR0 .  ? A IR0 101 ? 6_555 84.6  ? 
98  ND2  A A ASN 22 ? A ASN 22  ? 1_555 W38 A B IR0 . ? A IR0 101 ? 6_555 O104 A B IR0 .  ? A IR0 101 ? 6_555 115.2 ? 
99  O27  A B IR0 .  ? A IR0 101 ? 6_555 W38 A B IR0 . ? A IR0 101 ? 6_555 O104 A B IR0 .  ? A IR0 101 ? 6_555 84.2  ? 
100 O48  A B IR0 .  ? A IR0 101 ? 6_555 W38 A B IR0 . ? A IR0 101 ? 6_555 O104 A B IR0 .  ? A IR0 101 ? 6_555 94.2  ? 
101 O72  A B IR0 .  ? A IR0 101 ? 6_555 W38 A B IR0 . ? A IR0 101 ? 6_555 O104 A B IR0 .  ? A IR0 101 ? 6_555 166.0 ? 
102 ND2  A A ASN 22 ? A ASN 22  ? 1_555 W38 A B IR0 . ? A IR0 101 ? 6_555 O115 A B IR0 .  ? A IR0 101 ? 6_555 148.5 ? 
103 O27  A B IR0 .  ? A IR0 101 ? 6_555 W38 A B IR0 . ? A IR0 101 ? 6_555 O115 A B IR0 .  ? A IR0 101 ? 6_555 71.6  ? 
104 O48  A B IR0 .  ? A IR0 101 ? 6_555 W38 A B IR0 . ? A IR0 101 ? 6_555 O115 A B IR0 .  ? A IR0 101 ? 6_555 158.8 ? 
105 O72  A B IR0 .  ? A IR0 101 ? 6_555 W38 A B IR0 . ? A IR0 101 ? 6_555 O115 A B IR0 .  ? A IR0 101 ? 6_555 90.2  ? 
106 O104 A B IR0 .  ? A IR0 101 ? 6_555 W38 A B IR0 . ? A IR0 101 ? 6_555 O115 A B IR0 .  ? A IR0 101 ? 6_555 85.8  ? 
107 ND2  A A ASN 22 ? A ASN 22  ? 1_555 W38 A B IR0 . ? A IR0 101 ? 6_555 O176 A B IR0 .  ? A IR0 101 ? 6_555 56.0  ? 
108 O27  A B IR0 .  ? A IR0 101 ? 6_555 W38 A B IR0 . ? A IR0 101 ? 6_555 O176 A B IR0 .  ? A IR0 101 ? 6_555 171.1 ? 
109 O48  A B IR0 .  ? A IR0 101 ? 6_555 W38 A B IR0 . ? A IR0 101 ? 6_555 O176 A B IR0 .  ? A IR0 101 ? 6_555 101.0 ? 
110 O72  A B IR0 .  ? A IR0 101 ? 6_555 W38 A B IR0 . ? A IR0 101 ? 6_555 O176 A B IR0 .  ? A IR0 101 ? 6_555 95.7  ? 
111 O104 A B IR0 .  ? A IR0 101 ? 6_555 W38 A B IR0 . ? A IR0 101 ? 6_555 O176 A B IR0 .  ? A IR0 101 ? 6_555 98.2  ? 
112 O115 A B IR0 .  ? A IR0 101 ? 6_555 W38 A B IR0 . ? A IR0 101 ? 6_555 O176 A B IR0 .  ? A IR0 101 ? 6_555 99.9  ? 
113 ND2  A A ASN 22 ? A ASN 22  ? 1_555 W34 A B IR0 . ? A IR0 101 ? 7_555 O25  A B IR0 .  ? A IR0 101 ? 7_555 153.0 ? 
114 ND2  A A ASN 22 ? A ASN 22  ? 1_555 W34 A B IR0 . ? A IR0 101 ? 7_555 O46  A B IR0 .  ? A IR0 101 ? 7_555 79.0  ? 
115 O25  A B IR0 .  ? A IR0 101 ? 7_555 W34 A B IR0 . ? A IR0 101 ? 7_555 O46  A B IR0 .  ? A IR0 101 ? 7_555 84.7  ? 
116 ND2  A A ASN 22 ? A ASN 22  ? 1_555 W34 A B IR0 . ? A IR0 101 ? 7_555 O70  A B IR0 .  ? A IR0 101 ? 7_555 77.3  ? 
117 O25  A B IR0 .  ? A IR0 101 ? 7_555 W34 A B IR0 . ? A IR0 101 ? 7_555 O70  A B IR0 .  ? A IR0 101 ? 7_555 80.2  ? 
118 O46  A B IR0 .  ? A IR0 101 ? 7_555 W34 A B IR0 . ? A IR0 101 ? 7_555 O70  A B IR0 .  ? A IR0 101 ? 7_555 86.0  ? 
119 ND2  A A ASN 22 ? A ASN 22  ? 1_555 W34 A B IR0 . ? A IR0 101 ? 7_555 O102 A B IR0 .  ? A IR0 101 ? 7_555 116.7 ? 
120 O25  A B IR0 .  ? A IR0 101 ? 7_555 W34 A B IR0 . ? A IR0 101 ? 7_555 O102 A B IR0 .  ? A IR0 101 ? 7_555 85.4  ? 
121 O46  A B IR0 .  ? A IR0 101 ? 7_555 W34 A B IR0 . ? A IR0 101 ? 7_555 O102 A B IR0 .  ? A IR0 101 ? 7_555 93.4  ? 
122 O70  A B IR0 .  ? A IR0 101 ? 7_555 W34 A B IR0 . ? A IR0 101 ? 7_555 O102 A B IR0 .  ? A IR0 101 ? 7_555 165.6 ? 
123 ND2  A A ASN 22 ? A ASN 22  ? 1_555 W34 A B IR0 . ? A IR0 101 ? 7_555 O113 A B IR0 .  ? A IR0 101 ? 7_555 121.8 ? 
124 O25  A B IR0 .  ? A IR0 101 ? 7_555 W34 A B IR0 . ? A IR0 101 ? 7_555 O113 A B IR0 .  ? A IR0 101 ? 7_555 72.4  ? 
125 O46  A B IR0 .  ? A IR0 101 ? 7_555 W34 A B IR0 . ? A IR0 101 ? 7_555 O113 A B IR0 .  ? A IR0 101 ? 7_555 157.0 ? 
126 O70  A B IR0 .  ? A IR0 101 ? 7_555 W34 A B IR0 . ? A IR0 101 ? 7_555 O113 A B IR0 .  ? A IR0 101 ? 7_555 89.4  ? 
127 O102 A B IR0 .  ? A IR0 101 ? 7_555 W34 A B IR0 . ? A IR0 101 ? 7_555 O113 A B IR0 .  ? A IR0 101 ? 7_555 85.5  ? 
128 ND2  A A ASN 22 ? A ASN 22  ? 1_555 W34 A B IR0 . ? A IR0 101 ? 7_555 O174 A B IR0 .  ? A IR0 101 ? 7_555 21.1  ? 
129 O25  A B IR0 .  ? A IR0 101 ? 7_555 W34 A B IR0 . ? A IR0 101 ? 7_555 O174 A B IR0 .  ? A IR0 101 ? 7_555 171.1 ? 
130 O46  A B IR0 .  ? A IR0 101 ? 7_555 W34 A B IR0 . ? A IR0 101 ? 7_555 O174 A B IR0 .  ? A IR0 101 ? 7_555 95.8  ? 
131 O70  A B IR0 .  ? A IR0 101 ? 7_555 W34 A B IR0 . ? A IR0 101 ? 7_555 O174 A B IR0 .  ? A IR0 101 ? 7_555 91.0  ? 
132 O102 A B IR0 .  ? A IR0 101 ? 7_555 W34 A B IR0 . ? A IR0 101 ? 7_555 O174 A B IR0 .  ? A IR0 101 ? 7_555 103.4 ? 
133 O113 A B IR0 .  ? A IR0 101 ? 7_555 W34 A B IR0 . ? A IR0 101 ? 7_555 O174 A B IR0 .  ? A IR0 101 ? 7_555 106.7 ? 
134 ND1  A A HIS 46 ? A HIS 46  ? 1_555 W16 A B IR0 . ? A IR0 101 ? 8_555 O16  A B IR0 .  ? A IR0 101 ? 8_555 155.2 ? 
135 ND1  A A HIS 46 ? A HIS 46  ? 1_555 W16 A B IR0 . ? A IR0 101 ? 8_555 O54  A B IR0 .  ? A IR0 101 ? 8_555 77.6  ? 
136 O16  A B IR0 .  ? A IR0 101 ? 8_555 W16 A B IR0 . ? A IR0 101 ? 8_555 O54  A B IR0 .  ? A IR0 101 ? 8_555 78.9  ? 
137 ND1  A A HIS 46 ? A HIS 46  ? 1_555 W16 A B IR0 . ? A IR0 101 ? 8_555 O63  A B IR0 .  ? A IR0 101 ? 8_555 104.6 ? 
138 O16  A B IR0 .  ? A IR0 101 ? 8_555 W16 A B IR0 . ? A IR0 101 ? 8_555 O63  A B IR0 .  ? A IR0 101 ? 8_555 79.9  ? 
139 O54  A B IR0 .  ? A IR0 101 ? 8_555 W16 A B IR0 . ? A IR0 101 ? 8_555 O63  A B IR0 .  ? A IR0 101 ? 8_555 82.2  ? 
140 ND1  A A HIS 46 ? A HIS 46  ? 1_555 W16 A B IR0 . ? A IR0 101 ? 8_555 O87  A B IR0 .  ? A IR0 101 ? 8_555 118.7 ? 
141 O16  A B IR0 .  ? A IR0 101 ? 8_555 W16 A B IR0 . ? A IR0 101 ? 8_555 O87  A B IR0 .  ? A IR0 101 ? 8_555 86.0  ? 
142 O54  A B IR0 .  ? A IR0 101 ? 8_555 W16 A B IR0 . ? A IR0 101 ? 8_555 O87  A B IR0 .  ? A IR0 101 ? 8_555 158.8 ? 
143 O63  A B IR0 .  ? A IR0 101 ? 8_555 W16 A B IR0 . ? A IR0 101 ? 8_555 O87  A B IR0 .  ? A IR0 101 ? 8_555 80.6  ? 
144 ND1  A A HIS 46 ? A HIS 46  ? 1_555 W16 A B IR0 . ? A IR0 101 ? 8_555 O134 A B IR0 .  ? A IR0 101 ? 8_555 89.6  ? 
145 O16  A B IR0 .  ? A IR0 101 ? 8_555 W16 A B IR0 . ? A IR0 101 ? 8_555 O134 A B IR0 .  ? A IR0 101 ? 8_555 85.6  ? 
146 O54  A B IR0 .  ? A IR0 101 ? 8_555 W16 A B IR0 . ? A IR0 101 ? 8_555 O134 A B IR0 .  ? A IR0 101 ? 8_555 97.4  ? 
147 O63  A B IR0 .  ? A IR0 101 ? 8_555 W16 A B IR0 . ? A IR0 101 ? 8_555 O134 A B IR0 .  ? A IR0 101 ? 8_555 165.3 ? 
148 O87  A B IR0 .  ? A IR0 101 ? 8_555 W16 A B IR0 . ? A IR0 101 ? 8_555 O134 A B IR0 .  ? A IR0 101 ? 8_555 96.2  ? 
149 ND1  A A HIS 46 ? A HIS 46  ? 1_555 W16 A B IR0 . ? A IR0 101 ? 8_555 O151 A B IR0 .  ? A IR0 101 ? 8_555 14.1  ? 
150 O16  A B IR0 .  ? A IR0 101 ? 8_555 W16 A B IR0 . ? A IR0 101 ? 8_555 O151 A B IR0 .  ? A IR0 101 ? 8_555 167.0 ? 
151 O54  A B IR0 .  ? A IR0 101 ? 8_555 W16 A B IR0 . ? A IR0 101 ? 8_555 O151 A B IR0 .  ? A IR0 101 ? 8_555 88.1  ? 
152 O63  A B IR0 .  ? A IR0 101 ? 8_555 W16 A B IR0 . ? A IR0 101 ? 8_555 O151 A B IR0 .  ? A IR0 101 ? 8_555 97.0  ? 
153 O87  A B IR0 .  ? A IR0 101 ? 8_555 W16 A B IR0 . ? A IR0 101 ? 8_555 O151 A B IR0 .  ? A IR0 101 ? 8_555 106.1 ? 
154 O134 A B IR0 .  ? A IR0 101 ? 8_555 W16 A B IR0 . ? A IR0 101 ? 8_555 O151 A B IR0 .  ? A IR0 101 ? 8_555 97.6  ? 
155 ND1  B A HIS 46 ? A HIS 46  ? 1_555 W4  B B IR0 . ? A IR0 101 ? 6_555 O4   B B IR0 .  ? A IR0 101 ? 6_555 168.0 ? 
156 ND1  B A HIS 46 ? A HIS 46  ? 1_555 W4  B B IR0 . ? A IR0 101 ? 6_555 O37  B B IR0 .  ? A IR0 101 ? 6_555 108.2 ? 
157 O4   B B IR0 .  ? A IR0 101 ? 6_555 W4  B B IR0 . ? A IR0 101 ? 6_555 O37  B B IR0 .  ? A IR0 101 ? 6_555 83.7  ? 
158 ND1  B A HIS 46 ? A HIS 46  ? 1_555 W4  B B IR0 . ? A IR0 101 ? 6_555 O45  B B IR0 .  ? A IR0 101 ? 6_555 101.6 ? 
159 O4   B B IR0 .  ? A IR0 101 ? 6_555 W4  B B IR0 . ? A IR0 101 ? 6_555 O45  B B IR0 .  ? A IR0 101 ? 6_555 81.5  ? 
160 O37  B B IR0 .  ? A IR0 101 ? 6_555 W4  B B IR0 . ? A IR0 101 ? 6_555 O45  B B IR0 .  ? A IR0 101 ? 6_555 83.2  ? 
161 ND1  B A HIS 46 ? A HIS 46  ? 1_555 W4  B B IR0 . ? A IR0 101 ? 6_555 O85  B B IR0 .  ? A IR0 101 ? 6_555 80.0  ? 
162 O4   B B IR0 .  ? A IR0 101 ? 6_555 W4  B B IR0 . ? A IR0 101 ? 6_555 O85  B B IR0 .  ? A IR0 101 ? 6_555 88.7  ? 
163 O37  B B IR0 .  ? A IR0 101 ? 6_555 W4  B B IR0 . ? A IR0 101 ? 6_555 O85  B B IR0 .  ? A IR0 101 ? 6_555 167.4 ? 
164 O45  B B IR0 .  ? A IR0 101 ? 6_555 W4  B B IR0 . ? A IR0 101 ? 6_555 O85  B B IR0 .  ? A IR0 101 ? 6_555 85.8  ? 
165 ND1  B A HIS 46 ? A HIS 46  ? 1_555 W4  B B IR0 . ? A IR0 101 ? 6_555 O125 B B IR0 .  ? A IR0 101 ? 6_555 91.5  ? 
166 O4   B B IR0 .  ? A IR0 101 ? 6_555 W4  B B IR0 . ? A IR0 101 ? 6_555 O125 B B IR0 .  ? A IR0 101 ? 6_555 85.6  ? 
167 O37  B B IR0 .  ? A IR0 101 ? 6_555 W4  B B IR0 . ? A IR0 101 ? 6_555 O125 B B IR0 .  ? A IR0 101 ? 6_555 93.3  ? 
168 O45  B B IR0 .  ? A IR0 101 ? 6_555 W4  B B IR0 . ? A IR0 101 ? 6_555 O125 B B IR0 .  ? A IR0 101 ? 6_555 166.9 ? 
169 O85  B B IR0 .  ? A IR0 101 ? 6_555 W4  B B IR0 . ? A IR0 101 ? 6_555 O125 B B IR0 .  ? A IR0 101 ? 6_555 96.1  ? 
170 ND1  B A HIS 46 ? A HIS 46  ? 1_555 W4  B B IR0 . ? A IR0 101 ? 6_555 O141 B B IR0 .  ? A IR0 101 ? 6_555 15.3  ? 
171 O4   B B IR0 .  ? A IR0 101 ? 6_555 W4  B B IR0 . ? A IR0 101 ? 6_555 O141 B B IR0 .  ? A IR0 101 ? 6_555 173.1 ? 
172 O37  B B IR0 .  ? A IR0 101 ? 6_555 W4  B B IR0 . ? A IR0 101 ? 6_555 O141 B B IR0 .  ? A IR0 101 ? 6_555 95.6  ? 
173 O45  B B IR0 .  ? A IR0 101 ? 6_555 W4  B B IR0 . ? A IR0 101 ? 6_555 O141 B B IR0 .  ? A IR0 101 ? 6_555 91.6  ? 
174 O85  B B IR0 .  ? A IR0 101 ? 6_555 W4  B B IR0 . ? A IR0 101 ? 6_555 O141 B B IR0 .  ? A IR0 101 ? 6_555 90.8  ? 
175 O125 B B IR0 .  ? A IR0 101 ? 6_555 W4  B B IR0 . ? A IR0 101 ? 6_555 O141 B B IR0 .  ? A IR0 101 ? 6_555 101.3 ? 
176 OD1  ? A ASN 62 ? A ASN 62  ? 1_555 W6  B B IR0 . ? A IR0 101 ? 7_555 O40  A B IR0 .  ? A IR0 101 ? 7_555 99.7  ? 
177 OD1  ? A ASN 62 ? A ASN 62  ? 1_555 W6  B B IR0 . ? A IR0 101 ? 7_555 O48  A B IR0 .  ? A IR0 101 ? 7_555 86.0  ? 
178 O40  A B IR0 .  ? A IR0 101 ? 7_555 W6  B B IR0 . ? A IR0 101 ? 7_555 O48  A B IR0 .  ? A IR0 101 ? 7_555 16.5  ? 
179 OD1  ? A ASN 62 ? A ASN 62  ? 1_555 W6  B B IR0 . ? A IR0 101 ? 7_555 O6   A B IR0 .  ? A IR0 101 ? 7_555 111.2 ? 
180 O40  A B IR0 .  ? A IR0 101 ? 7_555 W6  B B IR0 . ? A IR0 101 ? 7_555 O6   A B IR0 .  ? A IR0 101 ? 7_555 16.4  ? 
181 O48  A B IR0 .  ? A IR0 101 ? 7_555 W6  B B IR0 . ? A IR0 101 ? 7_555 O6   A B IR0 .  ? A IR0 101 ? 7_555 25.4  ? 
182 OD1  ? A ASN 62 ? A ASN 62  ? 1_555 W6  B B IR0 . ? A IR0 101 ? 7_555 O88  A B IR0 .  ? A IR0 101 ? 7_555 95.9  ? 
183 O40  A B IR0 .  ? A IR0 101 ? 7_555 W6  B B IR0 . ? A IR0 101 ? 7_555 O88  A B IR0 .  ? A IR0 101 ? 7_555 5.5   ? 
184 O48  A B IR0 .  ? A IR0 101 ? 7_555 W6  B B IR0 . ? A IR0 101 ? 7_555 O88  A B IR0 .  ? A IR0 101 ? 7_555 16.4  ? 
185 O6   A B IR0 .  ? A IR0 101 ? 7_555 W6  B B IR0 . ? A IR0 101 ? 7_555 O88  A B IR0 .  ? A IR0 101 ? 7_555 21.8  ? 
186 OD1  ? A ASN 62 ? A ASN 62  ? 1_555 W6  B B IR0 . ? A IR0 101 ? 7_555 O128 A B IR0 .  ? A IR0 101 ? 7_555 112.0 ? 
187 O40  A B IR0 .  ? A IR0 101 ? 7_555 W6  B B IR0 . ? A IR0 101 ? 7_555 O128 A B IR0 .  ? A IR0 101 ? 7_555 18.1  ? 
188 O48  A B IR0 .  ? A IR0 101 ? 7_555 W6  B B IR0 . ? A IR0 101 ? 7_555 O128 A B IR0 .  ? A IR0 101 ? 7_555 34.3  ? 
189 O6   A B IR0 .  ? A IR0 101 ? 7_555 W6  B B IR0 . ? A IR0 101 ? 7_555 O128 A B IR0 .  ? A IR0 101 ? 7_555 24.1  ? 
190 O88  A B IR0 .  ? A IR0 101 ? 7_555 W6  B B IR0 . ? A IR0 101 ? 7_555 O128 A B IR0 .  ? A IR0 101 ? 7_555 18.7  ? 
191 OD1  ? A ASN 62 ? A ASN 62  ? 1_555 W6  B B IR0 . ? A IR0 101 ? 7_555 O144 A B IR0 .  ? A IR0 101 ? 7_555 88.7  ? 
192 O40  A B IR0 .  ? A IR0 101 ? 7_555 W6  B B IR0 . ? A IR0 101 ? 7_555 O144 A B IR0 .  ? A IR0 101 ? 7_555 18.0  ? 
193 O48  A B IR0 .  ? A IR0 101 ? 7_555 W6  B B IR0 . ? A IR0 101 ? 7_555 O144 A B IR0 .  ? A IR0 101 ? 7_555 23.5  ? 
194 O6   A B IR0 .  ? A IR0 101 ? 7_555 W6  B B IR0 . ? A IR0 101 ? 7_555 O144 A B IR0 .  ? A IR0 101 ? 7_555 34.2  ? 
195 O88  A B IR0 .  ? A IR0 101 ? 7_555 W6  B B IR0 . ? A IR0 101 ? 7_555 O144 A B IR0 .  ? A IR0 101 ? 7_555 12.6  ? 
196 O128 A B IR0 .  ? A IR0 101 ? 7_555 W6  B B IR0 . ? A IR0 101 ? 7_555 O144 A B IR0 .  ? A IR0 101 ? 7_555 23.4  ? 
197 O    ? C HOH .  ? A HOH 201 ? 1_555 W38 B B IR0 . ? A IR0 101 ? 1_555 O27  A B IR0 .  ? A IR0 101 ? 1_555 140.6 ? 
198 O    ? C HOH .  ? A HOH 201 ? 1_555 W38 B B IR0 . ? A IR0 101 ? 1_555 O48  A B IR0 .  ? A IR0 101 ? 1_555 160.0 ? 
199 O27  A B IR0 .  ? A IR0 101 ? 1_555 W38 B B IR0 . ? A IR0 101 ? 1_555 O48  A B IR0 .  ? A IR0 101 ? 1_555 19.6  ? 
200 O    ? C HOH .  ? A HOH 201 ? 1_555 W38 B B IR0 . ? A IR0 101 ? 1_555 O72  A B IR0 .  ? A IR0 101 ? 1_555 150.3 ? 
201 O27  A B IR0 .  ? A IR0 101 ? 1_555 W38 B B IR0 . ? A IR0 101 ? 1_555 O72  A B IR0 .  ? A IR0 101 ? 1_555 11.2  ? 
202 O48  A B IR0 .  ? A IR0 101 ? 1_555 W38 B B IR0 . ? A IR0 101 ? 1_555 O72  A B IR0 .  ? A IR0 101 ? 1_555 9.9   ? 
203 O    ? C HOH .  ? A HOH 201 ? 1_555 W38 B B IR0 . ? A IR0 101 ? 1_555 O104 A B IR0 .  ? A IR0 101 ? 1_555 146.2 ? 
204 O27  A B IR0 .  ? A IR0 101 ? 1_555 W38 B B IR0 . ? A IR0 101 ? 1_555 O104 A B IR0 .  ? A IR0 101 ? 1_555 18.7  ? 
205 O48  A B IR0 .  ? A IR0 101 ? 1_555 W38 B B IR0 . ? A IR0 101 ? 1_555 O104 A B IR0 .  ? A IR0 101 ? 1_555 17.6  ? 
206 O72  A B IR0 .  ? A IR0 101 ? 1_555 W38 B B IR0 . ? A IR0 101 ? 1_555 O104 A B IR0 .  ? A IR0 101 ? 1_555 11.5  ? 
207 O    ? C HOH .  ? A HOH 201 ? 1_555 W38 B B IR0 . ? A IR0 101 ? 1_555 O115 A B IR0 .  ? A IR0 101 ? 1_555 137.7 ? 
208 O27  A B IR0 .  ? A IR0 101 ? 1_555 W38 B B IR0 . ? A IR0 101 ? 1_555 O115 A B IR0 .  ? A IR0 101 ? 1_555 15.2  ? 
209 O48  A B IR0 .  ? A IR0 101 ? 1_555 W38 B B IR0 . ? A IR0 101 ? 1_555 O115 A B IR0 .  ? A IR0 101 ? 1_555 23.9  ? 
210 O72  A B IR0 .  ? A IR0 101 ? 1_555 W38 B B IR0 . ? A IR0 101 ? 1_555 O115 A B IR0 .  ? A IR0 101 ? 1_555 14.7  ? 
211 O104 A B IR0 .  ? A IR0 101 ? 1_555 W38 B B IR0 . ? A IR0 101 ? 1_555 O115 A B IR0 .  ? A IR0 101 ? 1_555 9.6   ? 
212 O    ? C HOH .  ? A HOH 201 ? 1_555 W38 B B IR0 . ? A IR0 101 ? 1_555 O176 A B IR0 .  ? A IR0 101 ? 1_555 151.7 ? 
213 O27  A B IR0 .  ? A IR0 101 ? 1_555 W38 B B IR0 . ? A IR0 101 ? 1_555 O176 A B IR0 .  ? A IR0 101 ? 1_555 24.8  ? 
214 O48  A B IR0 .  ? A IR0 101 ? 1_555 W38 B B IR0 . ? A IR0 101 ? 1_555 O176 A B IR0 .  ? A IR0 101 ? 1_555 16.4  ? 
215 O72  A B IR0 .  ? A IR0 101 ? 1_555 W38 B B IR0 . ? A IR0 101 ? 1_555 O176 A B IR0 .  ? A IR0 101 ? 1_555 15.0  ? 
216 O104 A B IR0 .  ? A IR0 101 ? 1_555 W38 B B IR0 . ? A IR0 101 ? 1_555 O176 A B IR0 .  ? A IR0 101 ? 1_555 7.8   ? 
217 O115 A B IR0 .  ? A IR0 101 ? 1_555 W38 B B IR0 . ? A IR0 101 ? 1_555 O176 A B IR0 .  ? A IR0 101 ? 1_555 17.4  ? 
218 O    ? C HOH .  ? A HOH 201 ? 1_555 W38 B B IR0 . ? A IR0 101 ? 1_555 O    ? C HOH .  ? A HOH 201 ? 8_555 0.0   ? 
219 O27  A B IR0 .  ? A IR0 101 ? 1_555 W38 B B IR0 . ? A IR0 101 ? 1_555 O    ? C HOH .  ? A HOH 201 ? 8_555 140.6 ? 
220 O48  A B IR0 .  ? A IR0 101 ? 1_555 W38 B B IR0 . ? A IR0 101 ? 1_555 O    ? C HOH .  ? A HOH 201 ? 8_555 160.0 ? 
221 O72  A B IR0 .  ? A IR0 101 ? 1_555 W38 B B IR0 . ? A IR0 101 ? 1_555 O    ? C HOH .  ? A HOH 201 ? 8_555 150.3 ? 
222 O104 A B IR0 .  ? A IR0 101 ? 1_555 W38 B B IR0 . ? A IR0 101 ? 1_555 O    ? C HOH .  ? A HOH 201 ? 8_555 146.2 ? 
223 O115 A B IR0 .  ? A IR0 101 ? 1_555 W38 B B IR0 . ? A IR0 101 ? 1_555 O    ? C HOH .  ? A HOH 201 ? 8_555 137.7 ? 
224 O176 A B IR0 .  ? A IR0 101 ? 1_555 W38 B B IR0 . ? A IR0 101 ? 1_555 O    ? C HOH .  ? A HOH 201 ? 8_555 151.7 ? 
225 O    ? C HOH .  ? A HOH 201 ? 1_555 W46 B B IR0 . ? A IR0 101 ? 1_555 O31  A B IR0 .  ? A IR0 101 ? 1_555 72.0  ? 
226 O    ? C HOH .  ? A HOH 201 ? 1_555 W46 B B IR0 . ? A IR0 101 ? 1_555 O64  A B IR0 .  ? A IR0 101 ? 1_555 80.1  ? 
227 O31  A B IR0 .  ? A IR0 101 ? 1_555 W46 B B IR0 . ? A IR0 101 ? 1_555 O64  A B IR0 .  ? A IR0 101 ? 1_555 19.5  ? 
228 O    ? C HOH .  ? A HOH 201 ? 1_555 W46 B B IR0 . ? A IR0 101 ? 1_555 O80  A B IR0 .  ? A IR0 101 ? 1_555 65.8  ? 
229 O31  A B IR0 .  ? A IR0 101 ? 1_555 W46 B B IR0 . ? A IR0 101 ? 1_555 O80  A B IR0 .  ? A IR0 101 ? 1_555 18.3  ? 
230 O64  A B IR0 .  ? A IR0 101 ? 1_555 W46 B B IR0 . ? A IR0 101 ? 1_555 O80  A B IR0 .  ? A IR0 101 ? 1_555 14.4  ? 
231 O    ? C HOH .  ? A HOH 201 ? 1_555 W46 B B IR0 . ? A IR0 101 ? 1_555 O104 A B IR0 .  ? A IR0 101 ? 1_555 70.6  ? 
232 O31  A B IR0 .  ? A IR0 101 ? 1_555 W46 B B IR0 . ? A IR0 101 ? 1_555 O104 A B IR0 .  ? A IR0 101 ? 1_555 11.4  ? 
233 O64  A B IR0 .  ? A IR0 101 ? 1_555 W46 B B IR0 . ? A IR0 101 ? 1_555 O104 A B IR0 .  ? A IR0 101 ? 1_555 11.4  ? 
234 O80  A B IR0 .  ? A IR0 101 ? 1_555 W46 B B IR0 . ? A IR0 101 ? 1_555 O104 A B IR0 .  ? A IR0 101 ? 1_555 7.7   ? 
235 O    ? C HOH .  ? A HOH 201 ? 1_555 W46 B B IR0 . ? A IR0 101 ? 1_555 O119 A B IR0 .  ? A IR0 101 ? 1_555 57.5  ? 
236 O31  A B IR0 .  ? A IR0 101 ? 1_555 W46 B B IR0 . ? A IR0 101 ? 1_555 O119 A B IR0 .  ? A IR0 101 ? 1_555 16.4  ? 
237 O64  A B IR0 .  ? A IR0 101 ? 1_555 W46 B B IR0 . ? A IR0 101 ? 1_555 O119 A B IR0 .  ? A IR0 101 ? 1_555 24.5  ? 
238 O80  A B IR0 .  ? A IR0 101 ? 1_555 W46 B B IR0 . ? A IR0 101 ? 1_555 O119 A B IR0 .  ? A IR0 101 ? 1_555 12.2  ? 
239 O104 A B IR0 .  ? A IR0 101 ? 1_555 W46 B B IR0 . ? A IR0 101 ? 1_555 O119 A B IR0 .  ? A IR0 101 ? 1_555 13.5  ? 
240 O    ? C HOH .  ? A HOH 201 ? 1_555 W46 B B IR0 . ? A IR0 101 ? 1_555 O184 A B IR0 .  ? A IR0 101 ? 1_555 64.8  ? 
241 O31  A B IR0 .  ? A IR0 101 ? 1_555 W46 B B IR0 . ? A IR0 101 ? 1_555 O184 A B IR0 .  ? A IR0 101 ? 1_555 26.1  ? 
242 O64  A B IR0 .  ? A IR0 101 ? 1_555 W46 B B IR0 . ? A IR0 101 ? 1_555 O184 A B IR0 .  ? A IR0 101 ? 1_555 17.4  ? 
243 O80  A B IR0 .  ? A IR0 101 ? 1_555 W46 B B IR0 . ? A IR0 101 ? 1_555 O184 A B IR0 .  ? A IR0 101 ? 1_555 7.8   ? 
244 O104 A B IR0 .  ? A IR0 101 ? 1_555 W46 B B IR0 . ? A IR0 101 ? 1_555 O184 A B IR0 .  ? A IR0 101 ? 1_555 15.0  ? 
245 O119 A B IR0 .  ? A IR0 101 ? 1_555 W46 B B IR0 . ? A IR0 101 ? 1_555 O184 A B IR0 .  ? A IR0 101 ? 1_555 17.9  ? 
246 O    ? C HOH .  ? A HOH 201 ? 1_555 W46 B B IR0 . ? A IR0 101 ? 1_555 O    ? C HOH .  ? A HOH 201 ? 8_555 0.0   ? 
247 O31  A B IR0 .  ? A IR0 101 ? 1_555 W46 B B IR0 . ? A IR0 101 ? 1_555 O    ? C HOH .  ? A HOH 201 ? 8_555 72.0  ? 
248 O64  A B IR0 .  ? A IR0 101 ? 1_555 W46 B B IR0 . ? A IR0 101 ? 1_555 O    ? C HOH .  ? A HOH 201 ? 8_555 80.1  ? 
249 O80  A B IR0 .  ? A IR0 101 ? 1_555 W46 B B IR0 . ? A IR0 101 ? 1_555 O    ? C HOH .  ? A HOH 201 ? 8_555 65.8  ? 
250 O104 A B IR0 .  ? A IR0 101 ? 1_555 W46 B B IR0 . ? A IR0 101 ? 1_555 O    ? C HOH .  ? A HOH 201 ? 8_555 70.6  ? 
251 O119 A B IR0 .  ? A IR0 101 ? 1_555 W46 B B IR0 . ? A IR0 101 ? 1_555 O    ? C HOH .  ? A HOH 201 ? 8_555 57.5  ? 
252 O184 A B IR0 .  ? A IR0 101 ? 1_555 W46 B B IR0 . ? A IR0 101 ? 1_555 O    ? C HOH .  ? A HOH 201 ? 8_555 64.8  ? 
253 O    ? C HOH .  ? A HOH 201 ? 4_555 W35 B B IR0 . ? A IR0 101 ? 1_555 O26  A B IR0 .  ? A IR0 101 ? 1_555 146.9 ? 
254 O    ? C HOH .  ? A HOH 201 ? 4_555 W35 B B IR0 . ? A IR0 101 ? 1_555 O42  A B IR0 .  ? A IR0 101 ? 1_555 158.0 ? 
255 O26  A B IR0 .  ? A IR0 101 ? 1_555 W35 B B IR0 . ? A IR0 101 ? 1_555 O42  A B IR0 .  ? A IR0 101 ? 1_555 21.8  ? 
256 O    ? C HOH .  ? A HOH 201 ? 4_555 W35 B B IR0 . ? A IR0 101 ? 1_555 O66  A B IR0 .  ? A IR0 101 ? 1_555 151.1 ? 
257 O26  A B IR0 .  ? A IR0 101 ? 1_555 W35 B B IR0 . ? A IR0 101 ? 1_555 O66  A B IR0 .  ? A IR0 101 ? 1_555 11.4  ? 
258 O42  A B IR0 .  ? A IR0 101 ? 1_555 W35 B B IR0 . ? A IR0 101 ? 1_555 O66  A B IR0 .  ? A IR0 101 ? 1_555 11.3  ? 
259 O    ? C HOH .  ? A HOH 201 ? 4_555 W35 B B IR0 . ? A IR0 101 ? 1_555 O98  A B IR0 .  ? A IR0 101 ? 1_555 138.7 ? 
260 O26  A B IR0 .  ? A IR0 101 ? 1_555 W35 B B IR0 . ? A IR0 101 ? 1_555 O98  A B IR0 .  ? A IR0 101 ? 1_555 21.9  ? 
261 O42  A B IR0 .  ? A IR0 101 ? 1_555 W35 B B IR0 . ? A IR0 101 ? 1_555 O98  A B IR0 .  ? A IR0 101 ? 1_555 19.7  ? 
262 O66  A B IR0 .  ? A IR0 101 ? 1_555 W35 B B IR0 . ? A IR0 101 ? 1_555 O98  A B IR0 .  ? A IR0 101 ? 1_555 14.5  ? 
263 O    ? C HOH .  ? A HOH 201 ? 4_555 W35 B B IR0 . ? A IR0 101 ? 1_555 O114 A B IR0 .  ? A IR0 101 ? 1_555 135.2 ? 
264 O26  A B IR0 .  ? A IR0 101 ? 1_555 W35 B B IR0 . ? A IR0 101 ? 1_555 O114 A B IR0 .  ? A IR0 101 ? 1_555 16.3  ? 
265 O42  A B IR0 .  ? A IR0 101 ? 1_555 W35 B B IR0 . ? A IR0 101 ? 1_555 O114 A B IR0 .  ? A IR0 101 ? 1_555 26.0  ? 
266 O66  A B IR0 .  ? A IR0 101 ? 1_555 W35 B B IR0 . ? A IR0 101 ? 1_555 O114 A B IR0 .  ? A IR0 101 ? 1_555 16.0  ? 
267 O98  A B IR0 .  ? A IR0 101 ? 1_555 W35 B B IR0 . ? A IR0 101 ? 1_555 O114 A B IR0 .  ? A IR0 101 ? 1_555 11.4  ? 
268 O    ? C HOH .  ? A HOH 201 ? 4_555 W35 B B IR0 . ? A IR0 101 ? 1_555 O170 A B IR0 .  ? A IR0 101 ? 1_555 140.9 ? 
269 O26  A B IR0 .  ? A IR0 101 ? 1_555 W35 B B IR0 . ? A IR0 101 ? 1_555 O170 A B IR0 .  ? A IR0 101 ? 1_555 26.4  ? 
270 O42  A B IR0 .  ? A IR0 101 ? 1_555 W35 B B IR0 . ? A IR0 101 ? 1_555 O170 A B IR0 .  ? A IR0 101 ? 1_555 17.1  ? 
271 O66  A B IR0 .  ? A IR0 101 ? 1_555 W35 B B IR0 . ? A IR0 101 ? 1_555 O170 A B IR0 .  ? A IR0 101 ? 1_555 16.5  ? 
272 O98  A B IR0 .  ? A IR0 101 ? 1_555 W35 B B IR0 . ? A IR0 101 ? 1_555 O170 A B IR0 .  ? A IR0 101 ? 1_555 7.1   ? 
273 O114 A B IR0 .  ? A IR0 101 ? 1_555 W35 B B IR0 . ? A IR0 101 ? 1_555 O170 A B IR0 .  ? A IR0 101 ? 1_555 18.4  ? 
# 
loop_
_struct_sheet.id 
_struct_sheet.type 
_struct_sheet.number_strands 
_struct_sheet.details 
AA1 ? 4 ? 
AA2 ? 4 ? 
# 
loop_
_struct_sheet_order.sheet_id 
_struct_sheet_order.range_id_1 
_struct_sheet_order.range_id_2 
_struct_sheet_order.offset 
_struct_sheet_order.sense 
AA1 1 2 ? anti-parallel 
AA1 2 3 ? anti-parallel 
AA1 3 4 ? anti-parallel 
AA2 1 2 ? anti-parallel 
AA2 2 3 ? anti-parallel 
AA2 3 4 ? anti-parallel 
# 
loop_
_struct_sheet_range.sheet_id 
_struct_sheet_range.id 
_struct_sheet_range.beg_label_comp_id 
_struct_sheet_range.beg_label_asym_id 
_struct_sheet_range.beg_label_seq_id 
_struct_sheet_range.pdbx_beg_PDB_ins_code 
_struct_sheet_range.end_label_comp_id 
_struct_sheet_range.end_label_asym_id 
_struct_sheet_range.end_label_seq_id 
_struct_sheet_range.pdbx_end_PDB_ins_code 
_struct_sheet_range.beg_auth_comp_id 
_struct_sheet_range.beg_auth_asym_id 
_struct_sheet_range.beg_auth_seq_id 
_struct_sheet_range.end_auth_comp_id 
_struct_sheet_range.end_auth_asym_id 
_struct_sheet_range.end_auth_seq_id 
AA1 1 ALA A 10 ? ILE A 11 ? ALA A 10 ILE A 11 
AA1 2 ILE A 17 ? GLY A 20 ? ILE A 17 GLY A 20 
AA1 3 TYR A 25 ? ILE A 29 ? TYR A 25 ILE A 29 
AA1 4 LEU A 35 ? GLU A 40 ? LEU A 35 GLU A 40 
AA2 1 ALA A 50 ? ILE A 51 ? ALA A 50 ILE A 51 
AA2 2 ILE A 57 ? GLY A 60 ? ILE A 57 GLY A 60 
AA2 3 LEU A 66 ? ILE A 69 ? LEU A 66 ILE A 69 
AA2 4 LEU A 75 ? PHE A 79 ? LEU A 75 PHE A 79 
# 
loop_
_pdbx_struct_sheet_hbond.sheet_id 
_pdbx_struct_sheet_hbond.range_id_1 
_pdbx_struct_sheet_hbond.range_id_2 
_pdbx_struct_sheet_hbond.range_1_label_atom_id 
_pdbx_struct_sheet_hbond.range_1_label_comp_id 
_pdbx_struct_sheet_hbond.range_1_label_asym_id 
_pdbx_struct_sheet_hbond.range_1_label_seq_id 
_pdbx_struct_sheet_hbond.range_1_PDB_ins_code 
_pdbx_struct_sheet_hbond.range_1_auth_atom_id 
_pdbx_struct_sheet_hbond.range_1_auth_comp_id 
_pdbx_struct_sheet_hbond.range_1_auth_asym_id 
_pdbx_struct_sheet_hbond.range_1_auth_seq_id 
_pdbx_struct_sheet_hbond.range_2_label_atom_id 
_pdbx_struct_sheet_hbond.range_2_label_comp_id 
_pdbx_struct_sheet_hbond.range_2_label_asym_id 
_pdbx_struct_sheet_hbond.range_2_label_seq_id 
_pdbx_struct_sheet_hbond.range_2_PDB_ins_code 
_pdbx_struct_sheet_hbond.range_2_auth_atom_id 
_pdbx_struct_sheet_hbond.range_2_auth_comp_id 
_pdbx_struct_sheet_hbond.range_2_auth_asym_id 
_pdbx_struct_sheet_hbond.range_2_auth_seq_id 
AA1 1 2 N ALA A 10 ? N ALA A 10 O TYR A 18 ? O TYR A 18 
AA1 2 3 N ILE A 17 ? N ILE A 17 O ILE A 29 ? O ILE A 29 
AA1 3 4 N ALA A 28 ? N ALA A 28 O LYS A 36 ? O LYS A 36 
AA2 1 2 N ALA A 50 ? N ALA A 50 O TYR A 58 ? O TYR A 58 
AA2 2 3 N VAL A 59 ? N VAL A 59 O TYR A 67 ? O TYR A 67 
AA2 3 4 N ALA A 68 ? N ALA A 68 O LYS A 76 ? O LYS A 76 
# 
loop_
_pdbx_validate_symm_contact.id 
_pdbx_validate_symm_contact.PDB_model_num 
_pdbx_validate_symm_contact.auth_atom_id_1 
_pdbx_validate_symm_contact.auth_asym_id_1 
_pdbx_validate_symm_contact.auth_comp_id_1 
_pdbx_validate_symm_contact.auth_seq_id_1 
_pdbx_validate_symm_contact.PDB_ins_code_1 
_pdbx_validate_symm_contact.label_alt_id_1 
_pdbx_validate_symm_contact.site_symmetry_1 
_pdbx_validate_symm_contact.auth_atom_id_2 
_pdbx_validate_symm_contact.auth_asym_id_2 
_pdbx_validate_symm_contact.auth_comp_id_2 
_pdbx_validate_symm_contact.auth_seq_id_2 
_pdbx_validate_symm_contact.PDB_ins_code_2 
_pdbx_validate_symm_contact.label_alt_id_2 
_pdbx_validate_symm_contact.site_symmetry_2 
_pdbx_validate_symm_contact.dist 
1 1 OD1 A ASN 62 ? ? 1_555 O144 A IR0 101 ? B 7_555 2.14 
2 1 N   A THR 1  ? ? 1_555 O    A HIS 64  ? ? 4_555 2.17 
# 
loop_
_pdbx_validate_torsion.id 
_pdbx_validate_torsion.PDB_model_num 
_pdbx_validate_torsion.auth_comp_id 
_pdbx_validate_torsion.auth_asym_id 
_pdbx_validate_torsion.auth_seq_id 
_pdbx_validate_torsion.PDB_ins_code 
_pdbx_validate_torsion.label_alt_id 
_pdbx_validate_torsion.phi 
_pdbx_validate_torsion.psi 
1 1 HIS A 24 ? ? 86.71 1.21 
2 1 HIS A 64 ? ? 85.99 6.00 
# 
_pdbx_struct_special_symmetry.id              1 
_pdbx_struct_special_symmetry.PDB_model_num   1 
_pdbx_struct_special_symmetry.auth_asym_id    A 
_pdbx_struct_special_symmetry.auth_comp_id    HOH 
_pdbx_struct_special_symmetry.auth_seq_id     201 
_pdbx_struct_special_symmetry.PDB_ins_code    ? 
_pdbx_struct_special_symmetry.label_asym_id   C 
_pdbx_struct_special_symmetry.label_comp_id   HOH 
_pdbx_struct_special_symmetry.label_seq_id    . 
# 
_pdbx_entry_details.entry_id                   8PRO 
_pdbx_entry_details.nonpolymer_details         ? 
_pdbx_entry_details.sequence_details           ? 
_pdbx_entry_details.compound_details           ? 
_pdbx_entry_details.source_details             ? 
_pdbx_entry_details.has_ligand_of_interest     Y 
_pdbx_entry_details.has_protein_modification   ? 
# 
loop_
_chem_comp_atom.comp_id 
_chem_comp_atom.atom_id 
_chem_comp_atom.type_symbol 
_chem_comp_atom.pdbx_aromatic_flag 
_chem_comp_atom.pdbx_stereo_config 
_chem_comp_atom.pdbx_ordinal 
ALA N    N N N 1   
ALA CA   C N S 2   
ALA C    C N N 3   
ALA O    O N N 4   
ALA CB   C N N 5   
ALA OXT  O N N 6   
ALA H    H N N 7   
ALA H2   H N N 8   
ALA HA   H N N 9   
ALA HB1  H N N 10  
ALA HB2  H N N 11  
ALA HB3  H N N 12  
ALA HXT  H N N 13  
ARG N    N N N 14  
ARG CA   C N S 15  
ARG C    C N N 16  
ARG O    O N N 17  
ARG CB   C N N 18  
ARG CG   C N N 19  
ARG CD   C N N 20  
ARG NE   N N N 21  
ARG CZ   C N N 22  
ARG NH1  N N N 23  
ARG NH2  N N N 24  
ARG OXT  O N N 25  
ARG H    H N N 26  
ARG H2   H N N 27  
ARG HA   H N N 28  
ARG HB2  H N N 29  
ARG HB3  H N N 30  
ARG HG2  H N N 31  
ARG HG3  H N N 32  
ARG HD2  H N N 33  
ARG HD3  H N N 34  
ARG HE   H N N 35  
ARG HH11 H N N 36  
ARG HH12 H N N 37  
ARG HH21 H N N 38  
ARG HH22 H N N 39  
ARG HXT  H N N 40  
ASN N    N N N 41  
ASN CA   C N S 42  
ASN C    C N N 43  
ASN O    O N N 44  
ASN CB   C N N 45  
ASN CG   C N N 46  
ASN OD1  O N N 47  
ASN ND2  N N N 48  
ASN OXT  O N N 49  
ASN H    H N N 50  
ASN H2   H N N 51  
ASN HA   H N N 52  
ASN HB2  H N N 53  
ASN HB3  H N N 54  
ASN HD21 H N N 55  
ASN HD22 H N N 56  
ASN HXT  H N N 57  
ASP N    N N N 58  
ASP CA   C N S 59  
ASP C    C N N 60  
ASP O    O N N 61  
ASP CB   C N N 62  
ASP CG   C N N 63  
ASP OD1  O N N 64  
ASP OD2  O N N 65  
ASP OXT  O N N 66  
ASP H    H N N 67  
ASP H2   H N N 68  
ASP HA   H N N 69  
ASP HB2  H N N 70  
ASP HB3  H N N 71  
ASP HD2  H N N 72  
ASP HXT  H N N 73  
GLN N    N N N 74  
GLN CA   C N S 75  
GLN C    C N N 76  
GLN O    O N N 77  
GLN CB   C N N 78  
GLN CG   C N N 79  
GLN CD   C N N 80  
GLN OE1  O N N 81  
GLN NE2  N N N 82  
GLN OXT  O N N 83  
GLN H    H N N 84  
GLN H2   H N N 85  
GLN HA   H N N 86  
GLN HB2  H N N 87  
GLN HB3  H N N 88  
GLN HG2  H N N 89  
GLN HG3  H N N 90  
GLN HE21 H N N 91  
GLN HE22 H N N 92  
GLN HXT  H N N 93  
GLU N    N N N 94  
GLU CA   C N S 95  
GLU C    C N N 96  
GLU O    O N N 97  
GLU CB   C N N 98  
GLU CG   C N N 99  
GLU CD   C N N 100 
GLU OE1  O N N 101 
GLU OE2  O N N 102 
GLU OXT  O N N 103 
GLU H    H N N 104 
GLU H2   H N N 105 
GLU HA   H N N 106 
GLU HB2  H N N 107 
GLU HB3  H N N 108 
GLU HG2  H N N 109 
GLU HG3  H N N 110 
GLU HE2  H N N 111 
GLU HXT  H N N 112 
GLY N    N N N 113 
GLY CA   C N N 114 
GLY C    C N N 115 
GLY O    O N N 116 
GLY OXT  O N N 117 
GLY H    H N N 118 
GLY H2   H N N 119 
GLY HA2  H N N 120 
GLY HA3  H N N 121 
GLY HXT  H N N 122 
HIS N    N N N 123 
HIS CA   C N S 124 
HIS C    C N N 125 
HIS O    O N N 126 
HIS CB   C N N 127 
HIS CG   C Y N 128 
HIS ND1  N Y N 129 
HIS CD2  C Y N 130 
HIS CE1  C Y N 131 
HIS NE2  N Y N 132 
HIS OXT  O N N 133 
HIS H    H N N 134 
HIS H2   H N N 135 
HIS HA   H N N 136 
HIS HB2  H N N 137 
HIS HB3  H N N 138 
HIS HD1  H N N 139 
HIS HD2  H N N 140 
HIS HE1  H N N 141 
HIS HE2  H N N 142 
HIS HXT  H N N 143 
HOH O    O N N 144 
HOH H1   H N N 145 
HOH H2   H N N 146 
ILE N    N N N 147 
ILE CA   C N S 148 
ILE C    C N N 149 
ILE O    O N N 150 
ILE CB   C N S 151 
ILE CG1  C N N 152 
ILE CG2  C N N 153 
ILE CD1  C N N 154 
ILE OXT  O N N 155 
ILE H    H N N 156 
ILE H2   H N N 157 
ILE HA   H N N 158 
ILE HB   H N N 159 
ILE HG12 H N N 160 
ILE HG13 H N N 161 
ILE HG21 H N N 162 
ILE HG22 H N N 163 
ILE HG23 H N N 164 
ILE HD11 H N N 165 
ILE HD12 H N N 166 
ILE HD13 H N N 167 
ILE HXT  H N N 168 
IR0 O3   O N N 169 
IR0 O4   O N N 170 
IR0 O1   O N N 171 
IR0 O10  O N N 172 
IR0 O11  O N N 173 
IR0 O12  O N N 174 
IR0 O13  O N N 175 
IR0 O14  O N N 176 
IR0 O15  O N N 177 
IR0 O16  O N N 178 
IR0 O17  O N N 179 
IR0 O18  O N N 180 
IR0 O19  O N N 181 
IR0 O2   O N N 182 
IR0 O20  O N N 183 
IR0 O21  O N N 184 
IR0 O22  O N N 185 
IR0 O23  O N N 186 
IR0 O24  O N N 187 
IR0 O25  O N N 188 
IR0 O26  O N N 189 
IR0 O27  O N N 190 
IR0 O28  O N N 191 
IR0 O29  O N N 192 
IR0 O30  O N N 193 
IR0 O31  O N N 194 
IR0 O32  O N N 195 
IR0 O33  O N N 196 
IR0 O34  O N N 197 
IR0 O35  O N N 198 
IR0 O36  O N N 199 
IR0 O37  O N N 200 
IR0 O38  O N N 201 
IR0 O39  O N N 202 
IR0 O40  O N N 203 
IR0 O41  O N N 204 
IR0 O42  O N N 205 
IR0 O43  O N N 206 
IR0 O44  O N N 207 
IR0 O45  O N N 208 
IR0 O46  O N N 209 
IR0 O47  O N N 210 
IR0 O48  O N N 211 
IR0 O49  O N N 212 
IR0 O5   O N N 213 
IR0 O50  O N N 214 
IR0 O51  O N N 215 
IR0 O52  O N N 216 
IR0 O53  O N N 217 
IR0 O54  O N N 218 
IR0 O55  O N N 219 
IR0 O56  O N N 220 
IR0 O57  O N N 221 
IR0 O58  O N N 222 
IR0 O59  O N N 223 
IR0 O6   O N N 224 
IR0 O60  O N N 225 
IR0 O61  O N N 226 
IR0 O62  O N N 227 
IR0 O63  O N N 228 
IR0 O64  O N N 229 
IR0 O65  O N N 230 
IR0 O66  O N N 231 
IR0 O67  O N N 232 
IR0 O68  O N N 233 
IR0 O69  O N N 234 
IR0 O7   O N N 235 
IR0 O70  O N N 236 
IR0 O71  O N N 237 
IR0 O72  O N N 238 
IR0 O73  O N N 239 
IR0 O74  O N N 240 
IR0 O75  O N N 241 
IR0 O76  O N N 242 
IR0 O77  O N N 243 
IR0 O78  O N N 244 
IR0 O79  O N N 245 
IR0 O8   O N N 246 
IR0 O80  O N N 247 
IR0 O81  O N N 248 
IR0 O82  O N N 249 
IR0 O83  O N N 250 
IR0 O84  O N N 251 
IR0 O85  O N N 252 
IR0 O86  O N N 253 
IR0 O87  O N N 254 
IR0 O88  O N N 255 
IR0 O89  O N N 256 
IR0 O9   O N N 257 
IR0 O90  O N N 258 
IR0 O91  O N N 259 
IR0 O92  O N N 260 
IR0 O93  O N N 261 
IR0 O94  O N N 262 
IR0 O95  O N N 263 
IR0 O96  O N N 264 
IR0 O97  O N N 265 
IR0 O98  O N N 266 
IR0 O99  O N N 267 
IR0 P1   P N R 268 
IR0 P2   P N R 269 
IR0 P3   P N R 270 
IR0 P4   P N R 271 
IR0 P5   P N S 272 
IR0 P6   P N S 273 
IR0 P7   P N S 274 
IR0 P8   P N S 275 
IR0 W1   W N N 276 
IR0 W10  W N N 277 
IR0 W11  W N N 278 
IR0 W12  W N N 279 
IR0 W13  W N N 280 
IR0 W14  W N N 281 
IR0 W15  W N N 282 
IR0 W16  W N N 283 
IR0 W17  W N N 284 
IR0 W18  W N N 285 
IR0 W19  W N N 286 
IR0 W2   W N N 287 
IR0 W20  W N N 288 
IR0 W21  W N N 289 
IR0 W22  W N N 290 
IR0 W23  W N N 291 
IR0 W24  W N N 292 
IR0 W25  W N N 293 
IR0 W26  W N N 294 
IR0 W27  W N N 295 
IR0 W28  W N N 296 
IR0 W29  W N N 297 
IR0 W3   W N N 298 
IR0 W30  W N N 299 
IR0 W31  W N N 300 
IR0 W32  W N N 301 
IR0 W33  W N N 302 
IR0 W34  W N N 303 
IR0 W35  W N N 304 
IR0 W36  W N N 305 
IR0 W37  W N N 306 
IR0 W38  W N N 307 
IR0 W39  W N N 308 
IR0 W4   W N N 309 
IR0 W40  W N N 310 
IR0 W41  W N N 311 
IR0 W42  W N N 312 
IR0 W43  W N N 313 
IR0 W44  W N N 314 
IR0 W45  W N N 315 
IR0 W46  W N N 316 
IR0 W47  W N N 317 
IR0 W48  W N N 318 
IR0 W5   W N N 319 
IR0 W6   W N N 320 
IR0 W7   W N N 321 
IR0 W8   W N N 322 
IR0 W9   W N N 323 
IR0 O100 O N N 324 
IR0 O101 O N N 325 
IR0 O102 O N N 326 
IR0 O103 O N N 327 
IR0 O104 O N N 328 
IR0 O105 O N N 329 
IR0 O106 O N N 330 
IR0 O107 O N N 331 
IR0 O108 O N N 332 
IR0 O109 O N N 333 
IR0 O110 O N N 334 
IR0 O111 O N N 335 
IR0 O112 O N N 336 
IR0 O113 O N N 337 
IR0 O114 O N N 338 
IR0 O115 O N N 339 
IR0 O116 O N N 340 
IR0 O117 O N N 341 
IR0 O118 O N N 342 
IR0 O119 O N N 343 
IR0 O120 O N N 344 
IR0 O121 O N N 345 
IR0 O122 O N N 346 
IR0 O123 O N N 347 
IR0 O124 O N N 348 
IR0 O125 O N N 349 
IR0 O126 O N N 350 
IR0 O127 O N N 351 
IR0 O128 O N N 352 
IR0 O129 O N N 353 
IR0 O130 O N N 354 
IR0 O131 O N N 355 
IR0 O132 O N N 356 
IR0 O133 O N N 357 
IR0 O134 O N N 358 
IR0 O135 O N N 359 
IR0 O136 O N N 360 
IR0 O137 O N N 361 
IR0 O138 O N N 362 
IR0 O139 O N N 363 
IR0 O140 O N N 364 
IR0 O141 O N N 365 
IR0 O142 O N N 366 
IR0 O143 O N N 367 
IR0 O144 O N N 368 
IR0 O145 O N N 369 
IR0 O146 O N N 370 
IR0 O147 O N N 371 
IR0 O148 O N N 372 
IR0 O149 O N N 373 
IR0 O150 O N N 374 
IR0 O151 O N N 375 
IR0 O152 O N N 376 
IR0 O153 O N N 377 
IR0 O154 O N N 378 
IR0 O155 O N N 379 
IR0 O156 O N N 380 
IR0 O157 O N N 381 
IR0 O158 O N N 382 
IR0 O159 O N N 383 
IR0 O160 O N N 384 
IR0 O161 O N N 385 
IR0 O162 O N N 386 
IR0 O163 O N N 387 
IR0 O164 O N N 388 
IR0 O165 O N N 389 
IR0 O166 O N N 390 
IR0 O167 O N N 391 
IR0 O168 O N N 392 
IR0 O169 O N N 393 
IR0 O170 O N N 394 
IR0 O171 O N N 395 
IR0 O172 O N N 396 
IR0 O173 O N N 397 
IR0 O174 O N N 398 
IR0 O175 O N N 399 
IR0 O176 O N N 400 
IR0 O177 O N N 401 
IR0 O178 O N N 402 
IR0 O179 O N N 403 
IR0 O180 O N N 404 
IR0 O181 O N N 405 
IR0 O182 O N N 406 
IR0 O183 O N N 407 
IR0 O184 O N N 408 
LEU N    N N N 409 
LEU CA   C N S 410 
LEU C    C N N 411 
LEU O    O N N 412 
LEU CB   C N N 413 
LEU CG   C N N 414 
LEU CD1  C N N 415 
LEU CD2  C N N 416 
LEU OXT  O N N 417 
LEU H    H N N 418 
LEU H2   H N N 419 
LEU HA   H N N 420 
LEU HB2  H N N 421 
LEU HB3  H N N 422 
LEU HG   H N N 423 
LEU HD11 H N N 424 
LEU HD12 H N N 425 
LEU HD13 H N N 426 
LEU HD21 H N N 427 
LEU HD22 H N N 428 
LEU HD23 H N N 429 
LEU HXT  H N N 430 
LYS N    N N N 431 
LYS CA   C N S 432 
LYS C    C N N 433 
LYS O    O N N 434 
LYS CB   C N N 435 
LYS CG   C N N 436 
LYS CD   C N N 437 
LYS CE   C N N 438 
LYS NZ   N N N 439 
LYS OXT  O N N 440 
LYS H    H N N 441 
LYS H2   H N N 442 
LYS HA   H N N 443 
LYS HB2  H N N 444 
LYS HB3  H N N 445 
LYS HG2  H N N 446 
LYS HG3  H N N 447 
LYS HD2  H N N 448 
LYS HD3  H N N 449 
LYS HE2  H N N 450 
LYS HE3  H N N 451 
LYS HZ1  H N N 452 
LYS HZ2  H N N 453 
LYS HZ3  H N N 454 
LYS HXT  H N N 455 
MET N    N N N 456 
MET CA   C N S 457 
MET C    C N N 458 
MET O    O N N 459 
MET CB   C N N 460 
MET CG   C N N 461 
MET SD   S N N 462 
MET CE   C N N 463 
MET OXT  O N N 464 
MET H    H N N 465 
MET H2   H N N 466 
MET HA   H N N 467 
MET HB2  H N N 468 
MET HB3  H N N 469 
MET HG2  H N N 470 
MET HG3  H N N 471 
MET HE1  H N N 472 
MET HE2  H N N 473 
MET HE3  H N N 474 
MET HXT  H N N 475 
PHE N    N N N 476 
PHE CA   C N S 477 
PHE C    C N N 478 
PHE O    O N N 479 
PHE CB   C N N 480 
PHE CG   C Y N 481 
PHE CD1  C Y N 482 
PHE CD2  C Y N 483 
PHE CE1  C Y N 484 
PHE CE2  C Y N 485 
PHE CZ   C Y N 486 
PHE OXT  O N N 487 
PHE H    H N N 488 
PHE H2   H N N 489 
PHE HA   H N N 490 
PHE HB2  H N N 491 
PHE HB3  H N N 492 
PHE HD1  H N N 493 
PHE HD2  H N N 494 
PHE HE1  H N N 495 
PHE HE2  H N N 496 
PHE HZ   H N N 497 
PHE HXT  H N N 498 
PRO N    N N N 499 
PRO CA   C N S 500 
PRO C    C N N 501 
PRO O    O N N 502 
PRO CB   C N N 503 
PRO CG   C N N 504 
PRO CD   C N N 505 
PRO OXT  O N N 506 
PRO H    H N N 507 
PRO HA   H N N 508 
PRO HB2  H N N 509 
PRO HB3  H N N 510 
PRO HG2  H N N 511 
PRO HG3  H N N 512 
PRO HD2  H N N 513 
PRO HD3  H N N 514 
PRO HXT  H N N 515 
SER N    N N N 516 
SER CA   C N S 517 
SER C    C N N 518 
SER O    O N N 519 
SER CB   C N N 520 
SER OG   O N N 521 
SER OXT  O N N 522 
SER H    H N N 523 
SER H2   H N N 524 
SER HA   H N N 525 
SER HB2  H N N 526 
SER HB3  H N N 527 
SER HG   H N N 528 
SER HXT  H N N 529 
THR N    N N N 530 
THR CA   C N S 531 
THR C    C N N 532 
THR O    O N N 533 
THR CB   C N R 534 
THR OG1  O N N 535 
THR CG2  C N N 536 
THR OXT  O N N 537 
THR H    H N N 538 
THR H2   H N N 539 
THR HA   H N N 540 
THR HB   H N N 541 
THR HG1  H N N 542 
THR HG21 H N N 543 
THR HG22 H N N 544 
THR HG23 H N N 545 
THR HXT  H N N 546 
TRP N    N N N 547 
TRP CA   C N S 548 
TRP C    C N N 549 
TRP O    O N N 550 
TRP CB   C N N 551 
TRP CG   C Y N 552 
TRP CD1  C Y N 553 
TRP CD2  C Y N 554 
TRP NE1  N Y N 555 
TRP CE2  C Y N 556 
TRP CE3  C Y N 557 
TRP CZ2  C Y N 558 
TRP CZ3  C Y N 559 
TRP CH2  C Y N 560 
TRP OXT  O N N 561 
TRP H    H N N 562 
TRP H2   H N N 563 
TRP HA   H N N 564 
TRP HB2  H N N 565 
TRP HB3  H N N 566 
TRP HD1  H N N 567 
TRP HE1  H N N 568 
TRP HE3  H N N 569 
TRP HZ2  H N N 570 
TRP HZ3  H N N 571 
TRP HH2  H N N 572 
TRP HXT  H N N 573 
TYR N    N N N 574 
TYR CA   C N S 575 
TYR C    C N N 576 
TYR O    O N N 577 
TYR CB   C N N 578 
TYR CG   C Y N 579 
TYR CD1  C Y N 580 
TYR CD2  C Y N 581 
TYR CE1  C Y N 582 
TYR CE2  C Y N 583 
TYR CZ   C Y N 584 
TYR OH   O N N 585 
TYR OXT  O N N 586 
TYR H    H N N 587 
TYR H2   H N N 588 
TYR HA   H N N 589 
TYR HB2  H N N 590 
TYR HB3  H N N 591 
TYR HD1  H N N 592 
TYR HD2  H N N 593 
TYR HE1  H N N 594 
TYR HE2  H N N 595 
TYR HH   H N N 596 
TYR HXT  H N N 597 
VAL N    N N N 598 
VAL CA   C N S 599 
VAL C    C N N 600 
VAL O    O N N 601 
VAL CB   C N N 602 
VAL CG1  C N N 603 
VAL CG2  C N N 604 
VAL OXT  O N N 605 
VAL H    H N N 606 
VAL H2   H N N 607 
VAL HA   H N N 608 
VAL HB   H N N 609 
VAL HG11 H N N 610 
VAL HG12 H N N 611 
VAL HG13 H N N 612 
VAL HG21 H N N 613 
VAL HG22 H N N 614 
VAL HG23 H N N 615 
VAL HXT  H N N 616 
# 
loop_
_chem_comp_bond.comp_id 
_chem_comp_bond.atom_id_1 
_chem_comp_bond.atom_id_2 
_chem_comp_bond.value_order 
_chem_comp_bond.pdbx_aromatic_flag 
_chem_comp_bond.pdbx_stereo_config 
_chem_comp_bond.pdbx_ordinal 
ALA N   CA   sing N N 1   
ALA N   H    sing N N 2   
ALA N   H2   sing N N 3   
ALA CA  C    sing N N 4   
ALA CA  CB   sing N N 5   
ALA CA  HA   sing N N 6   
ALA C   O    doub N N 7   
ALA C   OXT  sing N N 8   
ALA CB  HB1  sing N N 9   
ALA CB  HB2  sing N N 10  
ALA CB  HB3  sing N N 11  
ALA OXT HXT  sing N N 12  
ARG N   CA   sing N N 13  
ARG N   H    sing N N 14  
ARG N   H2   sing N N 15  
ARG CA  C    sing N N 16  
ARG CA  CB   sing N N 17  
ARG CA  HA   sing N N 18  
ARG C   O    doub N N 19  
ARG C   OXT  sing N N 20  
ARG CB  CG   sing N N 21  
ARG CB  HB2  sing N N 22  
ARG CB  HB3  sing N N 23  
ARG CG  CD   sing N N 24  
ARG CG  HG2  sing N N 25  
ARG CG  HG3  sing N N 26  
ARG CD  NE   sing N N 27  
ARG CD  HD2  sing N N 28  
ARG CD  HD3  sing N N 29  
ARG NE  CZ   sing N N 30  
ARG NE  HE   sing N N 31  
ARG CZ  NH1  sing N N 32  
ARG CZ  NH2  doub N N 33  
ARG NH1 HH11 sing N N 34  
ARG NH1 HH12 sing N N 35  
ARG NH2 HH21 sing N N 36  
ARG NH2 HH22 sing N N 37  
ARG OXT HXT  sing N N 38  
ASN N   CA   sing N N 39  
ASN N   H    sing N N 40  
ASN N   H2   sing N N 41  
ASN CA  C    sing N N 42  
ASN CA  CB   sing N N 43  
ASN CA  HA   sing N N 44  
ASN C   O    doub N N 45  
ASN C   OXT  sing N N 46  
ASN CB  CG   sing N N 47  
ASN CB  HB2  sing N N 48  
ASN CB  HB3  sing N N 49  
ASN CG  OD1  doub N N 50  
ASN CG  ND2  sing N N 51  
ASN ND2 HD21 sing N N 52  
ASN ND2 HD22 sing N N 53  
ASN OXT HXT  sing N N 54  
ASP N   CA   sing N N 55  
ASP N   H    sing N N 56  
ASP N   H2   sing N N 57  
ASP CA  C    sing N N 58  
ASP CA  CB   sing N N 59  
ASP CA  HA   sing N N 60  
ASP C   O    doub N N 61  
ASP C   OXT  sing N N 62  
ASP CB  CG   sing N N 63  
ASP CB  HB2  sing N N 64  
ASP CB  HB3  sing N N 65  
ASP CG  OD1  doub N N 66  
ASP CG  OD2  sing N N 67  
ASP OD2 HD2  sing N N 68  
ASP OXT HXT  sing N N 69  
GLN N   CA   sing N N 70  
GLN N   H    sing N N 71  
GLN N   H2   sing N N 72  
GLN CA  C    sing N N 73  
GLN CA  CB   sing N N 74  
GLN CA  HA   sing N N 75  
GLN C   O    doub N N 76  
GLN C   OXT  sing N N 77  
GLN CB  CG   sing N N 78  
GLN CB  HB2  sing N N 79  
GLN CB  HB3  sing N N 80  
GLN CG  CD   sing N N 81  
GLN CG  HG2  sing N N 82  
GLN CG  HG3  sing N N 83  
GLN CD  OE1  doub N N 84  
GLN CD  NE2  sing N N 85  
GLN NE2 HE21 sing N N 86  
GLN NE2 HE22 sing N N 87  
GLN OXT HXT  sing N N 88  
GLU N   CA   sing N N 89  
GLU N   H    sing N N 90  
GLU N   H2   sing N N 91  
GLU CA  C    sing N N 92  
GLU CA  CB   sing N N 93  
GLU CA  HA   sing N N 94  
GLU C   O    doub N N 95  
GLU C   OXT  sing N N 96  
GLU CB  CG   sing N N 97  
GLU CB  HB2  sing N N 98  
GLU CB  HB3  sing N N 99  
GLU CG  CD   sing N N 100 
GLU CG  HG2  sing N N 101 
GLU CG  HG3  sing N N 102 
GLU CD  OE1  doub N N 103 
GLU CD  OE2  sing N N 104 
GLU OE2 HE2  sing N N 105 
GLU OXT HXT  sing N N 106 
GLY N   CA   sing N N 107 
GLY N   H    sing N N 108 
GLY N   H2   sing N N 109 
GLY CA  C    sing N N 110 
GLY CA  HA2  sing N N 111 
GLY CA  HA3  sing N N 112 
GLY C   O    doub N N 113 
GLY C   OXT  sing N N 114 
GLY OXT HXT  sing N N 115 
HIS N   CA   sing N N 116 
HIS N   H    sing N N 117 
HIS N   H2   sing N N 118 
HIS CA  C    sing N N 119 
HIS CA  CB   sing N N 120 
HIS CA  HA   sing N N 121 
HIS C   O    doub N N 122 
HIS C   OXT  sing N N 123 
HIS CB  CG   sing N N 124 
HIS CB  HB2  sing N N 125 
HIS CB  HB3  sing N N 126 
HIS CG  ND1  sing Y N 127 
HIS CG  CD2  doub Y N 128 
HIS ND1 CE1  doub Y N 129 
HIS ND1 HD1  sing N N 130 
HIS CD2 NE2  sing Y N 131 
HIS CD2 HD2  sing N N 132 
HIS CE1 NE2  sing Y N 133 
HIS CE1 HE1  sing N N 134 
HIS NE2 HE2  sing N N 135 
HIS OXT HXT  sing N N 136 
HOH O   H1   sing N N 137 
HOH O   H2   sing N N 138 
ILE N   CA   sing N N 139 
ILE N   H    sing N N 140 
ILE N   H2   sing N N 141 
ILE CA  C    sing N N 142 
ILE CA  CB   sing N N 143 
ILE CA  HA   sing N N 144 
ILE C   O    doub N N 145 
ILE C   OXT  sing N N 146 
ILE CB  CG1  sing N N 147 
ILE CB  CG2  sing N N 148 
ILE CB  HB   sing N N 149 
ILE CG1 CD1  sing N N 150 
ILE CG1 HG12 sing N N 151 
ILE CG1 HG13 sing N N 152 
ILE CG2 HG21 sing N N 153 
ILE CG2 HG22 sing N N 154 
ILE CG2 HG23 sing N N 155 
ILE CD1 HD11 sing N N 156 
ILE CD1 HD12 sing N N 157 
ILE CD1 HD13 sing N N 158 
ILE OXT HXT  sing N N 159 
IR0 O3  P2   sing N N 160 
IR0 O3  W3   sing N N 161 
IR0 O4  P2   sing N N 162 
IR0 O4  W4   sing N N 163 
IR0 O1  P1   sing N N 164 
IR0 O1  W1   sing N N 165 
IR0 O10 P5   sing N N 166 
IR0 O10 W10  sing N N 167 
IR0 O11 P7   sing N N 168 
IR0 O11 W13  sing N N 169 
IR0 O12 P6   sing N N 170 
IR0 O12 W11  sing N N 171 
IR0 O13 P6   sing N N 172 
IR0 O13 W12  sing N N 173 
IR0 O14 P8   sing N N 174 
IR0 O14 W15  sing N N 175 
IR0 O15 P7   sing N N 176 
IR0 O15 W14  sing N N 177 
IR0 O16 P8   sing N N 178 
IR0 O16 W16  sing N N 179 
IR0 O17 P1   sing N N 180 
IR0 O17 W17  sing N N 181 
IR0 O17 W18  sing N N 182 
IR0 O18 P2   sing N N 183 
IR0 O18 W19  sing N N 184 
IR0 O18 W20  sing N N 185 
IR0 O19 P3   sing N N 186 
IR0 O19 W21  sing N N 187 
IR0 O19 W22  sing N N 188 
IR0 O2  P1   sing N N 189 
IR0 O2  W2   sing N N 190 
IR0 O20 P4   sing N N 191 
IR0 O20 W23  sing N N 192 
IR0 O20 W24  sing N N 193 
IR0 O21 P5   sing N N 194 
IR0 O21 W25  sing N N 195 
IR0 O21 W26  sing N N 196 
IR0 O22 P7   sing N N 197 
IR0 O22 W27  sing N N 198 
IR0 O22 W31  sing N N 199 
IR0 O23 P6   sing N N 200 
IR0 O23 W28  sing N N 201 
IR0 O23 W29  sing N N 202 
IR0 O24 P8   sing N N 203 
IR0 O24 W30  sing N N 204 
IR0 O24 W32  sing N N 205 
IR0 O25 P1   sing N N 206 
IR0 O25 W33  sing N N 207 
IR0 O25 W34  sing N N 208 
IR0 O26 P2   sing N N 209 
IR0 O26 W35  sing N N 210 
IR0 O26 W36  sing N N 211 
IR0 O27 P3   sing N N 212 
IR0 O27 W37  sing N N 213 
IR0 O27 W38  sing N N 214 
IR0 O28 P4   sing N N 215 
IR0 O28 W39  sing N N 216 
IR0 O28 W40  sing N N 217 
IR0 O29 P5   sing N N 218 
IR0 O29 W41  sing N N 219 
IR0 O29 W42  sing N N 220 
IR0 O30 P6   sing N N 221 
IR0 O30 W43  sing N N 222 
IR0 O30 W44  sing N N 223 
IR0 O31 P7   sing N N 224 
IR0 O31 W45  sing N N 225 
IR0 O31 W46  sing N N 226 
IR0 O32 P8   sing N N 227 
IR0 O32 W47  sing N N 228 
IR0 O32 W48  sing N N 229 
IR0 O33 W1   sing N N 230 
IR0 O33 W17  sing N N 231 
IR0 O34 W19  sing N N 232 
IR0 O34 W3   sing N N 233 
IR0 O35 W21  sing N N 234 
IR0 O35 W5   sing N N 235 
IR0 O36 W23  sing N N 236 
IR0 O36 W7   sing N N 237 
IR0 O37 W20  sing N N 238 
IR0 O37 W4   sing N N 239 
IR0 O38 W18  sing N N 240 
IR0 O38 W2   sing N N 241 
IR0 O39 W24  sing N N 242 
IR0 O39 W8   sing N N 243 
IR0 O40 W22  sing N N 244 
IR0 O40 W6   sing N N 245 
IR0 O41 W1   sing N N 246 
IR0 O41 W33  sing N N 247 
IR0 O42 W3   sing N N 248 
IR0 O42 W35  sing N N 249 
IR0 O43 W37  sing N N 250 
IR0 O43 W5   sing N N 251 
IR0 O44 W39  sing N N 252 
IR0 O44 W7   sing N N 253 
IR0 O45 W36  sing N N 254 
IR0 O45 W4   sing N N 255 
IR0 O46 W2   sing N N 256 
IR0 O46 W34  sing N N 257 
IR0 O47 W40  sing N N 258 
IR0 O47 W8   sing N N 259 
IR0 O48 W38  sing N N 260 
IR0 O48 W6   sing N N 261 
IR0 O49 W25  sing N N 262 
IR0 O49 W9   sing N N 263 
IR0 O5  P3   sing N N 264 
IR0 O5  W5   sing N N 265 
IR0 O50 W13  sing N N 266 
IR0 O50 W27  sing N N 267 
IR0 O51 W11  sing N N 268 
IR0 O51 W28  sing N N 269 
IR0 O52 W15  sing N N 270 
IR0 O52 W30  sing N N 271 
IR0 O53 W12  sing N N 272 
IR0 O53 W29  sing N N 273 
IR0 O54 W16  sing N N 274 
IR0 O54 W32  sing N N 275 
IR0 O55 W10  sing N N 276 
IR0 O55 W26  sing N N 277 
IR0 O56 W14  sing N N 278 
IR0 O56 W31  sing N N 279 
IR0 O57 W41  sing N N 280 
IR0 O57 W9   sing N N 281 
IR0 O58 W11  sing N N 282 
IR0 O58 W43  sing N N 283 
IR0 O59 W13  sing N N 284 
IR0 O59 W45  sing N N 285 
IR0 O6  P3   sing N N 286 
IR0 O6  W6   sing N N 287 
IR0 O60 W15  sing N N 288 
IR0 O60 W47  sing N N 289 
IR0 O61 W12  sing N N 290 
IR0 O61 W44  sing N N 291 
IR0 O62 W10  sing N N 292 
IR0 O62 W42  sing N N 293 
IR0 O63 W16  sing N N 294 
IR0 O63 W48  sing N N 295 
IR0 O64 W14  sing N N 296 
IR0 O64 W46  sing N N 297 
IR0 O65 W17  sing N N 298 
IR0 O65 W33  sing N N 299 
IR0 O66 W19  sing N N 300 
IR0 O66 W35  sing N N 301 
IR0 O67 W21  sing N N 302 
IR0 O67 W37  sing N N 303 
IR0 O68 W23  sing N N 304 
IR0 O68 W39  sing N N 305 
IR0 O69 W20  sing N N 306 
IR0 O69 W36  sing N N 307 
IR0 O7  P4   sing N N 308 
IR0 O7  W7   sing N N 309 
IR0 O70 W18  sing N N 310 
IR0 O70 W34  sing N N 311 
IR0 O71 W24  sing N N 312 
IR0 O71 W40  sing N N 313 
IR0 O72 W22  sing N N 314 
IR0 O72 W38  sing N N 315 
IR0 O73 W25  sing N N 316 
IR0 O73 W41  sing N N 317 
IR0 O74 W28  sing N N 318 
IR0 O74 W43  sing N N 319 
IR0 O75 W27  sing N N 320 
IR0 O75 W45  sing N N 321 
IR0 O76 W30  sing N N 322 
IR0 O76 W47  sing N N 323 
IR0 O77 W29  sing N N 324 
IR0 O77 W44  sing N N 325 
IR0 O78 W26  sing N N 326 
IR0 O78 W42  sing N N 327 
IR0 O79 W32  sing N N 328 
IR0 O79 W48  sing N N 329 
IR0 O8  P4   sing N N 330 
IR0 O8  W8   sing N N 331 
IR0 O80 W31  sing N N 332 
IR0 O80 W46  sing N N 333 
IR0 O81 W1   sing N N 334 
IR0 O81 W9   sing N N 335 
IR0 O82 W11  sing N N 336 
IR0 O82 W3   sing N N 337 
IR0 O83 W13  sing N N 338 
IR0 O83 W5   sing N N 339 
IR0 O84 W15  sing N N 340 
IR0 O84 W7   sing N N 341 
IR0 O85 W12  sing N N 342 
IR0 O85 W4   sing N N 343 
IR0 O86 W10  sing N N 344 
IR0 O86 W2   sing N N 345 
IR0 O87 W16  sing N N 346 
IR0 O87 W8   sing N N 347 
IR0 O88 W14  sing N N 348 
IR0 O88 W6   sing N N 349 
IR0 O89 W17  sing N N 350 
IR0 O89 W27  sing N N 351 
IR0 O9  P5   sing N N 352 
IR0 O9  W9   sing N N 353 
IR0 O90 W23  sing N N 354 
IR0 O90 W25  sing N N 355 
IR0 O91 W19  sing N N 356 
IR0 O91 W30  sing N N 357 
IR0 O92 W21  sing N N 358 
IR0 O92 W28  sing N N 359 
IR0 O93 W20  sing N N 360 
IR0 O93 W32  sing N N 361 
IR0 O94 W22  sing N N 362 
IR0 O94 W29  sing N N 363 
IR0 O95 W18  sing N N 364 
IR0 O95 W31  sing N N 365 
IR0 O96 W24  sing N N 366 
IR0 O96 W26  sing N N 367 
IR0 O97 W33  sing N N 368 
IR0 O97 W41  sing N N 369 
IR0 O98 W35  sing N N 370 
IR0 O98 W43  sing N N 371 
IR0 O99 W37  sing N N 372 
IR0 O99 W45  sing N N 373 
IR0 W1  O121 sing N N 374 
IR0 W1  O137 sing N N 375 
IR0 W10 O135 sing N N 376 
IR0 W10 O150 sing N N 377 
IR0 W11 O131 sing N N 378 
IR0 W11 O146 sing N N 379 
IR0 W12 O133 sing N N 380 
IR0 W12 O149 sing N N 381 
IR0 W13 O130 sing N N 382 
IR0 W13 O147 sing N N 383 
IR0 W14 O136 sing N N 384 
IR0 W14 O152 sing N N 385 
IR0 W15 O132 sing N N 386 
IR0 W15 O148 sing N N 387 
IR0 W16 O134 sing N N 388 
IR0 W16 O151 sing N N 389 
IR0 W17 O105 sing N N 390 
IR0 W17 O153 sing N N 391 
IR0 W18 O105 sing N N 392 
IR0 W18 O158 sing N N 393 
IR0 W19 O106 sing N N 394 
IR0 W19 O154 sing N N 395 
IR0 W2  O126 sing N N 396 
IR0 W2  O142 sing N N 397 
IR0 W20 O106 sing N N 398 
IR0 W20 O157 sing N N 399 
IR0 W21 O107 sing N N 400 
IR0 W21 O155 sing N N 401 
IR0 W22 O107 sing N N 402 
IR0 W22 O160 sing N N 403 
IR0 W23 O108 sing N N 404 
IR0 W23 O156 sing N N 405 
IR0 W24 O108 sing N N 406 
IR0 W24 O159 sing N N 407 
IR0 W25 O109 sing N N 408 
IR0 W25 O161 sing N N 409 
IR0 W26 O109 sing N N 410 
IR0 W26 O166 sing N N 411 
IR0 W27 O111 sing N N 412 
IR0 W27 O163 sing N N 413 
IR0 W28 O110 sing N N 414 
IR0 W28 O162 sing N N 415 
IR0 W29 O110 sing N N 416 
IR0 W29 O165 sing N N 417 
IR0 W3  O122 sing N N 418 
IR0 W3  O138 sing N N 419 
IR0 W30 O112 sing N N 420 
IR0 W30 O164 sing N N 421 
IR0 W31 O111 sing N N 422 
IR0 W31 O168 sing N N 423 
IR0 W32 O112 sing N N 424 
IR0 W32 O167 sing N N 425 
IR0 W33 O113 sing N N 426 
IR0 W33 O169 sing N N 427 
IR0 W34 O102 sing N N 428 
IR0 W34 O113 sing N N 429 
IR0 W34 O174 sing N N 430 
IR0 W35 O114 sing N N 431 
IR0 W35 O170 sing N N 432 
IR0 W36 O101 sing N N 433 
IR0 W36 O114 sing N N 434 
IR0 W36 O173 sing N N 435 
IR0 W37 O115 sing N N 436 
IR0 W37 O171 sing N N 437 
IR0 W38 O104 sing N N 438 
IR0 W38 O115 sing N N 439 
IR0 W38 O176 sing N N 440 
IR0 W39 O100 sing N N 441 
IR0 W39 O116 sing N N 442 
IR0 W39 O172 sing N N 443 
IR0 W4  O125 sing N N 444 
IR0 W4  O141 sing N N 445 
IR0 W40 O103 sing N N 446 
IR0 W40 O116 sing N N 447 
IR0 W40 O175 sing N N 448 
IR0 W41 O117 sing N N 449 
IR0 W41 O177 sing N N 450 
IR0 W42 O102 sing N N 451 
IR0 W42 O117 sing N N 452 
IR0 W42 O182 sing N N 453 
IR0 W43 O118 sing N N 454 
IR0 W43 O178 sing N N 455 
IR0 W44 O101 sing N N 456 
IR0 W44 O118 sing N N 457 
IR0 W44 O181 sing N N 458 
IR0 W45 O119 sing N N 459 
IR0 W45 O179 sing N N 460 
IR0 W46 O104 sing N N 461 
IR0 W46 O119 sing N N 462 
IR0 W46 O184 sing N N 463 
IR0 W47 O100 sing N N 464 
IR0 W47 O120 sing N N 465 
IR0 W47 O180 sing N N 466 
IR0 W48 O103 sing N N 467 
IR0 W48 O120 sing N N 468 
IR0 W48 O183 sing N N 469 
IR0 W5  O123 sing N N 470 
IR0 W5  O139 sing N N 471 
IR0 W6  O128 sing N N 472 
IR0 W6  O144 sing N N 473 
IR0 W7  O124 sing N N 474 
IR0 W7  O140 sing N N 475 
IR0 W8  O127 sing N N 476 
IR0 W8  O143 sing N N 477 
IR0 W9  O129 sing N N 478 
IR0 W9  O145 sing N N 479 
LEU N   CA   sing N N 480 
LEU N   H    sing N N 481 
LEU N   H2   sing N N 482 
LEU CA  C    sing N N 483 
LEU CA  CB   sing N N 484 
LEU CA  HA   sing N N 485 
LEU C   O    doub N N 486 
LEU C   OXT  sing N N 487 
LEU CB  CG   sing N N 488 
LEU CB  HB2  sing N N 489 
LEU CB  HB3  sing N N 490 
LEU CG  CD1  sing N N 491 
LEU CG  CD2  sing N N 492 
LEU CG  HG   sing N N 493 
LEU CD1 HD11 sing N N 494 
LEU CD1 HD12 sing N N 495 
LEU CD1 HD13 sing N N 496 
LEU CD2 HD21 sing N N 497 
LEU CD2 HD22 sing N N 498 
LEU CD2 HD23 sing N N 499 
LEU OXT HXT  sing N N 500 
LYS N   CA   sing N N 501 
LYS N   H    sing N N 502 
LYS N   H2   sing N N 503 
LYS CA  C    sing N N 504 
LYS CA  CB   sing N N 505 
LYS CA  HA   sing N N 506 
LYS C   O    doub N N 507 
LYS C   OXT  sing N N 508 
LYS CB  CG   sing N N 509 
LYS CB  HB2  sing N N 510 
LYS CB  HB3  sing N N 511 
LYS CG  CD   sing N N 512 
LYS CG  HG2  sing N N 513 
LYS CG  HG3  sing N N 514 
LYS CD  CE   sing N N 515 
LYS CD  HD2  sing N N 516 
LYS CD  HD3  sing N N 517 
LYS CE  NZ   sing N N 518 
LYS CE  HE2  sing N N 519 
LYS CE  HE3  sing N N 520 
LYS NZ  HZ1  sing N N 521 
LYS NZ  HZ2  sing N N 522 
LYS NZ  HZ3  sing N N 523 
LYS OXT HXT  sing N N 524 
MET N   CA   sing N N 525 
MET N   H    sing N N 526 
MET N   H2   sing N N 527 
MET CA  C    sing N N 528 
MET CA  CB   sing N N 529 
MET CA  HA   sing N N 530 
MET C   O    doub N N 531 
MET C   OXT  sing N N 532 
MET CB  CG   sing N N 533 
MET CB  HB2  sing N N 534 
MET CB  HB3  sing N N 535 
MET CG  SD   sing N N 536 
MET CG  HG2  sing N N 537 
MET CG  HG3  sing N N 538 
MET SD  CE   sing N N 539 
MET CE  HE1  sing N N 540 
MET CE  HE2  sing N N 541 
MET CE  HE3  sing N N 542 
MET OXT HXT  sing N N 543 
PHE N   CA   sing N N 544 
PHE N   H    sing N N 545 
PHE N   H2   sing N N 546 
PHE CA  C    sing N N 547 
PHE CA  CB   sing N N 548 
PHE CA  HA   sing N N 549 
PHE C   O    doub N N 550 
PHE C   OXT  sing N N 551 
PHE CB  CG   sing N N 552 
PHE CB  HB2  sing N N 553 
PHE CB  HB3  sing N N 554 
PHE CG  CD1  doub Y N 555 
PHE CG  CD2  sing Y N 556 
PHE CD1 CE1  sing Y N 557 
PHE CD1 HD1  sing N N 558 
PHE CD2 CE2  doub Y N 559 
PHE CD2 HD2  sing N N 560 
PHE CE1 CZ   doub Y N 561 
PHE CE1 HE1  sing N N 562 
PHE CE2 CZ   sing Y N 563 
PHE CE2 HE2  sing N N 564 
PHE CZ  HZ   sing N N 565 
PHE OXT HXT  sing N N 566 
PRO N   CA   sing N N 567 
PRO N   CD   sing N N 568 
PRO N   H    sing N N 569 
PRO CA  C    sing N N 570 
PRO CA  CB   sing N N 571 
PRO CA  HA   sing N N 572 
PRO C   O    doub N N 573 
PRO C   OXT  sing N N 574 
PRO CB  CG   sing N N 575 
PRO CB  HB2  sing N N 576 
PRO CB  HB3  sing N N 577 
PRO CG  CD   sing N N 578 
PRO CG  HG2  sing N N 579 
PRO CG  HG3  sing N N 580 
PRO CD  HD2  sing N N 581 
PRO CD  HD3  sing N N 582 
PRO OXT HXT  sing N N 583 
SER N   CA   sing N N 584 
SER N   H    sing N N 585 
SER N   H2   sing N N 586 
SER CA  C    sing N N 587 
SER CA  CB   sing N N 588 
SER CA  HA   sing N N 589 
SER C   O    doub N N 590 
SER C   OXT  sing N N 591 
SER CB  OG   sing N N 592 
SER CB  HB2  sing N N 593 
SER CB  HB3  sing N N 594 
SER OG  HG   sing N N 595 
SER OXT HXT  sing N N 596 
THR N   CA   sing N N 597 
THR N   H    sing N N 598 
THR N   H2   sing N N 599 
THR CA  C    sing N N 600 
THR CA  CB   sing N N 601 
THR CA  HA   sing N N 602 
THR C   O    doub N N 603 
THR C   OXT  sing N N 604 
THR CB  OG1  sing N N 605 
THR CB  CG2  sing N N 606 
THR CB  HB   sing N N 607 
THR OG1 HG1  sing N N 608 
THR CG2 HG21 sing N N 609 
THR CG2 HG22 sing N N 610 
THR CG2 HG23 sing N N 611 
THR OXT HXT  sing N N 612 
TRP N   CA   sing N N 613 
TRP N   H    sing N N 614 
TRP N   H2   sing N N 615 
TRP CA  C    sing N N 616 
TRP CA  CB   sing N N 617 
TRP CA  HA   sing N N 618 
TRP C   O    doub N N 619 
TRP C   OXT  sing N N 620 
TRP CB  CG   sing N N 621 
TRP CB  HB2  sing N N 622 
TRP CB  HB3  sing N N 623 
TRP CG  CD1  doub Y N 624 
TRP CG  CD2  sing Y N 625 
TRP CD1 NE1  sing Y N 626 
TRP CD1 HD1  sing N N 627 
TRP CD2 CE2  doub Y N 628 
TRP CD2 CE3  sing Y N 629 
TRP NE1 CE2  sing Y N 630 
TRP NE1 HE1  sing N N 631 
TRP CE2 CZ2  sing Y N 632 
TRP CE3 CZ3  doub Y N 633 
TRP CE3 HE3  sing N N 634 
TRP CZ2 CH2  doub Y N 635 
TRP CZ2 HZ2  sing N N 636 
TRP CZ3 CH2  sing Y N 637 
TRP CZ3 HZ3  sing N N 638 
TRP CH2 HH2  sing N N 639 
TRP OXT HXT  sing N N 640 
TYR N   CA   sing N N 641 
TYR N   H    sing N N 642 
TYR N   H2   sing N N 643 
TYR CA  C    sing N N 644 
TYR CA  CB   sing N N 645 
TYR CA  HA   sing N N 646 
TYR C   O    doub N N 647 
TYR C   OXT  sing N N 648 
TYR CB  CG   sing N N 649 
TYR CB  HB2  sing N N 650 
TYR CB  HB3  sing N N 651 
TYR CG  CD1  doub Y N 652 
TYR CG  CD2  sing Y N 653 
TYR CD1 CE1  sing Y N 654 
TYR CD1 HD1  sing N N 655 
TYR CD2 CE2  doub Y N 656 
TYR CD2 HD2  sing N N 657 
TYR CE1 CZ   doub Y N 658 
TYR CE1 HE1  sing N N 659 
TYR CE2 CZ   sing Y N 660 
TYR CE2 HE2  sing N N 661 
TYR CZ  OH   sing N N 662 
TYR OH  HH   sing N N 663 
TYR OXT HXT  sing N N 664 
VAL N   CA   sing N N 665 
VAL N   H    sing N N 666 
VAL N   H2   sing N N 667 
VAL CA  C    sing N N 668 
VAL CA  CB   sing N N 669 
VAL CA  HA   sing N N 670 
VAL C   O    doub N N 671 
VAL C   OXT  sing N N 672 
VAL CB  CG1  sing N N 673 
VAL CB  CG2  sing N N 674 
VAL CB  HB   sing N N 675 
VAL CG1 HG11 sing N N 676 
VAL CG1 HG12 sing N N 677 
VAL CG1 HG13 sing N N 678 
VAL CG2 HG21 sing N N 679 
VAL CG2 HG22 sing N N 680 
VAL CG2 HG23 sing N N 681 
VAL OXT HXT  sing N N 682 
# 
_pdbx_audit_support.funding_organization   'Research Foundation - Flanders (FWO)' 
_pdbx_audit_support.country                Belgium 
_pdbx_audit_support.grant_number           1235722N 
_pdbx_audit_support.ordinal                1 
# 
_pdbx_entity_instance_feature.ordinal        1 
_pdbx_entity_instance_feature.comp_id        IR0 
_pdbx_entity_instance_feature.asym_id        ? 
_pdbx_entity_instance_feature.seq_num        ? 
_pdbx_entity_instance_feature.auth_comp_id   IR0 
_pdbx_entity_instance_feature.auth_asym_id   ? 
_pdbx_entity_instance_feature.auth_seq_num   ? 
_pdbx_entity_instance_feature.feature_type   'SUBJECT OF INVESTIGATION' 
_pdbx_entity_instance_feature.details        ? 
# 
_atom_sites.entry_id                    8PRO 
_atom_sites.Cartn_transf_matrix[1][1]   ? 
_atom_sites.Cartn_transf_matrix[1][2]   ? 
_atom_sites.Cartn_transf_matrix[1][3]   ? 
_atom_sites.Cartn_transf_matrix[2][1]   ? 
_atom_sites.Cartn_transf_matrix[2][2]   ? 
_atom_sites.Cartn_transf_matrix[2][3]   ? 
_atom_sites.Cartn_transf_matrix[3][1]   ? 
_atom_sites.Cartn_transf_matrix[3][2]   ? 
_atom_sites.Cartn_transf_matrix[3][3]   ? 
_atom_sites.Cartn_transf_vector[1]      ? 
_atom_sites.Cartn_transf_vector[2]      ? 
_atom_sites.Cartn_transf_vector[3]      ? 
_atom_sites.Cartn_transform_axes        ? 
_atom_sites.fract_transf_matrix[1][1]   0.00651752 
_atom_sites.fract_transf_matrix[1][2]   -0.00708221 
_atom_sites.fract_transf_matrix[1][3]   0.01548451 
_atom_sites.fract_transf_matrix[2][1]   0.00572965 
_atom_sites.fract_transf_matrix[2][2]   0.01652540 
_atom_sites.fract_transf_matrix[2][3]   0.00514665 
_atom_sites.fract_transf_matrix[3][1]   -0.00742616 
_atom_sites.fract_transf_matrix[3][2]   0.00140166 
_atom_sites.fract_transf_matrix[3][3]   0.00376679 
_atom_sites.fract_transf_vector[1]      -0.172740 
_atom_sites.fract_transf_vector[2]      0.188497 
_atom_sites.fract_transf_vector[3]      -0.145736 
_atom_sites.solution_primary            ? 
_atom_sites.solution_secondary          ? 
_atom_sites.solution_hydrogens          ? 
_atom_sites.special_details             ? 
# 
loop_
_atom_type.symbol 
C 
N 
O 
P 
W 
# 
loop_
_atom_site.group_PDB 
_atom_site.id 
_atom_site.type_symbol 
_atom_site.label_atom_id 
_atom_site.label_alt_id 
_atom_site.label_comp_id 
_atom_site.label_asym_id 
_atom_site.label_entity_id 
_atom_site.label_seq_id 
_atom_site.pdbx_PDB_ins_code 
_atom_site.Cartn_x 
_atom_site.Cartn_y 
_atom_site.Cartn_z 
_atom_site.occupancy 
_atom_site.B_iso_or_equiv 
_atom_site.pdbx_formal_charge 
_atom_site.auth_seq_id 
_atom_site.auth_comp_id 
_atom_site.auth_asym_id 
_atom_site.auth_atom_id 
_atom_site.pdbx_PDB_model_num 
ATOM   1    N N    . THR A 1 1  ? -0.374  5.489   11.644  1.00 61.34 ? 1   THR A N    1 
ATOM   2    C CA   . THR A 1 1  ? -1.165  6.076   10.576  1.00 61.44 ? 1   THR A CA   1 
ATOM   3    C C    . THR A 1 1  ? -2.474  6.640   11.119  1.00 68.76 ? 1   THR A C    1 
ATOM   4    O O    . THR A 1 1  ? -2.700  6.646   12.331  1.00 46.51 ? 1   THR A O    1 
ATOM   5    C CB   . THR A 1 1  ? -1.447  5.040   9.489   1.00 55.06 ? 1   THR A CB   1 
ATOM   6    O OG1  . THR A 1 1  ? -2.421  4.108   9.970   1.00 52.84 ? 1   THR A OG1  1 
ATOM   7    C CG2  . THR A 1 1  ? -0.165  4.294   9.134   1.00 36.27 ? 1   THR A CG2  1 
ATOM   8    N N    . GLY A 1 2  ? -3.334  7.120   10.216  1.00 47.39 ? 2   GLY A N    1 
ATOM   9    C CA   . GLY A 1 2  ? -4.616  7.657   10.640  1.00 49.92 ? 2   GLY A CA   1 
ATOM   10   C C    . GLY A 1 2  ? -5.474  6.649   11.377  1.00 50.03 ? 2   GLY A C    1 
ATOM   11   O O    . GLY A 1 2  ? -6.278  7.020   12.237  1.00 81.71 ? 2   GLY A O    1 
ATOM   12   N N    . GLY A 1 3  ? -5.317  5.366   11.061  1.00 39.39 ? 3   GLY A N    1 
ATOM   13   C CA   . GLY A 1 3  ? -6.101  4.336   11.708  1.00 38.31 ? 3   GLY A CA   1 
ATOM   14   C C    . GLY A 1 3  ? -5.314  3.069   11.970  1.00 48.21 ? 3   GLY A C    1 
ATOM   15   O O    . GLY A 1 3  ? -4.087  3.062   11.834  1.00 37.97 ? 3   GLY A O    1 
ATOM   16   N N    A SER A 1 4  ? -5.998  1.996   12.363  0.50 30.27 ? 4   SER A N    1 
ATOM   17   N N    B SER A 1 4  ? -6.007  1.989   12.324  0.50 30.20 ? 4   SER A N    1 
ATOM   18   C CA   A SER A 1 4  ? -5.307  0.760   12.709  0.50 29.29 ? 4   SER A CA   1 
ATOM   19   C CA   B SER A 1 4  ? -5.326  0.746   12.659  0.50 29.36 ? 4   SER A CA   1 
ATOM   20   C C    A SER A 1 4  ? -4.604  0.176   11.487  0.50 34.43 ? 4   SER A C    1 
ATOM   21   C C    B SER A 1 4  ? -4.587  0.193   11.451  0.50 34.41 ? 4   SER A C    1 
ATOM   22   O O    A SER A 1 4  ? -5.114  0.237   10.364  0.50 28.47 ? 4   SER A O    1 
ATOM   23   O O    B SER A 1 4  ? -5.050  0.293   10.310  0.50 28.46 ? 4   SER A O    1 
ATOM   24   C CB   A SER A 1 4  ? -6.290  -0.262  13.286  0.50 24.98 ? 4   SER A CB   1 
ATOM   25   C CB   B SER A 1 4  ? -6.320  -0.290  13.177  0.50 24.64 ? 4   SER A CB   1 
ATOM   26   O OG   A SER A 1 4  ? -6.994  0.226   14.420  0.50 23.33 ? 4   SER A OG   1 
ATOM   27   O OG   B SER A 1 4  ? -5.834  -1.610  13.005  0.50 33.63 ? 4   SER A OG   1 
ATOM   28   N N    . VAL A 1 5  ? -3.422  -0.388  11.711  1.00 25.86 ? 5   VAL A N    1 
ATOM   29   C CA   . VAL A 1 5  ? -2.620  -0.992  10.660  1.00 18.05 ? 5   VAL A CA   1 
ATOM   30   C C    . VAL A 1 5  ? -2.780  -2.500  10.823  1.00 32.36 ? 5   VAL A C    1 
ATOM   31   O O    . VAL A 1 5  ? -2.048  -3.131  11.594  1.00 28.65 ? 5   VAL A O    1 
ATOM   32   C CB   . VAL A 1 5  ? -1.144  -0.559  10.761  1.00 28.79 ? 5   VAL A CB   1 
ATOM   33   C CG1  . VAL A 1 5  ? -0.278  -1.313  9.743   1.00 31.48 ? 5   VAL A CG1  1 
ATOM   34   C CG2  . VAL A 1 5  ? -1.006  0.951   10.594  1.00 35.70 ? 5   VAL A CG2  1 
ATOM   35   N N    A HIS A 1 6  ? -3.704  -3.073  10.075  0.50 29.44 ? 6   HIS A N    1 
ATOM   36   N N    B HIS A 1 6  ? -3.796  -3.093  10.165  0.50 29.43 ? 6   HIS A N    1 
ATOM   37   C CA   A HIS A 1 6  ? -3.952  -4.503  10.113  0.50 32.60 ? 6   HIS A CA   1 
ATOM   38   C CA   B HIS A 1 6  ? -3.936  -4.547  10.218  0.50 32.43 ? 6   HIS A CA   1 
ATOM   39   C C    A HIS A 1 6  ? -3.185  -5.222  9.040   0.50 38.27 ? 6   HIS A C    1 
ATOM   40   C C    B HIS A 1 6  ? -3.306  -5.245  9.007   0.50 38.31 ? 6   HIS A C    1 
ATOM   41   O O    A HIS A 1 6  ? -2.880  -6.413  9.170   0.50 46.89 ? 6   HIS A O    1 
ATOM   42   O O    B HIS A 1 6  ? -3.172  -6.474  9.023   0.50 47.33 ? 6   HIS A O    1 
ATOM   43   C CB   A HIS A 1 6  ? -5.420  -4.727  9.869   0.50 25.98 ? 6   HIS A CB   1 
ATOM   44   C CB   B HIS A 1 6  ? -5.421  -4.998  10.390  0.50 36.64 ? 6   HIS A CB   1 
ATOM   45   C CG   A HIS A 1 6  ? -6.264  -4.034  10.862  0.50 19.38 ? 6   HIS A CG   1 
ATOM   46   C CG   B HIS A 1 6  ? -6.324  -4.698  9.228   0.50 23.05 ? 6   HIS A CG   1 
ATOM   47   N ND1  A HIS A 1 6  ? -6.407  -4.459  12.163  0.50 22.93 ? 6   HIS A ND1  1 
ATOM   48   N ND1  B HIS A 1 6  ? -7.671  -4.351  9.339   0.50 31.15 ? 6   HIS A ND1  1 
ATOM   49   C CD2  A HIS A 1 6  ? -6.860  -2.826  10.790  0.50 19.32 ? 6   HIS A CD2  1 
ATOM   50   C CD2  B HIS A 1 6  ? -6.030  -4.664  7.908   0.50 42.94 ? 6   HIS A CD2  1 
ATOM   51   C CE1  A HIS A 1 6  ? -7.172  -3.599  12.810  0.50 13.81 ? 6   HIS A CE1  1 
ATOM   52   C CE1  B HIS A 1 6  ? -8.147  -4.173  8.111   0.50 23.26 ? 6   HIS A CE1  1 
ATOM   53   N NE2  A HIS A 1 6  ? -7.523  -2.641  11.973  0.50 20.31 ? 6   HIS A NE2  1 
ATOM   54   N NE2  B HIS A 1 6  ? -7.171  -4.318  7.244   0.50 34.03 ? 6   HIS A NE2  1 
ATOM   55   N N    . SER A 1 7  ? -2.916  -4.496  7.972   1.00 30.25 ? 7   SER A N    1 
ATOM   56   C CA   . SER A 1 7  ? -2.205  -5.041  6.836   1.00 23.24 ? 7   SER A CA   1 
ATOM   57   C C    . SER A 1 7  ? -0.784  -5.389  7.262   1.00 23.80 ? 7   SER A C    1 
ATOM   58   O O    . SER A 1 7  ? -0.213  -4.762  8.158   1.00 24.34 ? 7   SER A O    1 
ATOM   59   C CB   . SER A 1 7  ? -2.246  -4.010  5.697   1.00 29.73 ? 7   SER A CB   1 
ATOM   60   O OG   . SER A 1 7  ? -1.093  -3.996  4.878   1.00 28.28 ? 7   SER A OG   1 
ATOM   61   N N    . SER A 1 8  ? -0.247  -6.434  6.671   1.00 19.83 ? 8   SER A N    1 
ATOM   62   C CA   . SER A 1 8  ? 1.128   -6.775  7.023   1.00 17.17 ? 8   SER A CA   1 
ATOM   63   C C    . SER A 1 8  ? 2.096   -6.135  6.039   1.00 18.09 ? 8   SER A C    1 
ATOM   64   O O    . SER A 1 8  ? 1.881   -6.216  4.821   1.00 18.53 ? 8   SER A O    1 
ATOM   65   C CB   . SER A 1 8  ? 1.330   -8.276  7.033   1.00 23.11 ? 8   SER A CB   1 
ATOM   66   O OG   . SER A 1 8  ? 0.386   -8.875  7.904   1.00 30.12 ? 8   SER A OG   1 
ATOM   67   N N    . PRO A 1 9  ? 3.166   -5.514  6.526   1.00 13.33 ? 9   PRO A N    1 
ATOM   68   C CA   . PRO A 1 9  ? 4.044   -4.758  5.629   1.00 13.27 ? 9   PRO A CA   1 
ATOM   69   C C    . PRO A 1 9  ? 4.784   -5.643  4.644   1.00 17.36 ? 9   PRO A C    1 
ATOM   70   O O    . PRO A 1 9  ? 5.070   -6.817  4.899   1.00 18.05 ? 9   PRO A O    1 
ATOM   71   C CB   . PRO A 1 9  ? 5.020   -4.054  6.581   1.00 16.83 ? 9   PRO A CB   1 
ATOM   72   C CG   . PRO A 1 9  ? 4.849   -4.696  7.909   1.00 21.40 ? 9   PRO A CG   1 
ATOM   73   C CD   . PRO A 1 9  ? 3.487   -5.317  7.948   1.00 17.46 ? 9   PRO A CD   1 
ATOM   74   N N    . ALA A 1 10 ? 5.086   -5.067  3.484   1.00 13.00 ? 10  ALA A N    1 
ATOM   75   C CA   . ALA A 1 10 ? 5.987   -5.692  2.526   1.00 13.87 ? 10  ALA A CA   1 
ATOM   76   C C    . ALA A 1 10 ? 7.171   -4.761  2.333   1.00 15.42 ? 10  ALA A C    1 
ATOM   77   O O    . ALA A 1 10 ? 7.035   -3.541  2.450   1.00 16.52 ? 10  ALA A O    1 
ATOM   78   C CB   . ALA A 1 10 ? 5.310   -5.978  1.178   1.00 18.35 ? 10  ALA A CB   1 
ATOM   79   N N    . ILE A 1 11 ? 8.334   -5.339  2.061   1.00 15.03 ? 11  ILE A N    1 
ATOM   80   C CA   . ILE A 1 11 ? 9.590   -4.600  1.979   1.00 13.07 ? 11  ILE A CA   1 
ATOM   81   C C    . ILE A 1 11 ? 10.063  -4.632  0.535   1.00 18.64 ? 11  ILE A C    1 
ATOM   82   O O    . ILE A 1 11 ? 10.200  -5.712  -0.052  1.00 17.89 ? 11  ILE A O    1 
ATOM   83   C CB   . ILE A 1 11 ? 10.665  -5.200  2.900   1.00 15.64 ? 11  ILE A CB   1 
ATOM   84   C CG1  . ILE A 1 11 ? 10.224  -5.238  4.372   1.00 19.14 ? 11  ILE A CG1  1 
ATOM   85   C CG2  . ILE A 1 11 ? 11.958  -4.420  2.781   1.00 19.59 ? 11  ILE A CG2  1 
ATOM   86   C CD1  . ILE A 1 11 ? 9.518   -4.015  4.840   1.00 23.72 ? 11  ILE A CD1  1 
ATOM   87   N N    . GLY A 1 12 ? 10.332  -3.460  -0.034  1.00 14.44 ? 12  GLY A N    1 
ATOM   88   C CA   . GLY A 1 12 ? 10.883  -3.400  -1.374  1.00 15.89 ? 12  GLY A CA   1 
ATOM   89   C C    . GLY A 1 12 ? 12.381  -3.659  -1.410  1.00 17.08 ? 12  GLY A C    1 
ATOM   90   O O    . GLY A 1 12 ? 13.060  -3.753  -0.392  1.00 15.45 ? 12  GLY A O    1 
ATOM   91   N N    . GLN A 1 13 ? 12.924  -3.758  -2.627  1.00 15.02 ? 13  GLN A N    1 
ATOM   92   C CA   . GLN A 1 13 ? 14.341  -4.095  -2.729  1.00 15.22 ? 13  GLN A CA   1 
ATOM   93   C C    . GLN A 1 13 ? 15.245  -3.001  -2.175  1.00 29.44 ? 13  GLN A C    1 
ATOM   94   O O    . GLN A 1 13 ? 16.346  -3.302  -1.696  1.00 26.92 ? 13  GLN A O    1 
ATOM   95   C CB   . GLN A 1 13 ? 14.712  -4.422  -4.170  1.00 26.55 ? 13  GLN A CB   1 
ATOM   96   C CG   . GLN A 1 13 ? 14.158  -5.759  -4.623  1.00 54.91 ? 13  GLN A CG   1 
ATOM   97   C CD   . GLN A 1 13 ? 14.464  -6.049  -6.074  1.00 88.90 ? 13  GLN A CD   1 
ATOM   98   O OE1  . GLN A 1 13 ? 15.511  -5.643  -6.584  1.00 62.40 ? 13  GLN A OE1  1 
ATOM   99   N NE2  . GLN A 1 13 ? 13.565  -6.770  -6.744  1.00 42.14 ? 13  GLN A NE2  1 
ATOM   100  N N    . ASP A 1 14 ? 14.813  -1.743  -2.208  1.00 19.13 ? 14  ASP A N    1 
ATOM   101  C CA   . ASP A 1 14 ? 15.584  -0.668  -1.595  1.00 22.67 ? 14  ASP A CA   1 
ATOM   102  C C    . ASP A 1 14 ? 15.266  -0.473  -0.120  1.00 24.67 ? 14  ASP A C    1 
ATOM   103  O O    . ASP A 1 14 ? 15.758  0.481   0.488   1.00 24.87 ? 14  ASP A O    1 
ATOM   104  C CB   . ASP A 1 14 ? 15.355  0.648   -2.347  1.00 25.43 ? 14  ASP A CB   1 
ATOM   105  C CG   . ASP A 1 14 ? 13.915  1.146   -2.251  1.00 55.26 ? 14  ASP A CG   1 
ATOM   106  O OD1  . ASP A 1 14 ? 13.038  0.418   -1.723  1.00 26.24 ? 14  ASP A OD1  1 
ATOM   107  O OD2  . ASP A 1 14 ? 13.663  2.282   -2.710  1.00 45.92 ? 14  ASP A OD2  1 
ATOM   108  N N    . GLY A 1 15 ? 14.448  -1.337  0.469   1.00 19.32 ? 15  GLY A N    1 
ATOM   109  C CA   . GLY A 1 15 ? 14.120  -1.222  1.868   1.00 17.23 ? 15  GLY A CA   1 
ATOM   110  C C    . GLY A 1 15 ? 12.847  -0.469  2.165   1.00 17.47 ? 15  GLY A C    1 
ATOM   111  O O    . GLY A 1 15 ? 12.452  -0.399  3.333   1.00 16.28 ? 15  GLY A O    1 
ATOM   112  N N    . THR A 1 16 ? 12.212  0.124   1.158   1.00 16.42 ? 16  THR A N    1 
ATOM   113  C CA   . THR A 1 16 ? 10.942  0.807   1.379   1.00 11.11 ? 16  THR A CA   1 
ATOM   114  C C    . THR A 1 16 ? 9.929   -0.154  1.986   1.00 15.43 ? 16  THR A C    1 
ATOM   115  O O    . THR A 1 16 ? 9.842   -1.320  1.592   1.00 16.48 ? 16  THR A O    1 
ATOM   116  C CB   . THR A 1 16 ? 10.401  1.367   0.068   1.00 20.26 ? 16  THR A CB   1 
ATOM   117  O OG1  . THR A 1 16 ? 11.406  2.193   -0.545  1.00 19.09 ? 16  THR A OG1  1 
ATOM   118  C CG2  . THR A 1 16 ? 9.147   2.181   0.318   1.00 16.33 ? 16  THR A CG2  1 
ATOM   119  N N    . ILE A 1 17 ? 9.170   0.340   2.954   1.00 13.25 ? 17  ILE A N    1 
ATOM   120  C CA   . ILE A 1 17 ? 8.167   -0.449  3.661   1.00 10.13 ? 17  ILE A CA   1 
ATOM   121  C C    . ILE A 1 17 ? 6.804   0.008   3.170   1.00 13.91 ? 17  ILE A C    1 
ATOM   122  O O    . ILE A 1 17 ? 6.470   1.200   3.245   1.00 15.43 ? 17  ILE A O    1 
ATOM   123  C CB   . ILE A 1 17 ? 8.290   -0.300  5.185   1.00 15.29 ? 17  ILE A CB   1 
ATOM   124  C CG1  . ILE A 1 17 ? 9.717   -0.619  5.635   1.00 19.43 ? 17  ILE A CG1  1 
ATOM   125  C CG2  . ILE A 1 17 ? 7.293   -1.217  5.902   1.00 17.18 ? 17  ILE A CG2  1 
ATOM   126  C CD1  . ILE A 1 17 ? 10.542  0.605   5.967   1.00 20.18 ? 17  ILE A CD1  1 
ATOM   127  N N    . TYR A 1 18 ? 6.021   -0.932  2.657   1.00 11.78 ? 18  TYR A N    1 
ATOM   128  C CA   . TYR A 1 18 ? 4.688   -0.636  2.159   1.00 10.03 ? 18  TYR A CA   1 
ATOM   129  C C    . TYR A 1 18 ? 3.677   -1.301  3.069   1.00 11.44 ? 18  TYR A C    1 
ATOM   130  O O    . TYR A 1 18 ? 3.826   -2.480  3.401   1.00 12.82 ? 18  TYR A O    1 
ATOM   131  C CB   . TYR A 1 18 ? 4.495   -1.151  0.738   1.00 13.19 ? 18  TYR A CB   1 
ATOM   132  C CG   . TYR A 1 18 ? 5.530   -0.677  -0.239  1.00 11.81 ? 18  TYR A CG   1 
ATOM   133  C CD1  . TYR A 1 18 ? 5.391   0.536   -0.898  1.00 15.61 ? 18  TYR A CD1  1 
ATOM   134  C CD2  . TYR A 1 18 ? 6.650   -1.442  -0.492  1.00 11.59 ? 18  TYR A CD2  1 
ATOM   135  C CE1  . TYR A 1 18 ? 6.361   0.975   -1.805  1.00 14.66 ? 18  TYR A CE1  1 
ATOM   136  C CE2  . TYR A 1 18 ? 7.625   -1.016  -1.392  1.00 20.08 ? 18  TYR A CE2  1 
ATOM   137  C CZ   . TYR A 1 18 ? 7.470   0.190   -2.043  1.00 17.48 ? 18  TYR A CZ   1 
ATOM   138  O OH   . TYR A 1 18 ? 8.436   0.601   -2.944  1.00 16.59 ? 18  TYR A OH   1 
ATOM   139  N N    . VAL A 1 19 ? 2.647   -0.561  3.446   1.00 13.31 ? 19  VAL A N    1 
ATOM   140  C CA   . VAL A 1 19 ? 1.646   -1.132  4.342   1.00 12.51 ? 19  VAL A CA   1 
ATOM   141  C C    . VAL A 1 19 ? 0.344   -0.372  4.157   1.00 14.87 ? 19  VAL A C    1 
ATOM   142  O O    . VAL A 1 19 ? 0.334   0.836   3.897   1.00 15.76 ? 19  VAL A O    1 
ATOM   143  C CB   . VAL A 1 19 ? 2.147   -1.121  5.807   1.00 16.69 ? 19  VAL A CB   1 
ATOM   144  C CG1  . VAL A 1 19 ? 2.120   0.295   6.411   1.00 19.64 ? 19  VAL A CG1  1 
ATOM   145  C CG2  . VAL A 1 19 ? 1.376   -2.135  6.645   1.00 25.03 ? 19  VAL A CG2  1 
ATOM   146  N N    . GLY A 1 20 ? -0.766  -1.113  4.249   1.00 21.72 ? 20  GLY A N    1 
ATOM   147  C CA   . GLY A 1 20 ? -2.077  -0.511  4.182   1.00 17.07 ? 20  GLY A CA   1 
ATOM   148  C C    . GLY A 1 20 ? -2.578  -0.118  5.551   1.00 19.67 ? 20  GLY A C    1 
ATOM   149  O O    . GLY A 1 20 ? -2.055  -0.540  6.580   1.00 23.81 ? 20  GLY A O    1 
ATOM   150  N N    . SER A 1 21 ? -3.618  0.706   5.554   1.00 23.88 ? 21  SER A N    1 
ATOM   151  C CA   . SER A 1 21 ? -4.171  1.201   6.801   1.00 21.03 ? 21  SER A CA   1 
ATOM   152  C C    . SER A 1 21 ? -5.686  1.254   6.699   1.00 20.51 ? 21  SER A C    1 
ATOM   153  O O    . SER A 1 21 ? -6.259  1.305   5.606   1.00 20.48 ? 21  SER A O    1 
ATOM   154  C CB   . SER A 1 21 ? -3.601  2.585   7.142   1.00 24.14 ? 21  SER A CB   1 
ATOM   155  O OG   . SER A 1 21 ? -4.274  3.159   8.251   1.00 31.52 ? 21  SER A OG   1 
ATOM   156  N N    A ASN A 1 22 ? -6.351  1.212   7.863   0.50 20.97 ? 22  ASN A N    1 
ATOM   157  N N    B ASN A 1 22 ? -6.317  1.250   7.872   0.50 20.81 ? 22  ASN A N    1 
ATOM   158  C CA   A ASN A 1 22 ? -7.804  1.394   7.862   0.50 26.27 ? 22  ASN A CA   1 
ATOM   159  C CA   B ASN A 1 22 ? -7.758  1.397   7.974   0.50 26.38 ? 22  ASN A CA   1 
ATOM   160  C C    A ASN A 1 22 ? -8.221  2.818   7.552   0.50 34.57 ? 22  ASN A C    1 
ATOM   161  C C    B ASN A 1 22 ? -8.214  2.810   7.628   0.50 34.52 ? 22  ASN A C    1 
ATOM   162  O O    A ASN A 1 22 ? -9.423  3.080   7.443   0.50 31.16 ? 22  ASN A O    1 
ATOM   163  O O    B ASN A 1 22 ? -9.420  3.045   7.494   0.50 31.02 ? 22  ASN A O    1 
ATOM   164  C CB   A ASN A 1 22 ? -8.451  1.003   9.195   0.50 19.11 ? 22  ASN A CB   1 
ATOM   165  C CB   B ASN A 1 22 ? -8.196  0.974   9.385   0.50 18.69 ? 22  ASN A CB   1 
ATOM   166  C CG   A ASN A 1 22 ? -8.532  -0.479  9.395   0.50 15.98 ? 22  ASN A CG   1 
ATOM   167  C CG   B ASN A 1 22 ? -8.990  2.051   10.116  0.50 31.35 ? 22  ASN A CG   1 
ATOM   168  O OD1  A ASN A 1 22 ? -8.082  -1.252  8.543   0.50 15.25 ? 22  ASN A OD1  1 
ATOM   169  O OD1  B ASN A 1 22 ? -8.421  2.959   10.713  0.50 44.27 ? 22  ASN A OD1  1 
ATOM   170  N ND2  A ASN A 1 22 ? -9.193  -0.896  10.494  0.50 10.97 ? 22  ASN A ND2  1 
ATOM   171  N ND2  B ASN A 1 22 ? -10.311 1.941   10.084  0.50 36.62 ? 22  ASN A ND2  1 
ATOM   172  N N    . ASP A 1 23 ? -7.281  3.747   7.444   1.00 25.94 ? 23  ASP A N    1 
ATOM   173  C CA   . ASP A 1 23 ? -7.603  5.095   6.994   1.00 30.07 ? 23  ASP A CA   1 
ATOM   174  C C    . ASP A 1 23 ? -7.688  5.201   5.472   1.00 28.87 ? 23  ASP A C    1 
ATOM   175  O O    . ASP A 1 23 ? -7.775  6.317   4.946   1.00 34.88 ? 23  ASP A O    1 
ATOM   176  C CB   . ASP A 1 23 ? -6.596  6.097   7.583   1.00 24.25 ? 23  ASP A CB   1 
ATOM   177  C CG   . ASP A 1 23 ? -5.194  5.963   7.004   1.00 30.77 ? 23  ASP A CG   1 
ATOM   178  O OD1  . ASP A 1 23 ? -4.971  5.174   6.058   1.00 31.35 ? 23  ASP A OD1  1 
ATOM   179  O OD2  . ASP A 1 23 ? -4.295  6.652   7.534   1.00 31.32 ? 23  ASP A OD2  1 
ATOM   180  N N    . HIS A 1 24 ? -7.634  4.067   4.764   1.00 26.35 ? 24  HIS A N    1 
ATOM   181  C CA   . HIS A 1 24 ? -7.904  3.868   3.338   1.00 26.32 ? 24  HIS A CA   1 
ATOM   182  C C    . HIS A 1 24 ? -6.668  4.114   2.474   1.00 33.76 ? 24  HIS A C    1 
ATOM   183  O O    . HIS A 1 24 ? -6.763  3.980   1.252   1.00 30.05 ? 24  HIS A O    1 
ATOM   184  C CB   . HIS A 1 24 ? -9.060  4.739   2.808   1.00 27.51 ? 24  HIS A CB   1 
ATOM   185  C CG   . HIS A 1 24 ? -10.373 4.479   3.483   1.00 36.24 ? 24  HIS A CG   1 
ATOM   186  N ND1  . HIS A 1 24 ? -11.549 5.074   3.078   1.00 50.15 ? 24  HIS A ND1  1 
ATOM   187  C CD2  . HIS A 1 24 ? -10.697 3.690   4.536   1.00 51.09 ? 24  HIS A CD2  1 
ATOM   188  C CE1  . HIS A 1 24 ? -12.539 4.667   3.853   1.00 54.08 ? 24  HIS A CE1  1 
ATOM   189  N NE2  . HIS A 1 24 ? -12.049 3.825   4.747   1.00 39.11 ? 24  HIS A NE2  1 
ATOM   190  N N    . TYR A 1 25 ? -5.520  4.443   3.061   1.00 28.21 ? 25  TYR A N    1 
ATOM   191  C CA   . TYR A 1 25 ? -4.308  4.735   2.304   1.00 23.38 ? 25  TYR A CA   1 
ATOM   192  C C    . TYR A 1 25 ? -3.372  3.534   2.277   1.00 21.96 ? 25  TYR A C    1 
ATOM   193  O O    . TYR A 1 25 ? -3.312  2.750   3.227   1.00 16.79 ? 25  TYR A O    1 
ATOM   194  C CB   . TYR A 1 25 ? -3.558  5.930   2.897   1.00 21.72 ? 25  TYR A CB   1 
ATOM   195  C CG   . TYR A 1 25 ? -4.262  7.249   2.690   1.00 30.96 ? 25  TYR A CG   1 
ATOM   196  C CD1  . TYR A 1 25 ? -3.837  8.138   1.711   1.00 37.10 ? 25  TYR A CD1  1 
ATOM   197  C CD2  . TYR A 1 25 ? -5.341  7.618   3.485   1.00 45.13 ? 25  TYR A CD2  1 
ATOM   198  C CE1  . TYR A 1 25 ? -4.476  9.355   1.517   1.00 47.62 ? 25  TYR A CE1  1 
ATOM   199  C CE2  . TYR A 1 25 ? -5.985  8.837   3.300   1.00 45.38 ? 25  TYR A CE2  1 
ATOM   200  C CZ   . TYR A 1 25 ? -5.546  9.700   2.315   1.00 51.59 ? 25  TYR A CZ   1 
ATOM   201  O OH   . TYR A 1 25 ? -6.180  10.908  2.122   1.00 53.11 ? 25  TYR A OH   1 
ATOM   202  N N    . LEU A 1 26 ? -2.641  3.404   1.171   1.00 18.96 ? 26  LEU A N    1 
ATOM   203  C CA   . LEU A 1 26 ? -1.431  2.599   1.128   1.00 19.21 ? 26  LEU A CA   1 
ATOM   204  C C    . LEU A 1 26 ? -0.252  3.531   1.364   1.00 21.35 ? 26  LEU A C    1 
ATOM   205  O O    . LEU A 1 26 ? -0.108  4.542   0.664   1.00 19.61 ? 26  LEU A O    1 
ATOM   206  C CB   . LEU A 1 26 ? -1.296  1.880   -0.213  1.00 16.79 ? 26  LEU A CB   1 
ATOM   207  C CG   . LEU A 1 26 ? -0.004  1.110   -0.472  1.00 22.90 ? 26  LEU A CG   1 
ATOM   208  C CD1  . LEU A 1 26 ? 0.094   -0.070  0.486   1.00 19.70 ? 26  LEU A CD1  1 
ATOM   209  C CD2  . LEU A 1 26 ? 0.026   0.636   -1.921  1.00 20.49 ? 26  LEU A CD2  1 
ATOM   210  N N    . TYR A 1 27 ? 0.576   3.204   2.357   1.00 15.01 ? 27  TYR A N    1 
ATOM   211  C CA   . TYR A 1 27 ? 1.747   4.001   2.707   1.00 13.21 ? 27  TYR A CA   1 
ATOM   212  C C    . TYR A 1 27 ? 3.008   3.376   2.131   1.00 15.45 ? 27  TYR A C    1 
ATOM   213  O O    . TYR A 1 27 ? 3.153   2.152   2.123   1.00 18.35 ? 27  TYR A O    1 
ATOM   214  C CB   . TYR A 1 27 ? 1.911   4.097   4.223   1.00 14.60 ? 27  TYR A CB   1 
ATOM   215  C CG   . TYR A 1 27 ? 0.893   4.993   4.867   1.00 19.51 ? 27  TYR A CG   1 
ATOM   216  C CD1  . TYR A 1 27 ? -0.342  4.491   5.253   1.00 24.07 ? 27  TYR A CD1  1 
ATOM   217  C CD2  . TYR A 1 27 ? 1.158   6.337   5.085   1.00 22.96 ? 27  TYR A CD2  1 
ATOM   218  C CE1  . TYR A 1 27 ? -1.291  5.305   5.834   1.00 23.84 ? 27  TYR A CE1  1 
ATOM   219  C CE2  . TYR A 1 27 ? 0.207   7.164   5.669   1.00 25.48 ? 27  TYR A CE2  1 
ATOM   220  C CZ   . TYR A 1 27 ? -1.013  6.638   6.042   1.00 24.24 ? 27  TYR A CZ   1 
ATOM   221  O OH   . TYR A 1 27 ? -1.969  7.442   6.628   1.00 29.12 ? 27  TYR A OH   1 
ATOM   222  N N    . ALA A 1 28 ? 3.926   4.226   1.671   1.00 15.81 ? 28  ALA A N    1 
ATOM   223  C CA   . ALA A 1 28 ? 5.296   3.822   1.359   1.00 13.12 ? 28  ALA A CA   1 
ATOM   224  C C    . ALA A 1 28 ? 6.198   4.608   2.287   1.00 12.42 ? 28  ALA A C    1 
ATOM   225  O O    . ALA A 1 28 ? 6.182   5.840   2.265   1.00 15.08 ? 28  ALA A O    1 
ATOM   226  C CB   . ALA A 1 28 ? 5.659   4.093   -0.102  1.00 14.16 ? 28  ALA A CB   1 
ATOM   227  N N    . ILE A 1 29 ? 6.952   3.903   3.125   1.00 14.26 ? 29  ILE A N    1 
ATOM   228  C CA   . ILE A 1 29 ? 7.730   4.521   4.191   1.00 10.63 ? 29  ILE A CA   1 
ATOM   229  C C    . ILE A 1 29 ? 9.202   4.221   3.942   1.00 14.58 ? 29  ILE A C    1 
ATOM   230  O O    . ILE A 1 29 ? 9.576   3.067   3.701   1.00 14.73 ? 29  ILE A O    1 
ATOM   231  C CB   . ILE A 1 29 ? 7.272   4.005   5.565   1.00 13.51 ? 29  ILE A CB   1 
ATOM   232  C CG1  . ILE A 1 29 ? 5.800   4.380   5.775   1.00 18.35 ? 29  ILE A CG1  1 
ATOM   233  C CG2  . ILE A 1 29 ? 8.125   4.581   6.694   1.00 16.54 ? 29  ILE A CG2  1 
ATOM   234  C CD1  . ILE A 1 29 ? 5.020   3.414   6.589   1.00 32.81 ? 29  ILE A CD1  1 
ATOM   235  N N    . ASN A 1 30 ? 10.035  5.255   3.996   1.00 15.83 ? 30  ASN A N    1 
ATOM   236  C CA   . ASN A 1 30 ? 11.466  5.040   3.849   1.00 17.28 ? 30  ASN A CA   1 
ATOM   237  C C    . ASN A 1 30 ? 12.012  4.340   5.091   1.00 11.83 ? 30  ASN A C    1 
ATOM   238  O O    . ASN A 1 30 ? 11.444  4.457   6.180   1.00 18.92 ? 30  ASN A O    1 
ATOM   239  C CB   . ASN A 1 30 ? 12.175  6.373   3.645   1.00 21.59 ? 30  ASN A CB   1 
ATOM   240  C CG   . ASN A 1 30 ? 11.856  6.992   2.314   1.00 30.34 ? 30  ASN A CG   1 
ATOM   241  O OD1  . ASN A 1 30 ? 12.138  6.418   1.256   1.00 34.40 ? 30  ASN A OD1  1 
ATOM   242  N ND2  . ASN A 1 30 ? 11.266  8.181   2.353   1.00 36.77 ? 30  ASN A ND2  1 
ATOM   243  N N    . PRO A 1 31 ? 13.123  3.613   4.953   1.00 16.33 ? 31  PRO A N    1 
ATOM   244  C CA   . PRO A 1 31 ? 13.681  2.907   6.111   1.00 16.12 ? 31  PRO A CA   1 
ATOM   245  C C    . PRO A 1 31 ? 14.044  3.823   7.261   1.00 15.73 ? 31  PRO A C    1 
ATOM   246  O O    . PRO A 1 31 ? 14.163  3.337   8.389   1.00 18.31 ? 31  PRO A O    1 
ATOM   247  C CB   . PRO A 1 31 ? 14.919  2.209   5.533   1.00 19.64 ? 31  PRO A CB   1 
ATOM   248  C CG   . PRO A 1 31 ? 14.618  2.061   4.102   1.00 24.14 ? 31  PRO A CG   1 
ATOM   249  C CD   . PRO A 1 31 ? 13.847  3.279   3.716   1.00 19.69 ? 31  PRO A CD   1 
ATOM   250  N N    . ASN A 1 32 ? 14.212  5.129   7.027   1.00 18.85 ? 32  ASN A N    1 
ATOM   251  C CA   . ASN A 1 32 ? 14.498  6.042   8.129   1.00 23.44 ? 32  ASN A CA   1 
ATOM   252  C C    . ASN A 1 32 ? 13.233  6.494   8.847   1.00 22.92 ? 32  ASN A C    1 
ATOM   253  O O    . ASN A 1 32 ? 13.313  7.332   9.750   1.00 29.52 ? 32  ASN A O    1 
ATOM   254  C CB   . ASN A 1 32 ? 15.249  7.283   7.630   1.00 29.14 ? 32  ASN A CB   1 
ATOM   255  C CG   . ASN A 1 32 ? 14.495  8.023   6.545   1.00 33.36 ? 32  ASN A CG   1 
ATOM   256  O OD1  . ASN A 1 32 ? 13.405  7.622   6.134   1.00 33.52 ? 32  ASN A OD1  1 
ATOM   257  N ND2  . ASN A 1 32 ? 15.079  9.114   6.067   1.00 46.55 ? 32  ASN A ND2  1 
ATOM   258  N N    . GLY A 1 33 ? 12.069  5.989   8.453   1.00 18.24 ? 33  GLY A N    1 
ATOM   259  C CA   . GLY A 1 33 ? 10.833  6.310   9.131   1.00 15.09 ? 33  GLY A CA   1 
ATOM   260  C C    . GLY A 1 33 ? 10.098  7.515   8.601   1.00 24.91 ? 33  GLY A C    1 
ATOM   261  O O    . GLY A 1 33 ? 9.091   7.920   9.195   1.00 21.44 ? 33  GLY A O    1 
ATOM   262  N N    . LYS A 1 34 ? 10.567  8.106   7.512   1.00 20.92 ? 34  LYS A N    1 
ATOM   263  C CA   . LYS A 1 34 ? 9.884   9.227   6.893   1.00 20.15 ? 34  LYS A CA   1 
ATOM   264  C C    . LYS A 1 34 ? 9.002   8.744   5.752   1.00 20.09 ? 34  LYS A C    1 
ATOM   265  O O    . LYS A 1 34 ? 9.327   7.783   5.048   1.00 20.57 ? 34  LYS A O    1 
ATOM   266  C CB   . LYS A 1 34 ? 10.887  10.262  6.378   1.00 20.12 ? 34  LYS A CB   1 
ATOM   267  C CG   . LYS A 1 34 ? 11.889  10.708  7.439   1.00 29.29 ? 34  LYS A CG   1 
ATOM   268  C CD   . LYS A 1 34 ? 12.503  12.051  7.101   1.00 56.27 ? 34  LYS A CD   1 
ATOM   269  C CE   . LYS A 1 34 ? 12.785  12.857  8.365   1.00 60.37 ? 34  LYS A CE   1 
ATOM   270  N NZ   . LYS A 1 34 ? 13.984  13.727  8.209   1.00 51.53 ? 34  LYS A NZ   1 
ATOM   271  N N    . LEU A 1 35 ? 7.883   9.434   5.574   1.00 21.27 ? 35  LEU A N    1 
ATOM   272  C CA   . LEU A 1 35 ? 6.933   9.072   4.535   1.00 19.43 ? 35  LEU A CA   1 
ATOM   273  C C    . LEU A 1 35 ? 7.558   9.298   3.167   1.00 27.63 ? 35  LEU A C    1 
ATOM   274  O O    . LEU A 1 35 ? 8.140   10.354  2.914   1.00 22.12 ? 35  LEU A O    1 
ATOM   275  C CB   . LEU A 1 35 ? 5.671   9.914   4.685   1.00 21.76 ? 35  LEU A CB   1 
ATOM   276  C CG   . LEU A 1 35 ? 4.609   9.735   3.610   1.00 18.65 ? 35  LEU A CG   1 
ATOM   277  C CD1  . LEU A 1 35 ? 3.978   8.360   3.810   1.00 23.03 ? 35  LEU A CD1  1 
ATOM   278  C CD2  . LEU A 1 35 ? 3.557   10.821  3.688   1.00 35.75 ? 35  LEU A CD2  1 
ATOM   279  N N    . LYS A 1 36 ? 7.474   8.295   2.295   1.00 18.64 ? 36  LYS A N    1 
ATOM   280  C CA   . LYS A 1 36 ? 7.815   8.460   0.883   1.00 19.54 ? 36  LYS A CA   1 
ATOM   281  C C    . LYS A 1 36 ? 6.610   8.984   0.103   1.00 26.66 ? 36  LYS A C    1 
ATOM   282  O O    . LYS A 1 36 ? 6.683   10.026  -0.552  1.00 24.39 ? 36  LYS A O    1 
ATOM   283  C CB   . LYS A 1 36 ? 8.306   7.125   0.303   1.00 21.55 ? 36  LYS A CB   1 
ATOM   284  C CG   . LYS A 1 36 ? 8.773   7.150   -1.141  1.00 32.10 ? 36  LYS A CG   1 
ATOM   285  C CD   . LYS A 1 36 ? 9.529   5.865   -1.471  1.00 29.15 ? 36  LYS A CD   1 
ATOM   286  C CE   . LYS A 1 36 ? 10.814  6.123   -2.214  1.00 45.00 ? 36  LYS A CE   1 
ATOM   287  N NZ   . LYS A 1 36 ? 11.992  6.243   -1.313  1.00 44.22 ? 36  LYS A NZ   1 
ATOM   288  N N    . TRP A 1 37 ? 5.494   8.267   0.175   1.00 22.30 ? 37  TRP A N    1 
ATOM   289  C CA   . TRP A 1 37 ? 4.229   8.721   -0.384  1.00 19.79 ? 37  TRP A CA   1 
ATOM   290  C C    . TRP A 1 37 ? 3.110   7.916   0.255   1.00 21.14 ? 37  TRP A C    1 
ATOM   291  O O    . TRP A 1 37 ? 3.340   6.882   0.886   1.00 19.67 ? 37  TRP A O    1 
ATOM   292  C CB   . TRP A 1 37 ? 4.179   8.579   -1.910  1.00 19.60 ? 37  TRP A CB   1 
ATOM   293  C CG   . TRP A 1 37 ? 4.629   7.245   -2.501  1.00 15.94 ? 37  TRP A CG   1 
ATOM   294  C CD1  . TRP A 1 37 ? 5.804   7.003   -3.138  1.00 17.45 ? 37  TRP A CD1  1 
ATOM   295  C CD2  . TRP A 1 37 ? 3.897   6.005   -2.536  1.00 13.64 ? 37  TRP A CD2  1 
ATOM   296  N NE1  . TRP A 1 37 ? 5.870   5.703   -3.558  1.00 17.00 ? 37  TRP A NE1  1 
ATOM   297  C CE2  . TRP A 1 37 ? 4.711   5.063   -3.207  1.00 18.47 ? 37  TRP A CE2  1 
ATOM   298  C CE3  . TRP A 1 37 ? 2.642   5.601   -2.074  1.00 17.19 ? 37  TRP A CE3  1 
ATOM   299  C CZ2  . TRP A 1 37 ? 4.310   3.745   -3.423  1.00 16.84 ? 37  TRP A CZ2  1 
ATOM   300  C CZ3  . TRP A 1 37 ? 2.243   4.287   -2.286  1.00 17.79 ? 37  TRP A CZ3  1 
ATOM   301  C CH2  . TRP A 1 37 ? 3.075   3.373   -2.956  1.00 20.18 ? 37  TRP A CH2  1 
ATOM   302  N N    . LYS A 1 38 ? 1.891   8.408   0.075   1.00 19.35 ? 38  LYS A N    1 
ATOM   303  C CA   . LYS A 1 38 ? 0.683   7.674   0.423   1.00 21.25 ? 38  LYS A CA   1 
ATOM   304  C C    . LYS A 1 38 ? -0.273  7.709   -0.763  1.00 30.19 ? 38  LYS A C    1 
ATOM   305  O O    . LYS A 1 38 ? -0.327  8.695   -1.503  1.00 24.59 ? 38  LYS A O    1 
ATOM   306  C CB   . LYS A 1 38 ? 0.025   8.252   1.685   1.00 23.99 ? 38  LYS A CB   1 
ATOM   307  C CG   . LYS A 1 38 ? -0.255  9.741   1.598   1.00 27.00 ? 38  LYS A CG   1 
ATOM   308  C CD   . LYS A 1 38 ? -1.334  10.195  2.573   1.00 44.92 ? 38  LYS A CD   1 
ATOM   309  C CE   . LYS A 1 38 ? -0.774  10.423  3.961   1.00 35.58 ? 38  LYS A CE   1 
ATOM   310  N NZ   . LYS A 1 38 ? -0.596  11.879  4.245   1.00 57.14 ? 38  LYS A NZ   1 
ATOM   311  N N    . PHE A 1 39 ? -0.995  6.611   -0.965  1.00 24.50 ? 39  PHE A N    1 
ATOM   312  C CA   . PHE A 1 39 ? -1.931  6.466   -2.073  1.00 19.29 ? 39  PHE A CA   1 
ATOM   313  C C    . PHE A 1 39 ? -3.314  6.175   -1.510  1.00 23.88 ? 39  PHE A C    1 
ATOM   314  O O    . PHE A 1 39 ? -3.494  5.198   -0.779  1.00 20.44 ? 39  PHE A O    1 
ATOM   315  C CB   . PHE A 1 39 ? -1.486  5.347   -3.017  1.00 15.61 ? 39  PHE A CB   1 
ATOM   316  C CG   . PHE A 1 39 ? -2.432  5.109   -4.143  1.00 19.43 ? 39  PHE A CG   1 
ATOM   317  C CD1  . PHE A 1 39 ? -3.485  4.213   -4.008  1.00 20.91 ? 39  PHE A CD1  1 
ATOM   318  C CD2  . PHE A 1 39 ? -2.273  5.785   -5.342  1.00 19.74 ? 39  PHE A CD2  1 
ATOM   319  C CE1  . PHE A 1 39 ? -4.360  4.001   -5.046  1.00 30.02 ? 39  PHE A CE1  1 
ATOM   320  C CE2  . PHE A 1 39 ? -3.146  5.576   -6.383  1.00 34.74 ? 39  PHE A CE2  1 
ATOM   321  C CZ   . PHE A 1 39 ? -4.193  4.687   -6.235  1.00 29.77 ? 39  PHE A CZ   1 
ATOM   322  N N    . GLU A 1 40 ? -4.294  7.005   -1.861  1.00 27.21 ? 40  GLU A N    1 
ATOM   323  C CA   . GLU A 1 40 ? -5.644  6.843   -1.331  1.00 36.21 ? 40  GLU A CA   1 
ATOM   324  C C    . GLU A 1 40 ? -6.436  5.872   -2.200  1.00 32.65 ? 40  GLU A C    1 
ATOM   325  O O    . GLU A 1 40 ? -6.551  6.066   -3.416  1.00 35.06 ? 40  GLU A O    1 
ATOM   326  C CB   . GLU A 1 40 ? -6.379  8.180   -1.239  1.00 47.27 ? 40  GLU A CB   1 
ATOM   327  C CG   . GLU A 1 40 ? -7.670  8.089   -0.426  1.00 56.73 ? 40  GLU A CG   1 
ATOM   328  C CD   . GLU A 1 40 ? -8.394  9.417   -0.300  1.00 80.56 ? 40  GLU A CD   1 
ATOM   329  O OE1  . GLU A 1 40 ? -8.242  10.267  -1.204  1.00 60.90 ? 40  GLU A OE1  1 
ATOM   330  O OE2  . GLU A 1 40 ? -9.120  9.607   0.703   1.00 68.88 ? 40  GLU A OE2  1 
ATOM   331  N N    . THR A 1 41 ? -6.979  4.835   -1.572  1.00 57.89 ? 41  THR A N    1 
ATOM   332  C CA   . THR A 1 41 ? -7.926  3.935   -2.207  1.00 45.84 ? 41  THR A CA   1 
ATOM   333  C C    . THR A 1 41 ? -9.337  4.290   -1.735  1.00 63.69 ? 41  THR A C    1 
ATOM   334  O O    . THR A 1 41 ? -9.555  5.267   -1.007  1.00 55.74 ? 41  THR A O    1 
ATOM   335  C CB   . THR A 1 41 ? -7.579  2.476   -1.892  1.00 58.50 ? 41  THR A CB   1 
ATOM   336  O OG1  . THR A 1 41 ? -7.934  2.172   -0.535  1.00 36.86 ? 41  THR A OG1  1 
ATOM   337  C CG2  . THR A 1 41 ? -6.081  2.235   -2.073  1.00 35.04 ? 41  THR A CG2  1 
ATOM   338  N N    . GLY A 1 42 ? -10.308 3.472   -2.145  1.00 56.92 ? 42  GLY A N    1 
ATOM   339  C CA   . GLY A 1 42 ? -11.689 3.741   -1.768  1.00 53.16 ? 42  GLY A CA   1 
ATOM   340  C C    . GLY A 1 42 ? -11.988 3.390   -0.318  1.00 52.44 ? 42  GLY A C    1 
ATOM   341  O O    . GLY A 1 42 ? -12.585 4.182   0.418   1.00 79.98 ? 42  GLY A O    1 
ATOM   342  N N    . GLY A 1 43 ? -11.579 2.196   0.114   1.00 37.10 ? 43  GLY A N    1 
ATOM   343  C CA   . GLY A 1 43 ? -11.910 1.715   1.448   1.00 32.30 ? 43  GLY A CA   1 
ATOM   344  C C    . GLY A 1 43 ? -10.700 1.289   2.249   1.00 44.52 ? 43  GLY A C    1 
ATOM   345  O O    . GLY A 1 43 ? -9.566  1.596   1.870   1.00 34.89 ? 43  GLY A O    1 
ATOM   346  N N    . SER A 1 44 ? -10.926 0.587   3.358   1.00 31.98 ? 44  SER A N    1 
ATOM   347  C CA   . SER A 1 44 ? -9.810  0.110   4.166   1.00 25.75 ? 44  SER A CA   1 
ATOM   348  C C    . SER A 1 44 ? -8.981  -0.891  3.370   1.00 35.24 ? 44  SER A C    1 
ATOM   349  O O    . SER A 1 44 ? -9.495  -1.636  2.532   1.00 26.13 ? 44  SER A O    1 
ATOM   350  C CB   . SER A 1 44 ? -10.303 -0.545  5.458   1.00 32.42 ? 44  SER A CB   1 
ATOM   351  O OG   . SER A 1 44 ? -11.141 0.335   6.199   1.00 26.93 ? 44  SER A OG   1 
ATOM   352  N N    . VAL A 1 45 ? -7.685  -0.906  3.638   1.00 32.06 ? 45  VAL A N    1 
ATOM   353  C CA   . VAL A 1 45 ? -6.762  -1.791  2.939   1.00 28.67 ? 45  VAL A CA   1 
ATOM   354  C C    . VAL A 1 45 ? -6.516  -2.969  3.880   1.00 29.71 ? 45  VAL A C    1 
ATOM   355  O O    . VAL A 1 45 ? -5.610  -2.946  4.716   1.00 42.18 ? 45  VAL A O    1 
ATOM   356  C CB   . VAL A 1 45 ? -5.477  -1.064  2.558   1.00 26.92 ? 45  VAL A CB   1 
ATOM   357  C CG1  . VAL A 1 45 ? -4.524  -2.011  1.867   1.00 25.47 ? 45  VAL A CG1  1 
ATOM   358  C CG2  . VAL A 1 45 ? -5.792  0.171   1.717   1.00 21.47 ? 45  VAL A CG2  1 
ATOM   359  N N    A HIS A 1 46 ? -7.339  -4.016  3.780   0.50 29.75 ? 46  HIS A N    1 
ATOM   360  N N    B HIS A 1 46 ? -7.355  -4.003  3.732   0.50 29.78 ? 46  HIS A N    1 
ATOM   361  C CA   A HIS A 1 46 ? -7.127  -5.206  4.601   0.50 28.37 ? 46  HIS A CA   1 
ATOM   362  C CA   B HIS A 1 46 ? -7.289  -5.248  4.487   0.50 29.24 ? 46  HIS A CA   1 
ATOM   363  C C    A HIS A 1 46 ? -6.280  -6.256  3.915   0.50 28.77 ? 46  HIS A C    1 
ATOM   364  C C    B HIS A 1 46 ? -6.498  -6.322  3.761   0.50 28.05 ? 46  HIS A C    1 
ATOM   365  O O    A HIS A 1 46 ? -6.133  -7.362  4.441   0.50 49.28 ? 46  HIS A O    1 
ATOM   366  O O    B HIS A 1 46 ? -6.611  -7.506  4.093   0.50 43.68 ? 46  HIS A O    1 
ATOM   367  C CB   A HIS A 1 46 ? -8.455  -5.829  5.033   0.50 27.21 ? 46  HIS A CB   1 
ATOM   368  C CB   B HIS A 1 46 ? -8.703  -5.762  4.792   0.50 28.03 ? 46  HIS A CB   1 
ATOM   369  C CG   A HIS A 1 46 ? -9.206  -4.975  5.992   0.50 14.97 ? 46  HIS A CG   1 
ATOM   370  C CG   B HIS A 1 46 ? -8.800  -6.579  6.051   0.50 33.10 ? 46  HIS A CG   1 
ATOM   371  N ND1  A HIS A 1 46 ? -10.571 -5.073  6.213   0.50 17.44 ? 46  HIS A ND1  1 
ATOM   372  N ND1  B HIS A 1 46 ? -9.800  -6.395  6.984   0.50 23.19 ? 46  HIS A ND1  1 
ATOM   373  C CD2  A HIS A 1 46 ? -8.760  -3.951  6.753   0.50 17.77 ? 46  HIS A CD2  1 
ATOM   374  C CD2  B HIS A 1 46 ? -8.001  -7.555  6.549   0.50 40.08 ? 46  HIS A CD2  1 
ATOM   375  C CE1  A HIS A 1 46 ? -10.904 -4.151  7.102   0.50 12.42 ? 46  HIS A CE1  1 
ATOM   376  C CE1  B HIS A 1 46 ? -9.625  -7.236  7.988   0.50 19.90 ? 46  HIS A CE1  1 
ATOM   377  N NE2  A HIS A 1 46 ? -9.832  -3.461  7.441   0.50 12.07 ? 46  HIS A NE2  1 
ATOM   378  N NE2  B HIS A 1 46 ? -8.541  -7.952  7.748   0.50 31.77 ? 46  HIS A NE2  1 
ATOM   379  N N    . SER A 1 47 ? -5.726  -5.939  2.760   1.00 35.23 ? 47  SER A N    1 
ATOM   380  C CA   . SER A 1 47 ? -4.871  -6.850  2.033   1.00 17.28 ? 47  SER A CA   1 
ATOM   381  C C    . SER A 1 47 ? -3.438  -6.461  2.363   1.00 26.92 ? 47  SER A C    1 
ATOM   382  O O    . SER A 1 47 ? -3.150  -5.292  2.636   1.00 22.14 ? 47  SER A O    1 
ATOM   383  C CB   . SER A 1 47 ? -5.180  -6.758  0.530   1.00 23.68 ? 47  SER A CB   1 
ATOM   384  O OG   . SER A 1 47 ? -4.075  -7.074  -0.286  1.00 34.67 ? 47  SER A OG   1 
ATOM   385  N N    . SER A 1 48 ? -2.573  -7.439  2.419   1.00 18.07 ? 48  SER A N    1 
ATOM   386  C CA   . SER A 1 48 ? -1.175  -7.072  2.585   1.00 17.37 ? 48  SER A CA   1 
ATOM   387  C C    . SER A 1 48 ? -0.534  -6.922  1.217   1.00 18.17 ? 48  SER A C    1 
ATOM   388  O O    . SER A 1 48 ? -0.732  -7.780  0.348   1.00 18.87 ? 48  SER A O    1 
ATOM   389  C CB   . SER A 1 48 ? -0.417  -8.115  3.389   1.00 23.83 ? 48  SER A CB   1 
ATOM   390  O OG   . SER A 1 48 ? -1.062  -8.319  4.631   1.00 29.61 ? 48  SER A OG   1 
ATOM   391  N N    . PRO A 1 49 ? 0.220   -5.859  0.993   1.00 12.13 ? 49  PRO A N    1 
ATOM   392  C CA   . PRO A 1 49 ? 0.772   -5.625  -0.346  1.00 13.48 ? 49  PRO A CA   1 
ATOM   393  C C    . PRO A 1 49 ? 1.757   -6.705  -0.762  1.00 17.25 ? 49  PRO A C    1 
ATOM   394  O O    . PRO A 1 49 ? 2.391   -7.367  0.064   1.00 16.92 ? 49  PRO A O    1 
ATOM   395  C CB   . PRO A 1 49 ? 1.455   -4.259  -0.216  1.00 15.30 ? 49  PRO A CB   1 
ATOM   396  C CG   . PRO A 1 49 ? 1.608   -4.021  1.263   1.00 19.35 ? 49  PRO A CG   1 
ATOM   397  C CD   . PRO A 1 49 ? 0.503   -4.760  1.929   1.00 18.99 ? 49  PRO A CD   1 
ATOM   398  N N    . ALA A 1 50 ? 1.871   -6.885  -2.076  1.00 13.52 ? 50  ALA A N    1 
ATOM   399  C CA   . ALA A 1 50 ? 2.876   -7.737  -2.687  1.00 14.93 ? 50  ALA A CA   1 
ATOM   400  C C    . ALA A 1 50 ? 3.638   -6.898  -3.693  1.00 14.18 ? 50  ALA A C    1 
ATOM   401  O O    . ALA A 1 50 ? 3.077   -5.986  -4.298  1.00 14.53 ? 50  ALA A O    1 
ATOM   402  C CB   . ALA A 1 50 ? 2.246   -8.947  -3.385  1.00 16.18 ? 50  ALA A CB   1 
ATOM   403  N N    . ILE A 1 51 ? 4.923   -7.188  -3.859  1.00 13.95 ? 51  ILE A N    1 
ATOM   404  C CA   . ILE A 1 51 ? 5.782   -6.387  -4.724  1.00 12.78 ? 51  ILE A CA   1 
ATOM   405  C C    . ILE A 1 51 ? 6.218   -7.240  -5.906  1.00 17.81 ? 51  ILE A C    1 
ATOM   406  O O    . ILE A 1 51 ? 6.689   -8.374  -5.731  1.00 17.57 ? 51  ILE A O    1 
ATOM   407  C CB   . ILE A 1 51 ? 6.987   -5.824  -3.951  1.00 13.06 ? 51  ILE A CB   1 
ATOM   408  C CG1  . ILE A 1 51 ? 6.502   -4.914  -2.825  1.00 21.08 ? 51  ILE A CG1  1 
ATOM   409  C CG2  . ILE A 1 51 ? 7.892   -5.050  -4.873  1.00 21.57 ? 51  ILE A CG2  1 
ATOM   410  C CD1  . ILE A 1 51 ? 7.352   -4.989  -1.608  1.00 29.74 ? 51  ILE A CD1  1 
ATOM   411  N N    . GLY A 1 52 ? 6.068   -6.694  -7.109  1.00 15.88 ? 52  GLY A N    1 
ATOM   412  C CA   . GLY A 1 52 ? 6.443   -7.416  -8.305  1.00 19.89 ? 52  GLY A CA   1 
ATOM   413  C C    . GLY A 1 52 ? 7.921   -7.290  -8.612  1.00 19.56 ? 52  GLY A C    1 
ATOM   414  O O    . GLY A 1 52 ? 8.667   -6.550  -7.973  1.00 18.61 ? 52  GLY A O    1 
ATOM   415  N N    . GLN A 1 53 ? 8.351   -8.043  -9.625  1.00 22.83 ? 53  GLN A N    1 
ATOM   416  C CA   . GLN A 1 53 ? 9.767   -8.048  -9.972  1.00 24.47 ? 53  GLN A CA   1 
ATOM   417  C C    . GLN A 1 53 ? 10.228  -6.681  -10.462 1.00 20.33 ? 53  GLN A C    1 
ATOM   418  O O    . GLN A 1 53 ? 11.392  -6.316  -10.277 1.00 24.87 ? 53  GLN A O    1 
ATOM   419  C CB   . GLN A 1 53 ? 10.041  -9.128  -11.018 1.00 23.23 ? 53  GLN A CB   1 
ATOM   420  C CG   . GLN A 1 53 ? 9.741   -10.560 -10.548 1.00 32.49 ? 53  GLN A CG   1 
ATOM   421  C CD   . GLN A 1 53 ? 8.257   -10.960 -10.634 1.00 39.12 ? 53  GLN A CD   1 
ATOM   422  O OE1  . GLN A 1 53 ? 7.370   -10.133 -10.894 1.00 30.72 ? 53  GLN A OE1  1 
ATOM   423  N NE2  . GLN A 1 53 ? 7.993   -12.245 -10.423 1.00 35.85 ? 53  GLN A NE2  1 
ATOM   424  N N    . ASP A 1 54 ? 9.328   -5.897  -11.045 1.00 20.57 ? 54  ASP A N    1 
ATOM   425  C CA   . ASP A 1 54 ? 9.660   -4.561  -11.512 1.00 22.10 ? 54  ASP A CA   1 
ATOM   426  C C    . ASP A 1 54 ? 9.353   -3.480  -10.478 1.00 18.60 ? 54  ASP A C    1 
ATOM   427  O O    . ASP A 1 54 ? 9.416   -2.287  -10.799 1.00 23.33 ? 54  ASP A O    1 
ATOM   428  C CB   . ASP A 1 54 ? 8.928   -4.285  -12.826 1.00 28.53 ? 54  ASP A CB   1 
ATOM   429  C CG   . ASP A 1 54 ? 7.425   -4.162  -12.653 1.00 40.67 ? 54  ASP A CG   1 
ATOM   430  O OD1  . ASP A 1 54 ? 6.886   -4.565  -11.591 1.00 29.10 ? 54  ASP A OD1  1 
ATOM   431  O OD2  . ASP A 1 54 ? 6.779   -3.690  -13.611 1.00 28.26 ? 54  ASP A OD2  1 
ATOM   432  N N    . GLY A 1 55 ? 9.014   -3.879  -9.250  1.00 17.54 ? 55  GLY A N    1 
ATOM   433  C CA   . GLY A 1 55 ? 8.766   -2.962  -8.165  1.00 18.51 ? 55  GLY A CA   1 
ATOM   434  C C    . GLY A 1 55 ? 7.321   -2.556  -7.981  1.00 11.10 ? 55  GLY A C    1 
ATOM   435  O O    . GLY A 1 55 ? 7.017   -1.855  -7.006  1.00 14.81 ? 55  GLY A O    1 
ATOM   436  N N    . THR A 1 56 ? 6.423   -2.955  -8.889  1.00 12.99 ? 56  THR A N    1 
ATOM   437  C CA   . THR A 1 56 ? 5.015   -2.602  -8.760  1.00 12.44 ? 56  THR A CA   1 
ATOM   438  C C    . THR A 1 56 ? 4.458   -3.156  -7.458  1.00 14.43 ? 56  THR A C    1 
ATOM   439  O O    . THR A 1 56 ? 4.781   -4.278  -7.059  1.00 15.30 ? 56  THR A O    1 
ATOM   440  C CB   . THR A 1 56 ? 4.203   -3.154  -9.937  1.00 15.71 ? 56  THR A CB   1 
ATOM   441  O OG1  . THR A 1 56 ? 4.759   -2.679  -11.172 1.00 19.86 ? 56  THR A OG1  1 
ATOM   442  C CG2  . THR A 1 56 ? 2.741   -2.706  -9.839  1.00 17.28 ? 56  THR A CG2  1 
ATOM   443  N N    . ILE A 1 57 ? 3.632   -2.355  -6.786  1.00 17.81 ? 57  ILE A N    1 
ATOM   444  C CA   . ILE A 1 57 ? 3.022   -2.730  -5.513  1.00 10.40 ? 57  ILE A CA   1 
ATOM   445  C C    . ILE A 1 57 ? 1.562   -3.070  -5.769  1.00 12.02 ? 57  ILE A C    1 
ATOM   446  O O    . ILE A 1 57 ? 0.819   -2.249  -6.320  1.00 14.45 ? 57  ILE A O    1 
ATOM   447  C CB   . ILE A 1 57 ? 3.144   -1.600  -4.480  1.00 11.96 ? 57  ILE A CB   1 
ATOM   448  C CG1  . ILE A 1 57 ? 4.607   -1.190  -4.339  1.00 17.79 ? 57  ILE A CG1  1 
ATOM   449  C CG2  . ILE A 1 57 ? 2.631   -2.078  -3.136  1.00 17.32 ? 57  ILE A CG2  1 
ATOM   450  C CD1  . ILE A 1 57 ? 4.938   0.111   -5.032  1.00 23.13 ? 57  ILE A CD1  1 
ATOM   451  N N    . TYR A 1 58 ? 1.152   -4.271  -5.371  1.00 11.36 ? 58  TYR A N    1 
ATOM   452  C CA   . TYR A 1 58 ? -0.213  -4.730  -5.581  1.00 9.15  ? 58  TYR A CA   1 
ATOM   453  C C    . TYR A 1 58 ? -0.894  -4.878  -4.238  1.00 11.34 ? 58  TYR A C    1 
ATOM   454  O O    . TYR A 1 58 ? -0.323  -5.460  -3.311  1.00 14.63 ? 58  TYR A O    1 
ATOM   455  C CB   . TYR A 1 58 ? -0.247  -6.071  -6.311  1.00 17.01 ? 58  TYR A CB   1 
ATOM   456  C CG   . TYR A 1 58 ? 0.522   -6.085  -7.604  1.00 11.86 ? 58  TYR A CG   1 
ATOM   457  C CD1  . TYR A 1 58 ? -0.073  -5.661  -8.792  1.00 9.70  ? 58  TYR A CD1  1 
ATOM   458  C CD2  . TYR A 1 58 ? 1.832   -6.534  -7.638  1.00 11.39 ? 58  TYR A CD2  1 
ATOM   459  C CE1  . TYR A 1 58 ? 0.625   -5.672  -9.985  1.00 16.26 ? 58  TYR A CE1  1 
ATOM   460  C CE2  . TYR A 1 58 ? 2.545   -6.549  -8.832  1.00 13.16 ? 58  TYR A CE2  1 
ATOM   461  C CZ   . TYR A 1 58 ? 1.934   -6.121  -9.993  1.00 15.01 ? 58  TYR A CZ   1 
ATOM   462  O OH   . TYR A 1 58 ? 2.646   -6.145  -11.170 1.00 17.39 ? 58  TYR A OH   1 
ATOM   463  N N    . VAL A 1 59 ? -2.118  -4.387  -4.144  1.00 13.14 ? 59  VAL A N    1 
ATOM   464  C CA   . VAL A 1 59 ? -2.847  -4.518  -2.891  1.00 13.23 ? 59  VAL A CA   1 
ATOM   465  C C    . VAL A 1 59 ? -4.335  -4.491  -3.195  1.00 16.44 ? 59  VAL A C    1 
ATOM   466  O O    . VAL A 1 59 ? -4.790  -3.789  -4.102  1.00 14.95 ? 59  VAL A O    1 
ATOM   467  C CB   . VAL A 1 59 ? -2.394  -3.434  -1.888  1.00 16.39 ? 59  VAL A CB   1 
ATOM   468  C CG1  . VAL A 1 59 ? -2.921  -2.076  -2.262  1.00 13.27 ? 59  VAL A CG1  1 
ATOM   469  C CG2  . VAL A 1 59 ? -2.770  -3.834  -0.471  1.00 25.03 ? 59  VAL A CG2  1 
ATOM   470  N N    . GLY A 1 60 ? -5.084  -5.309  -2.466  1.00 16.98 ? 60  GLY A N    1 
ATOM   471  C CA   . GLY A 1 60 ? -6.524  -5.298  -2.574  1.00 17.28 ? 60  GLY A CA   1 
ATOM   472  C C    . GLY A 1 60 ? -7.116  -4.268  -1.635  1.00 18.17 ? 60  GLY A C    1 
ATOM   473  O O    . GLY A 1 60 ? -6.507  -3.874  -0.642  1.00 19.62 ? 60  GLY A O    1 
ATOM   474  N N    . SER A 1 61 ? -8.309  -3.804  -1.971  1.00 24.62 ? 61  SER A N    1 
ATOM   475  C CA   . SER A 1 61 ? -8.984  -2.839  -1.132  1.00 15.79 ? 61  SER A CA   1 
ATOM   476  C C    . SER A 1 61 ? -10.422 -3.282  -0.931  1.00 19.30 ? 61  SER A C    1 
ATOM   477  O O    . SER A 1 61 ? -10.956 -4.102  -1.679  1.00 21.95 ? 61  SER A O    1 
ATOM   478  C CB   . SER A 1 61 ? -8.952  -1.429  -1.735  1.00 25.32 ? 61  SER A CB   1 
ATOM   479  O OG   . SER A 1 61 ? -9.606  -0.496  -0.888  1.00 31.03 ? 61  SER A OG   1 
ATOM   480  N N    . ASN A 1 62 ? -11.048 -2.715  0.089   1.00 21.97 ? 62  ASN A N    1 
ATOM   481  C CA   . ASN A 1 62 ? -12.425 -3.088  0.364   1.00 26.85 ? 62  ASN A CA   1 
ATOM   482  C C    . ASN A 1 62 ? -13.398 -2.418  -0.595  1.00 40.62 ? 62  ASN A C    1 
ATOM   483  O O    . ASN A 1 62 ? -14.607 -2.670  -0.513  1.00 37.75 ? 62  ASN A O    1 
ATOM   484  C CB   . ASN A 1 62 ? -12.784 -2.746  1.809   1.00 22.28 ? 62  ASN A CB   1 
ATOM   485  C CG   . ASN A 1 62 ? -12.377 -3.835  2.771   1.00 20.79 ? 62  ASN A CG   1 
ATOM   486  O OD1  . ASN A 1 62 ? -12.266 -3.607  3.972   1.00 26.79 ? 62  ASN A OD1  1 
ATOM   487  N ND2  . ASN A 1 62 ? -12.025 -4.990  2.231   1.00 27.93 ? 62  ASN A ND2  1 
ATOM   488  N N    . ASP A 1 63 ? -12.902 -1.567  -1.493  1.00 33.15 ? 63  ASP A N    1 
ATOM   489  C CA   . ASP A 1 63 ? -13.728 -1.008  -2.553  1.00 27.73 ? 63  ASP A CA   1 
ATOM   490  C C    . ASP A 1 63 ? -13.883 -1.961  -3.733  1.00 25.10 ? 63  ASP A C    1 
ATOM   491  O O    . ASP A 1 63 ? -14.448 -1.562  -4.757  1.00 34.39 ? 63  ASP A O    1 
ATOM   492  C CB   . ASP A 1 63 ? -13.164 0.340   -3.026  1.00 30.00 ? 63  ASP A CB   1 
ATOM   493  C CG   . ASP A 1 63 ? -11.779 0.228   -3.661  1.00 38.18 ? 63  ASP A CG   1 
ATOM   494  O OD1  . ASP A 1 63 ? -11.285 -0.895  -3.888  1.00 37.36 ? 63  ASP A OD1  1 
ATOM   495  O OD2  . ASP A 1 63 ? -11.175 1.286   -3.935  1.00 35.95 ? 63  ASP A OD2  1 
ATOM   496  N N    . HIS A 1 64 ? -13.373 -3.188  -3.598  1.00 24.69 ? 64  HIS A N    1 
ATOM   497  C CA   . HIS A 1 64 ? -13.514 -4.322  -4.520  1.00 20.28 ? 64  HIS A CA   1 
ATOM   498  C C    . HIS A 1 64 ? -12.462 -4.305  -5.622  1.00 32.01 ? 64  HIS A C    1 
ATOM   499  O O    . HIS A 1 64 ? -12.518 -5.153  -6.523  1.00 35.64 ? 64  HIS A O    1 
ATOM   500  C CB   . HIS A 1 64 ? -14.907 -4.402  -5.157  1.00 27.77 ? 64  HIS A CB   1 
ATOM   501  C CG   . HIS A 1 64 ? -16.023 -4.545  -4.167  1.00 34.57 ? 64  HIS A CG   1 
ATOM   502  N ND1  . HIS A 1 64 ? -17.306 -4.885  -4.540  1.00 33.57 ? 64  HIS A ND1  1 
ATOM   503  C CD2  . HIS A 1 64 ? -16.051 -4.391  -2.822  1.00 41.79 ? 64  HIS A CD2  1 
ATOM   504  C CE1  . HIS A 1 64 ? -18.075 -4.937  -3.466  1.00 54.62 ? 64  HIS A CE1  1 
ATOM   505  N NE2  . HIS A 1 64 ? -17.339 -4.639  -2.410  1.00 38.10 ? 64  HIS A NE2  1 
ATOM   506  N N    . TYR A 1 65 ? -11.498 -3.393  -5.576  1.00 26.81 ? 65  TYR A N    1 
ATOM   507  C CA   . TYR A 1 65 ? -10.459 -3.284  -6.594  1.00 25.25 ? 65  TYR A CA   1 
ATOM   508  C C    . TYR A 1 65 ? -9.161  -3.923  -6.122  1.00 21.46 ? 65  TYR A C    1 
ATOM   509  O O    . TYR A 1 65 ? -8.815  -3.851  -4.942  1.00 20.74 ? 65  TYR A O    1 
ATOM   510  C CB   . TYR A 1 65 ? -10.200 -1.815  -6.933  1.00 27.27 ? 65  TYR A CB   1 
ATOM   511  C CG   . TYR A 1 65 ? -11.215 -1.204  -7.872  1.00 32.41 ? 65  TYR A CG   1 
ATOM   512  C CD1  . TYR A 1 65 ? -11.200 -1.501  -9.228  1.00 33.88 ? 65  TYR A CD1  1 
ATOM   513  C CD2  . TYR A 1 65 ? -12.213 -0.362  -7.397  1.00 40.00 ? 65  TYR A CD2  1 
ATOM   514  C CE1  . TYR A 1 65 ? -12.124 -0.943  -10.089 1.00 32.08 ? 65  TYR A CE1  1 
ATOM   515  C CE2  . TYR A 1 65 ? -13.149 0.187   -8.248  1.00 51.04 ? 65  TYR A CE2  1 
ATOM   516  C CZ   . TYR A 1 65 ? -13.102 -0.112  -9.595  1.00 46.64 ? 65  TYR A CZ   1 
ATOM   517  O OH   . TYR A 1 65 ? -14.029 0.433   -10.453 1.00 77.25 ? 65  TYR A OH   1 
ATOM   518  N N    . LEU A 1 66 ? -8.439  -4.540  -7.051  1.00 19.36 ? 66  LEU A N    1 
ATOM   519  C CA   . LEU A 1 66 ? -7.030  -4.839  -6.864  1.00 18.64 ? 66  LEU A CA   1 
ATOM   520  C C    . LEU A 1 66 ? -6.258  -3.694  -7.502  1.00 22.49 ? 66  LEU A C    1 
ATOM   521  O O    . LEU A 1 66 ? -6.427  -3.421  -8.693  1.00 20.64 ? 66  LEU A O    1 
ATOM   522  C CB   . LEU A 1 66 ? -6.625  -6.170  -7.493  1.00 19.34 ? 66  LEU A CB   1 
ATOM   523  C CG   . LEU A 1 66 ? -5.117  -6.415  -7.423  1.00 24.14 ? 66  LEU A CG   1 
ATOM   524  C CD1  . LEU A 1 66 ? -4.709  -6.846  -6.039  1.00 23.64 ? 66  LEU A CD1  1 
ATOM   525  C CD2  . LEU A 1 66 ? -4.683  -7.447  -8.442  1.00 29.93 ? 66  LEU A CD2  1 
ATOM   526  N N    . TYR A 1 67 ? -5.442  -3.014  -6.707  1.00 14.99 ? 67  TYR A N    1 
ATOM   527  C CA   . TYR A 1 67 ? -4.659  -1.882  -7.173  1.00 17.88 ? 67  TYR A CA   1 
ATOM   528  C C    . TYR A 1 67 ? -3.257  -2.325  -7.558  1.00 16.92 ? 67  TYR A C    1 
ATOM   529  O O    . TYR A 1 67 ? -2.656  -3.169  -6.889  1.00 16.78 ? 67  TYR A O    1 
ATOM   530  C CB   . TYR A 1 67 ? -4.566  -0.820  -6.076  1.00 12.13 ? 67  TYR A CB   1 
ATOM   531  C CG   . TYR A 1 67 ? -5.836  -0.037  -5.899  1.00 14.23 ? 67  TYR A CG   1 
ATOM   532  C CD1  . TYR A 1 67 ? -6.858  -0.510  -5.085  1.00 22.08 ? 67  TYR A CD1  1 
ATOM   533  C CD2  . TYR A 1 67 ? -6.030  1.161   -6.570  1.00 21.41 ? 67  TYR A CD2  1 
ATOM   534  C CE1  . TYR A 1 67 ? -8.025  0.204   -4.930  1.00 20.89 ? 67  TYR A CE1  1 
ATOM   535  C CE2  . TYR A 1 67 ? -7.194  1.877   -6.427  1.00 29.46 ? 67  TYR A CE2  1 
ATOM   536  C CZ   . TYR A 1 67 ? -8.190  1.393   -5.606  1.00 30.47 ? 67  TYR A CZ   1 
ATOM   537  O OH   . TYR A 1 67 ? -9.353  2.110   -5.459  1.00 29.60 ? 67  TYR A OH   1 
ATOM   538  N N    . ALA A 1 68 ? -2.741  -1.746  -8.640  1.00 16.93 ? 68  ALA A N    1 
ATOM   539  C CA   . ALA A 1 68 ? -1.330  -1.826  -8.989  1.00 13.74 ? 68  ALA A CA   1 
ATOM   540  C C    . ALA A 1 68 ? -0.781  -0.410  -8.950  1.00 12.29 ? 68  ALA A C    1 
ATOM   541  O O    . ALA A 1 68 ? -1.258  0.454   -9.693  1.00 16.58 ? 68  ALA A O    1 
ATOM   542  C CB   . ALA A 1 68 ? -1.139  -2.452  -10.372 1.00 15.34 ? 68  ALA A CB   1 
ATOM   543  N N    . ILE A 1 69 ? 0.190   -0.168  -8.070  1.00 13.23 ? 69  ILE A N    1 
ATOM   544  C CA   . ILE A 1 69 ? 0.762   1.158   -7.846  1.00 11.54 ? 69  ILE A CA   1 
ATOM   545  C C    . ILE A 1 69 ? 2.217   1.132   -8.288  1.00 9.48  ? 69  ILE A C    1 
ATOM   546  O O    . ILE A 1 69 ? 2.956   0.211   -7.935  1.00 14.20 ? 69  ILE A O    1 
ATOM   547  C CB   . ILE A 1 69 ? 0.661   1.573   -6.368  1.00 13.82 ? 69  ILE A CB   1 
ATOM   548  C CG1  . ILE A 1 69 ? -0.742  1.312   -5.823  1.00 15.58 ? 69  ILE A CG1  1 
ATOM   549  C CG2  . ILE A 1 69 ? 1.073   3.028   -6.171  1.00 14.21 ? 69  ILE A CG2  1 
ATOM   550  C CD1  . ILE A 1 69 ? -1.817  2.042   -6.553  1.00 21.15 ? 69  ILE A CD1  1 
ATOM   551  N N    . ASN A 1 70 ? 2.631   2.146   -9.044  1.00 13.01 ? 70  ASN A N    1 
ATOM   552  C CA   . ASN A 1 70 ? 4.040   2.275   -9.409  1.00 16.54 ? 70  ASN A CA   1 
ATOM   553  C C    . ASN A 1 70 ? 4.879   2.648   -8.191  1.00 15.40 ? 70  ASN A C    1 
ATOM   554  O O    . ASN A 1 70 ? 4.363   3.213   -7.223  1.00 14.10 ? 70  ASN A O    1 
ATOM   555  C CB   . ASN A 1 70 ? 4.225   3.344   -10.484 1.00 17.09 ? 70  ASN A CB   1 
ATOM   556  C CG   . ASN A 1 70 ? 3.607   2.959   -11.797 1.00 25.30 ? 70  ASN A CG   1 
ATOM   557  O OD1  . ASN A 1 70 ? 3.940   1.917   -12.380 1.00 25.30 ? 70  ASN A OD1  1 
ATOM   558  N ND2  . ASN A 1 70 ? 2.732   3.823   -12.307 1.00 23.97 ? 70  ASN A ND2  1 
ATOM   559  N N    . PRO A 1 71 ? 6.192   2.396   -8.233  1.00 17.02 ? 71  PRO A N    1 
ATOM   560  C CA   . PRO A 1 71 ? 7.019   2.701   -7.059  1.00 17.15 ? 71  PRO A CA   1 
ATOM   561  C C    . PRO A 1 71 ? 7.070   4.177   -6.708  1.00 13.32 ? 71  PRO A C    1 
ATOM   562  O O    . PRO A 1 71 ? 7.471   4.510   -5.588  1.00 19.12 ? 71  PRO A O    1 
ATOM   563  C CB   . PRO A 1 71 ? 8.403   2.163   -7.451  1.00 18.80 ? 71  PRO A CB   1 
ATOM   564  C CG   . PRO A 1 71 ? 8.128   1.138   -8.488  1.00 22.22 ? 71  PRO A CG   1 
ATOM   565  C CD   . PRO A 1 71 ? 6.952   1.651   -9.253  1.00 16.49 ? 71  PRO A CD   1 
ATOM   566  N N    . ASN A 1 72 ? 6.665   5.072   -7.607  1.00 14.74 ? 72  ASN A N    1 
ATOM   567  C CA   . ASN A 1 72 ? 6.599   6.492   -7.291  1.00 17.05 ? 72  ASN A CA   1 
ATOM   568  C C    . ASN A 1 72 ? 5.236   6.903   -6.763  1.00 18.39 ? 72  ASN A C    1 
ATOM   569  O O    . ASN A 1 72 ? 4.999   8.093   -6.536  1.00 20.39 ? 72  ASN A O    1 
ATOM   570  C CB   . ASN A 1 72 ? 6.996   7.317   -8.529  1.00 24.39 ? 72  ASN A CB   1 
ATOM   571  C CG   . ASN A 1 72 ? 6.009   7.174   -9.680  1.00 25.26 ? 72  ASN A CG   1 
ATOM   572  O OD1  . ASN A 1 72 ? 5.043   6.415   -9.595  1.00 22.25 ? 72  ASN A OD1  1 
ATOM   573  N ND2  . ASN A 1 72 ? 6.278   7.871   -10.787 1.00 21.95 ? 72  ASN A ND2  1 
ATOM   574  N N    . GLY A 1 73 ? 4.334   5.946   -6.548  1.00 17.01 ? 73  GLY A N    1 
ATOM   575  C CA   . GLY A 1 73 ? 3.079   6.223   -5.893  1.00 14.50 ? 73  GLY A CA   1 
ATOM   576  C C    . GLY A 1 73 ? 1.935   6.557   -6.812  1.00 21.21 ? 73  GLY A C    1 
ATOM   577  O O    . GLY A 1 73 ? 0.840   6.863   -6.322  1.00 20.67 ? 73  GLY A O    1 
ATOM   578  N N    . LYS A 1 74 ? 2.142   6.524   -8.117  1.00 19.45 ? 74  LYS A N    1 
ATOM   579  C CA   . LYS A 1 74 ? 1.035   6.759   -9.028  1.00 24.61 ? 74  LYS A CA   1 
ATOM   580  C C    . LYS A 1 74 ? 0.403   5.457   -9.472  1.00 20.37 ? 74  LYS A C    1 
ATOM   581  O O    . LYS A 1 74 ? 1.070   4.430   -9.633  1.00 20.13 ? 74  LYS A O    1 
ATOM   582  C CB   . LYS A 1 74 ? 1.465   7.591   -10.230 1.00 25.80 ? 74  LYS A CB   1 
ATOM   583  C CG   . LYS A 1 74 ? 2.582   8.539   -9.889  1.00 41.15 ? 74  LYS A CG   1 
ATOM   584  C CD   . LYS A 1 74 ? 1.933   9.840   -9.411  1.00 42.62 ? 74  LYS A CD   1 
ATOM   585  C CE   . LYS A 1 74 ? 2.935   10.914  -9.050  1.00 62.47 ? 74  LYS A CE   1 
ATOM   586  N NZ   . LYS A 1 74 ? 2.430   11.766  -7.929  1.00 56.37 ? 74  LYS A NZ   1 
ATOM   587  N N    . LEU A 1 75 ? -0.914  5.520   -9.644  1.00 18.26 ? 75  LEU A N    1 
ATOM   588  C CA   . LEU A 1 75 ? -1.686  4.362   -10.047 1.00 21.12 ? 75  LEU A CA   1 
ATOM   589  C C    . LEU A 1 75 ? -1.166  3.823   -11.366 1.00 20.57 ? 75  LEU A C    1 
ATOM   590  O O    . LEU A 1 75 ? -0.972  4.576   -12.321 1.00 20.00 ? 75  LEU A O    1 
ATOM   591  C CB   . LEU A 1 75 ? -3.156  4.747   -10.180 1.00 18.66 ? 75  LEU A CB   1 
ATOM   592  C CG   . LEU A 1 75 ? -4.069  3.601   -10.588 1.00 20.18 ? 75  LEU A CG   1 
ATOM   593  C CD1  . LEU A 1 75 ? -4.224  2.604   -9.446  1.00 21.37 ? 75  LEU A CD1  1 
ATOM   594  C CD2  . LEU A 1 75 ? -5.427  4.146   -11.010 1.00 29.92 ? 75  LEU A CD2  1 
ATOM   595  N N    . LYS A 1 76 ? -0.926  2.516   -11.418 1.00 15.07 ? 76  LYS A N    1 
ATOM   596  C CA   . LYS A 1 76 ? -0.610  1.885   -12.688 1.00 12.43 ? 76  LYS A CA   1 
ATOM   597  C C    . LYS A 1 76 ? -1.877  1.358   -13.357 1.00 21.64 ? 76  LYS A C    1 
ATOM   598  O O    . LYS A 1 76 ? -2.141  1.661   -14.523 1.00 19.37 ? 76  LYS A O    1 
ATOM   599  C CB   . LYS A 1 76 ? 0.422   0.771   -12.476 1.00 15.18 ? 76  LYS A CB   1 
ATOM   600  C CG   . LYS A 1 76 ? 0.792   -0.035  -13.717 1.00 23.75 ? 76  LYS A CG   1 
ATOM   601  C CD   . LYS A 1 76 ? 2.153   -0.700  -13.507 1.00 22.11 ? 76  LYS A CD   1 
ATOM   602  C CE   . LYS A 1 76 ? 2.339   -1.953  -14.335 1.00 32.75 ? 76  LYS A CE   1 
ATOM   603  N NZ   . LYS A 1 76 ? 1.852   -1.810  -15.730 1.00 61.25 ? 76  LYS A NZ   1 
ATOM   604  N N    . TRP A 1 77 ? -2.668  0.577   -12.627 1.00 18.92 ? 77  TRP A N    1 
ATOM   605  C CA   . TRP A 1 77 ? -4.004  0.182   -13.054 1.00 15.20 ? 77  TRP A CA   1 
ATOM   606  C C    . TRP A 1 77 ? -4.758  -0.312  -11.832 1.00 16.94 ? 77  TRP A C    1 
ATOM   607  O O    . TRP A 1 77 ? -4.178  -0.537  -10.766 1.00 16.79 ? 77  TRP A O    1 
ATOM   608  C CB   . TRP A 1 77 ? -3.983  -0.887  -14.162 1.00 21.49 ? 77  TRP A CB   1 
ATOM   609  C CG   . TRP A 1 77 ? -3.054  -2.080  -13.956 1.00 16.87 ? 77  TRP A CG   1 
ATOM   610  C CD1  . TRP A 1 77 ? -1.869  -2.305  -14.602 1.00 18.92 ? 77  TRP A CD1  1 
ATOM   611  C CD2  . TRP A 1 77 ? -3.256  -3.212  -13.094 1.00 22.50 ? 77  TRP A CD2  1 
ATOM   612  N NE1  . TRP A 1 77 ? -1.313  -3.480  -14.176 1.00 17.64 ? 77  TRP A NE1  1 
ATOM   613  C CE2  . TRP A 1 77 ? -2.146  -4.064  -13.258 1.00 18.66 ? 77  TRP A CE2  1 
ATOM   614  C CE3  . TRP A 1 77 ? -4.261  -3.588  -12.199 1.00 19.51 ? 77  TRP A CE3  1 
ATOM   615  C CZ2  . TRP A 1 77 ? -2.013  -5.267  -12.558 1.00 19.62 ? 77  TRP A CZ2  1 
ATOM   616  C CZ3  . TRP A 1 77 ? -4.131  -4.781  -11.508 1.00 16.56 ? 77  TRP A CZ3  1 
ATOM   617  C CH2  . TRP A 1 77 ? -3.018  -5.607  -11.691 1.00 19.91 ? 77  TRP A CH2  1 
ATOM   618  N N    . LYS A 1 78 ? -6.073  -0.445  -11.994 1.00 20.23 ? 78  LYS A N    1 
ATOM   619  C CA   . LYS A 1 78 ? -6.932  -1.066  -11.001 1.00 21.30 ? 78  LYS A CA   1 
ATOM   620  C C    . LYS A 1 78 ? -7.805  -2.091  -11.707 1.00 26.57 ? 78  LYS A C    1 
ATOM   621  O O    . LYS A 1 78 ? -8.255  -1.863  -12.832 1.00 29.71 ? 78  LYS A O    1 
ATOM   622  C CB   . LYS A 1 78 ? -7.786  -0.020  -10.276 1.00 23.40 ? 78  LYS A CB   1 
ATOM   623  C CG   . LYS A 1 78 ? -8.581  0.846   -11.233 1.00 29.39 ? 78  LYS A CG   1 
ATOM   624  C CD   . LYS A 1 78 ? -9.673  1.663   -10.555 1.00 42.15 ? 78  LYS A CD   1 
ATOM   625  C CE   . LYS A 1 78 ? -9.190  2.353   -9.304  1.00 36.91 ? 78  LYS A CE   1 
ATOM   626  N NZ   . LYS A 1 78 ? -10.284 2.449   -8.296  1.00 58.14 ? 78  LYS A NZ   1 
ATOM   627  N N    . PHE A 1 79 ? -8.011  -3.233  -11.059 1.00 22.17 ? 79  PHE A N    1 
ATOM   628  C CA   . PHE A 1 79 ? -8.763  -4.336  -11.636 1.00 22.02 ? 79  PHE A CA   1 
ATOM   629  C C    . PHE A 1 79 ? -9.994  -4.619  -10.788 1.00 26.01 ? 79  PHE A C    1 
ATOM   630  O O    . PHE A 1 79 ? -9.889  -4.807  -9.571  1.00 21.85 ? 79  PHE A O    1 
ATOM   631  C CB   . PHE A 1 79 ? -7.892  -5.590  -11.755 1.00 27.80 ? 79  PHE A CB   1 
ATOM   632  C CG   . PHE A 1 79 ? -8.642  -6.799  -12.224 1.00 28.49 ? 79  PHE A CG   1 
ATOM   633  C CD1  . PHE A 1 79 ? -9.292  -7.629  -11.321 1.00 30.10 ? 79  PHE A CD1  1 
ATOM   634  C CD2  . PHE A 1 79 ? -8.732  -7.084  -13.568 1.00 25.56 ? 79  PHE A CD2  1 
ATOM   635  C CE1  . PHE A 1 79 ? -9.990  -8.730  -11.752 1.00 33.28 ? 79  PHE A CE1  1 
ATOM   636  C CE2  . PHE A 1 79 ? -9.435  -8.185  -14.004 1.00 34.16 ? 79  PHE A CE2  1 
ATOM   637  C CZ   . PHE A 1 79 ? -10.063 -9.006  -13.095 1.00 30.17 ? 79  PHE A CZ   1 
ATOM   638  N N    . GLU A 1 80 ? -11.155 -4.640  -11.441 1.00 26.93 ? 80  GLU A N    1 
ATOM   639  C CA   . GLU A 1 80 ? -12.426 -5.021  -10.833 1.00 44.22 ? 80  GLU A CA   1 
ATOM   640  C C    . GLU A 1 80 ? -13.068 -6.190  -11.576 1.00 41.57 ? 80  GLU A C    1 
ATOM   641  O O    . GLU A 1 80 ? -12.678 -7.341  -11.408 1.00 47.87 ? 80  GLU A O    1 
ATOM   642  C CB   . GLU A 1 80 ? -13.398 -3.846  -10.821 1.00 50.63 ? 80  GLU A CB   1 
ATOM   643  C CG   . GLU A 1 80 ? -14.858 -4.250  -10.856 1.00 61.91 ? 80  GLU A CG   1 
ATOM   644  C CD   . GLU A 1 80 ? -15.737 -3.182  -11.475 1.00 76.65 ? 80  GLU A CD   1 
ATOM   645  O OE1  . GLU A 1 80 ? -15.411 -2.713  -12.589 1.00 75.94 ? 80  GLU A OE1  1 
ATOM   646  O OE2  . GLU A 1 80 ? -16.755 -2.816  -10.852 1.00 72.28 ? 80  GLU A OE2  1 
HETATM 647  O O3   A IR0 B 2 .  ? -15.939 -6.659  7.387   0.06 6.73  ? 101 IR0 A O3   1 
HETATM 648  O O3   B IR0 B 2 .  ? -17.076 -11.635 7.208   0.06 6.82  ? 101 IR0 A O3   1 
HETATM 649  O O4   A IR0 B 2 .  ? -18.181 -6.083  8.301   0.06 7.05  ? 101 IR0 A O4   1 
HETATM 650  O O4   B IR0 B 2 .  ? -19.141 -11.330 8.598   0.06 6.93  ? 101 IR0 A O4   1 
HETATM 651  O O1   A IR0 B 2 .  ? -12.723 -14.400 16.477  0.06 6.85  ? 101 IR0 A O1   1 
HETATM 652  O O1   B IR0 B 2 .  ? -11.092 -10.085 18.043  0.06 7.01  ? 101 IR0 A O1   1 
HETATM 653  O O10  A IR0 B 2 .  ? -13.857 -10.944 18.400  0.06 6.91  ? 101 IR0 A O10  1 
HETATM 654  O O10  B IR0 B 2 .  ? -13.230 -6.862  17.743  0.06 6.73  ? 101 IR0 A O10  1 
HETATM 655  O O11  A IR0 B 2 .  ? -15.814 -16.692 11.597  0.06 6.93  ? 101 IR0 A O11  1 
HETATM 656  O O11  B IR0 B 2 .  ? -13.112 -15.700 16.157  0.06 6.92  ? 101 IR0 A O11  1 
HETATM 657  O O12  A IR0 B 2 .  ? -16.837 -9.605  6.456   0.06 7.04  ? 101 IR0 A O12  1 
HETATM 658  O O12  B IR0 B 2 .  ? -17.199 -14.693 8.487   0.06 7.25  ? 101 IR0 A O12  1 
HETATM 659  O O13  A IR0 B 2 .  ? -18.995 -9.112  7.332   0.06 6.88  ? 101 IR0 A O13  1 
HETATM 660  O O13  B IR0 B 2 .  ? -19.319 -14.351 9.823   0.06 7.21  ? 101 IR0 A O13  1 
HETATM 661  O O14  A IR0 B 2 .  ? -13.034 -4.295  12.292  0.06 6.99  ? 101 IR0 A O14  1 
HETATM 662  O O14  B IR0 B 2 .  ? -15.297 -5.887  9.136   0.06 7.39  ? 101 IR0 A O14  1 
HETATM 663  O O15  A IR0 B 2 .  ? -17.933 -16.263 12.643  0.06 6.91  ? 101 IR0 A O15  1 
HETATM 664  O O15  B IR0 B 2 .  ? -15.165 -15.462 17.328  0.06 6.89  ? 101 IR0 A O15  1 
HETATM 665  O O16  A IR0 B 2 .  ? -15.196 -3.906  13.382  0.06 6.86  ? 101 IR0 A O16  1 
HETATM 666  O O16  B IR0 B 2 .  ? -17.551 -5.158  10.143  0.06 7.41  ? 101 IR0 A O16  1 
HETATM 667  O O17  A IR0 B 2 .  ? -14.349 -16.285 16.977  0.06 7.18  ? 101 IR0 A O17  1 
HETATM 668  O O17  B IR0 B 2 .  ? -11.770 -11.583 19.976  0.06 6.86  ? 101 IR0 A O17  1 
HETATM 669  O O18  A IR0 B 2 .  ? -16.576 -4.227  7.781   0.06 7.10  ? 101 IR0 A O18  1 
HETATM 670  O O18  B IR0 B 2 .  ? -18.646 -9.717  6.655   0.06 7.31  ? 101 IR0 A O18  1 
HETATM 671  O O19  A IR0 B 2 .  ? -18.742 -15.003 7.314   0.06 7.05  ? 101 IR0 A O19  1 
HETATM 672  O O19  B IR0 B 2 .  ? -16.788 -18.240 12.831  0.06 7.04  ? 101 IR0 A O19  1 
HETATM 673  O O2   A IR0 B 2 .  ? -14.932 -13.857 17.363  0.06 6.81  ? 101 IR0 A O2   1 
HETATM 674  O O2   B IR0 B 2 .  ? -13.255 -9.750  19.088  0.06 7.03  ? 101 IR0 A O2   1 
HETATM 675  O O20  A IR0 B 2 .  ? -12.089 -5.547  17.482  0.06 7.21  ? 101 IR0 A O20  1 
HETATM 676  O O20  B IR0 B 2 .  ? -13.544 -3.088  13.392  0.06 6.77  ? 101 IR0 A O20  1 
HETATM 677  O O21  A IR0 B 2 .  ? -11.954 -9.650  19.171  0.06 7.30  ? 101 IR0 A O21  1 
HETATM 678  O O21  B IR0 B 2 .  ? -11.955 -4.854  17.079  0.06 7.21  ? 101 IR0 A O21  1 
HETATM 679  O O22  A IR0 B 2 .  ? -16.442 -17.961 13.595  0.06 7.25  ? 101 IR0 A O22  1 
HETATM 680  O O22  B IR0 B 2 .  ? -13.046 -15.522 18.623  0.06 7.03  ? 101 IR0 A O22  1 
HETATM 681  O O23  A IR0 B 2 .  ? -18.737 -10.933 5.648   0.06 7.04  ? 101 IR0 A O23  1 
HETATM 682  O O23  B IR0 B 2 .  ? -18.565 -16.601 9.294   0.06 7.02  ? 101 IR0 A O23  1 
HETATM 683  O O24  A IR0 B 2 .  ? -14.586 -2.665  11.310  0.06 7.11  ? 101 IR0 A O24  1 
HETATM 684  O O24  B IR0 B 2 .  ? -17.281 -5.691  7.747   0.06 6.98  ? 101 IR0 A O24  1 
HETATM 685  O O25  A IR0 B 2 .  ? -13.250 -15.003 18.916  0.06 7.02  ? 101 IR0 A O25  1 
HETATM 686  O O25  B IR0 B 2 .  ? -11.165 -9.142  20.430  0.06 7.07  ? 101 IR0 A O25  1 
HETATM 687  O O26  A IR0 B 2 .  ? -17.588 -5.537  5.837   0.06 7.11  ? 101 IR0 A O26  1 
HETATM 688  O O26  B IR0 B 2 .  ? -19.391 -12.136 6.227   0.06 7.50  ? 101 IR0 A O26  1 
HETATM 689  O O27  A IR0 B 2 .  ? -18.586 -17.202 8.619   0.06 7.29  ? 101 IR0 A O27  1 
HETATM 690  O O27  B IR0 B 2 .  ? -15.570 -18.837 15.015  0.06 7.27  ? 101 IR0 A O27  1 
HETATM 691  O O28  A IR0 B 2 .  ? -12.303 -3.280  16.011  0.06 7.08  ? 101 IR0 A O28  1 
HETATM 692  O O28  B IR0 B 2 .  ? -14.570 -2.582  10.938  0.06 7.15  ? 101 IR0 A O28  1 
HETATM 693  O O29  A IR0 B 2 .  ? -12.174 -12.118 19.833  0.06 7.19  ? 101 IR0 A O29  1 
HETATM 694  O O29  B IR0 B 2 .  ? -11.261 -6.249  19.120  0.06 7.23  ? 101 IR0 A O29  1 
HETATM 695  O O30  A IR0 B 2 .  ? -18.495 -8.472  4.971   0.06 7.12  ? 101 IR0 A O30  1 
HETATM 696  O O30  B IR0 B 2 .  ? -19.399 -15.110 7.401   0.06 7.46  ? 101 IR0 A O30  1 
HETATM 697  O O31  A IR0 B 2 .  ? -17.590 -18.441 11.372  0.06 7.23  ? 101 IR0 A O31  1 
HETATM 698  O O31  B IR0 B 2 .  ? -13.936 -17.645 17.516  0.06 7.31  ? 101 IR0 A O31  1 
HETATM 699  O O32  A IR0 B 2 .  ? -13.421 -2.151  13.530  0.06 6.95  ? 101 IR0 A O32  1 
HETATM 700  O O32  B IR0 B 2 .  ? -16.199 -3.596  8.705   0.06 7.24  ? 101 IR0 A O32  1 
HETATM 701  O O33  A IR0 B 2 .  ? -11.818 -16.932 15.933  0.06 7.56  ? 101 IR0 A O33  1 
HETATM 702  O O33  B IR0 B 2 .  ? -9.300  -12.051 18.782  0.06 7.20  ? 101 IR0 A O33  1 
HETATM 703  O O34  A IR0 B 2 .  ? -14.014 -4.784  6.791   0.06 7.35  ? 101 IR0 A O34  1 
HETATM 704  O O34  B IR0 B 2 .  ? -16.336 -10.177 5.018   0.06 7.15  ? 101 IR0 A O34  1 
HETATM 705  O O35  A IR0 B 2 .  ? -16.259 -15.527 6.127   0.06 7.27  ? 101 IR0 A O35  1 
HETATM 706  O O35  B IR0 B 2 .  ? -14.424 -18.468 11.388  0.06 7.11  ? 101 IR0 A O35  1 
HETATM 707  O O36  A IR0 B 2 .  ? -9.557  -6.071  16.331  0.06 7.47  ? 101 IR0 A O36  1 
HETATM 708  O O36  B IR0 B 2 .  ? -11.038 -3.719  12.265  0.06 6.83  ? 101 IR0 A O36  1 
HETATM 709  O O37  A IR0 B 2 .  ? -19.236 -3.581  8.713   0.06 7.18  ? 101 IR0 A O37  1 
HETATM 710  O O37  B IR0 B 2 .  ? -20.912 -9.218  8.188   0.06 7.32  ? 101 IR0 A O37  1 
HETATM 711  O O38  A IR0 B 2 .  ? -16.900 -15.692 17.980  0.06 7.25  ? 101 IR0 A O38  1 
HETATM 712  O O38  B IR0 B 2 .  ? -14.274 -11.203 21.218  0.06 7.23  ? 101 IR0 A O38  1 
HETATM 713  O O39  A IR0 B 2 .  ? -14.572 -5.166  18.679  0.06 7.13  ? 101 IR0 A O39  1 
HETATM 714  O O39  B IR0 B 2 .  ? -15.923 -2.526  14.702  0.06 7.10  ? 101 IR0 A O39  1 
HETATM 715  O O40  A IR0 B 2 .  ? -21.239 -14.381 8.392   0.06 7.22  ? 101 IR0 A O40  1 
HETATM 716  O O40  B IR0 B 2 .  ? -19.244 -18.007 14.229  0.06 7.57  ? 101 IR0 A O40  1 
HETATM 717  O O41  A IR0 B 2 .  ? -10.668 -15.583 17.954  0.06 7.89  ? 101 IR0 A O41  1 
HETATM 718  O O41  B IR0 B 2 .  ? -8.652  -9.508  19.250  0.06 7.25  ? 101 IR0 A O41  1 
HETATM 719  O O42  A IR0 B 2 .  ? -15.026 -6.135  4.761   0.06 7.30  ? 101 IR0 A O42  1 
HETATM 720  O O42  B IR0 B 2 .  ? -17.171 -12.718 4.642   0.06 8.01  ? 101 IR0 A O42  1 
HETATM 721  O O43  A IR0 B 2 .  ? -16.071 -17.815 7.463   0.06 7.74  ? 101 IR0 A O43  1 
HETATM 722  O O43  B IR0 B 2 .  ? -13.126 -19.119 13.641  0.06 7.29  ? 101 IR0 A O43  1 
HETATM 723  O O44  A IR0 B 2 .  ? -9.715  -3.750  14.983  0.06 7.15  ? 101 IR0 A O44  1 
HETATM 724  O O44  B IR0 B 2 .  ? -12.036 -3.145  9.853   0.06 7.38  ? 101 IR0 A O44  1 
HETATM 725  O O45  A IR0 B 2 .  ? -20.207 -5.036  6.684   0.06 7.78  ? 101 IR0 A O45  1 
HETATM 726  O O45  B IR0 B 2 .  ? -21.756 -11.732 7.730   0.06 7.73  ? 101 IR0 A O45  1 
HETATM 727  O O46  A IR0 B 2 .  ? -15.744 -14.372 19.980  0.06 7.07  ? 101 IR0 A O46  1 
HETATM 728  O O46  B IR0 B 2 .  ? -13.642 -8.658  21.645  0.06 7.42  ? 101 IR0 A O46  1 
HETATM 729  O O47  A IR0 B 2 .  ? -14.824 -2.843  17.416  0.06 7.33  ? 101 IR0 A O47  1 
HETATM 730  O O47  B IR0 B 2 .  ? -16.987 -1.810  12.343  0.06 7.45  ? 101 IR0 A O47  1 
HETATM 731  O O48  A IR0 B 2 .  ? -21.143 -16.702 9.764   0.06 8.07  ? 101 IR0 A O48  1 
HETATM 732  O O48  B IR0 B 2 .  ? -17.960 -18.621 16.513  0.06 8.09  ? 101 IR0 A O48  1 
HETATM 733  O O49  A IR0 B 2 .  ? -9.398  -10.191 18.054  0.06 7.52  ? 101 IR0 A O49  1 
HETATM 734  O O49  B IR0 B 2 .  ? -9.423  -5.220  15.888  0.06 7.76  ? 101 IR0 A O49  1 
HETATM 735  O O5   A IR0 B 2 .  ? -16.740 -15.461 8.824   0.06 6.90  ? 101 IR0 A O5   1 
HETATM 736  O O5   B IR0 B 2 .  ? -14.782 -16.868 13.600  0.06 6.87  ? 101 IR0 A O5   1 
HETATM 737  O O50  A IR0 B 2 .  ? -13.935 -18.521 12.493  0.06 7.26  ? 101 IR0 A O50  1 
HETATM 738  O O50  B IR0 B 2 .  ? -10.615 -15.791 17.235  0.06 7.76  ? 101 IR0 A O50  1 
HETATM 739  O O51  A IR0 B 2 .  ? -16.202 -11.539 4.597   0.06 7.37  ? 101 IR0 A O51  1 
HETATM 740  O O51  B IR0 B 2 .  ? -16.206 -17.090 7.790   0.06 8.00  ? 101 IR0 A O51  1 
HETATM 741  O O52  A IR0 B 2 .  ? -12.089 -3.023  10.044  0.06 7.40  ? 101 IR0 A O52  1 
HETATM 742  O O52  B IR0 B 2 .  ? -14.865 -6.421  6.464   0.06 7.09  ? 101 IR0 A O52  1 
HETATM 743  O O53  A IR0 B 2 .  ? -21.261 -10.463 6.719   0.06 7.24  ? 101 IR0 A O53  1 
HETATM 744  O O53  B IR0 B 2 .  ? -21.040 -16.241 10.779  0.06 7.50  ? 101 IR0 A O53  1 
HETATM 745  O O54  A IR0 B 2 .  ? -17.068 -2.345  12.318  0.06 7.65  ? 101 IR0 A O54  1 
HETATM 746  O O54  B IR0 B 2 .  ? -19.899 -4.863  8.902   0.06 7.03  ? 101 IR0 A O54  1 
HETATM 747  O O55  A IR0 B 2 .  ? -14.470 -9.033  20.303  0.06 7.29  ? 101 IR0 A O55  1 
HETATM 748  O O55  B IR0 B 2 .  ? -14.457 -4.399  18.146  0.06 7.09  ? 101 IR0 A O55  1 
HETATM 749  O O56  A IR0 B 2 .  ? -19.031 -17.489 14.800  0.06 7.31  ? 101 IR0 A O56  1 
HETATM 750  O O56  B IR0 B 2 .  ? -15.430 -15.236 20.016  0.06 7.32  ? 101 IR0 A O56  1 
HETATM 751  O O57  A IR0 B 2 .  ? -9.591  -12.767 18.864  0.06 7.24  ? 101 IR0 A O57  1 
HETATM 752  O O57  B IR0 B 2 .  ? -8.700  -6.624  18.037  0.06 7.59  ? 101 IR0 A O57  1 
HETATM 753  O O58  A IR0 B 2 .  ? -15.960 -8.981  3.844   0.06 7.65  ? 101 IR0 A O58  1 
HETATM 754  O O58  B IR0 B 2 .  ? -17.149 -15.613 5.783   0.06 7.49  ? 101 IR0 A O58  1 
HETATM 755  O O59  A IR0 B 2 .  ? -15.089 -19.038 10.184  0.06 7.66  ? 101 IR0 A O59  1 
HETATM 756  O O59  B IR0 B 2 .  ? -11.518 -18.026 16.134  0.06 7.71  ? 101 IR0 A O59  1 
HETATM 757  O O6   A IR0 B 2 .  ? -18.919 -15.002 9.834   0.06 7.17  ? 101 IR0 A O6   1 
HETATM 758  O O6   B IR0 B 2 .  ? -16.895 -16.670 14.822  0.06 7.09  ? 101 IR0 A O6   1 
HETATM 759  O O60  A IR0 B 2 .  ? -10.885 -2.469  12.334  0.06 7.37  ? 101 IR0 A O60  1 
HETATM 760  O O60  B IR0 B 2 .  ? -13.728 -4.276  7.452   0.06 7.56  ? 101 IR0 A O60  1 
HETATM 761  O O61  A IR0 B 2 .  ? -21.121 -7.910  5.909   0.06 7.67  ? 101 IR0 A O61  1 
HETATM 762  O O61  B IR0 B 2 .  ? -21.866 -14.664 8.792   0.06 7.40  ? 101 IR0 A O61  1 
HETATM 763  O O62  A IR0 B 2 .  ? -14.664 -11.551 21.020  0.06 6.99  ? 101 IR0 A O62  1 
HETATM 764  O O62  B IR0 B 2 .  ? -13.755 -5.773  20.319  0.06 7.49  ? 101 IR0 A O62  1 
HETATM 765  O O63  A IR0 B 2 .  ? -16.037 -1.570  14.669  0.06 7.40  ? 101 IR0 A O63  1 
HETATM 766  O O63  B IR0 B 2 .  ? -18.714 -2.662  9.837   0.06 7.21  ? 101 IR0 A O63  1 
HETATM 767  O O64  A IR0 B 2 .  ? -20.136 -18.107 12.507  0.06 7.84  ? 101 IR0 A O64  1 
HETATM 768  O O64  B IR0 B 2 .  ? -16.332 -17.496 18.957  0.06 7.73  ? 101 IR0 A O64  1 
HETATM 769  O O65  A IR0 B 2 .  ? -12.298 -17.551 18.422  0.06 7.56  ? 101 IR0 A O65  1 
HETATM 770  O O65  B IR0 B 2 .  ? -9.287  -11.052 21.219  0.06 7.15  ? 101 IR0 A O65  1 
HETATM 771  O O66  A IR0 B 2 .  ? -15.713 -3.632  5.157   0.06 7.20  ? 101 IR0 A O66  1 
HETATM 772  O O66  B IR0 B 2 .  ? -18.670 -10.684 3.986   0.06 7.87  ? 101 IR0 A O66  1 
HETATM 773  O O67  A IR0 B 2 .  ? -18.104 -17.359 5.884   0.06 6.96  ? 101 IR0 A O67  1 
HETATM 774  O O67  B IR0 B 2 .  ? -15.164 -20.519 12.863  0.06 7.13  ? 101 IR0 A O67  1 
HETATM 775  O O68  A IR0 B 2 .  ? -9.942  -3.817  17.572  0.06 7.41  ? 101 IR0 A O68  1 
HETATM 776  O O68  B IR0 B 2 .  ? -12.089 -1.369  11.772  0.06 7.28  ? 101 IR0 A O68  1 
HETATM 777  O O69  A IR0 B 2 .  ? -18.621 -2.982  6.282   0.06 7.18  ? 101 IR0 A O69  1 
HETATM 778  O O69  B IR0 B 2 .  ? -21.221 -10.140 5.748   0.06 7.75  ? 101 IR0 A O69  1 
HETATM 779  O O7   A IR0 B 2 .  ? -11.901 -5.515  14.987  0.06 6.78  ? 101 IR0 A O7   1 
HETATM 780  O O7   B IR0 B 2 .  ? -13.520 -4.777  11.596  0.06 7.07  ? 101 IR0 A O7   1 
HETATM 781  O O70  A IR0 B 2 .  ? -15.133 -16.851 19.584  0.06 7.52  ? 101 IR0 A O70  1 
HETATM 782  O O70  B IR0 B 2 .  ? -12.130 -10.562 22.593  0.06 7.36  ? 101 IR0 A O70  1 
HETATM 783  O O71  A IR0 B 2 .  ? -12.722 -3.283  18.898  0.06 7.25  ? 101 IR0 A O71  1 
HETATM 784  O O71  B IR0 B 2 .  ? -14.818 -0.674  13.147  0.06 7.36  ? 101 IR0 A O71  1 
HETATM 785  O O72  A IR0 B 2 .  ? -20.933 -16.745 7.212   0.06 7.29  ? 101 IR0 A O72  1 
HETATM 786  O O72  B IR0 B 2 .  ? -17.899 -20.229 14.479  0.06 6.96  ? 101 IR0 A O72  1 
HETATM 787  O O73  A IR0 B 2 .  ? -9.825  -10.820 20.560  0.06 7.41  ? 101 IR0 A O73  1 
HETATM 788  O O73  B IR0 B 2 .  ? -9.539  -4.192  18.323  0.06 7.49  ? 101 IR0 A O73  1 
HETATM 789  O O74  A IR0 B 2 .  ? -17.989 -10.386 3.033   0.06 7.01  ? 101 IR0 A O74  1 
HETATM 790  O O74  B IR0 B 2 .  ? -18.505 -17.654 6.679   0.06 7.32  ? 101 IR0 A O74  1 
HETATM 791  O O75  A IR0 B 2 .  ? -15.803 -20.356 12.318  0.06 7.18  ? 101 IR0 A O75  1 
HETATM 792  O O75  B IR0 B 2 .  ? -11.447 -17.814 18.736  0.06 7.02  ? 101 IR0 A O75  1 
HETATM 793  O O76  A IR0 B 2 .  ? -12.527 -0.747  11.304  0.06 7.47  ? 101 IR0 A O76  1 
HETATM 794  O O76  B IR0 B 2 .  ? -15.885 -4.024  6.001   0.06 7.37  ? 101 IR0 A O76  1 
HETATM 795  O O77  A IR0 B 2 .  ? -20.830 -9.807  4.194   0.06 7.04  ? 101 IR0 A O77  1 
HETATM 796  O O77  B IR0 B 2 .  ? -21.132 -17.130 8.302   0.06 7.22  ? 101 IR0 A O77  1 
HETATM 797  O O78  A IR0 B 2 .  ? -12.589 -10.220 21.790  0.06 7.28  ? 101 IR0 A O78  1 
HETATM 798  O O78  B IR0 B 2 .  ? -12.346 -3.748  19.597  0.06 7.54  ? 101 IR0 A O78  1 
HETATM 799  O O79  A IR0 B 2 .  ? -15.318 -0.338  12.577  0.06 7.42  ? 101 IR0 A O79  1 
HETATM 800  O O79  B IR0 B 2 .  ? -18.604 -3.270  7.288   0.06 7.20  ? 101 IR0 A O79  1 
HETATM 801  O O8   A IR0 B 2 .  ? -14.117 -5.071  15.978  0.06 6.40  ? 101 IR0 A O8   1 
HETATM 802  O O8   B IR0 B 2 .  ? -15.695 -4.217  12.562  0.06 7.12  ? 101 IR0 A O8   1 
HETATM 803  O O80  A IR0 B 2 .  ? -18.582 -19.805 13.615  0.06 7.45  ? 101 IR0 A O80  1 
HETATM 804  O O80  B IR0 B 2 .  ? -14.105 -17.489 20.295  0.06 7.39  ? 101 IR0 A O80  1 
HETATM 805  O O81  A IR0 B 2 .  ? -10.134 -13.493 16.296  0.06 6.88  ? 101 IR0 A O81  1 
HETATM 806  O O81  B IR0 B 2 .  ? -9.031  -8.929  16.593  0.06 7.10  ? 101 IR0 A O81  1 
HETATM 807  O O82  A IR0 B 2 .  ? -14.373 -8.519  5.981   0.06 6.60  ? 101 IR0 A O82  1 
HETATM 808  O O82  B IR0 B 2 .  ? -15.399 -13.601 6.455   0.06 7.13  ? 101 IR0 A O82  1 
HETATM 809  O O83  A IR0 B 2 .  ? -14.297 -16.628 9.227   0.06 7.02  ? 101 IR0 A O83  1 
HETATM 810  O O83  B IR0 B 2 .  ? -12.012 -16.649 13.775  0.06 7.14  ? 101 IR0 A O83  1 
HETATM 811  O O84  A IR0 B 2 .  ? -10.406 -5.129  12.715  0.06 6.68  ? 101 IR0 A O84  1 
HETATM 812  O O84  B IR0 B 2 .  ? -12.429 -5.796  9.347   0.06 6.78  ? 101 IR0 A O84  1 
HETATM 813  O O85  A IR0 B 2 .  ? -20.672 -7.125  8.449   0.06 7.52  ? 101 IR0 A O85  1 
HETATM 814  O O85  B IR0 B 2 .  ? -21.180 -12.470 10.283  0.06 7.23  ? 101 IR0 A O85  1 
HETATM 815  O O86  A IR0 B 2 .  ? -16.213 -12.075 18.933  0.06 7.04  ? 101 IR0 A O86  1 
HETATM 816  O O86  B IR0 B 2 .  ? -15.189 -7.905  19.455  0.06 7.23  ? 101 IR0 A O86  1 
HETATM 817  O O87  A IR0 B 2 .  ? -16.704 -3.839  15.759  0.06 7.19  ? 101 IR0 A O87  1 
HETATM 818  O O87  B IR0 B 2 .  ? -18.556 -3.964  12.309  0.06 7.81  ? 101 IR0 A O87  1 
HETATM 819  O O88  A IR0 B 2 .  ? -20.530 -15.535 11.939  0.06 6.83  ? 101 IR0 A O88  1 
HETATM 820  O O88  B IR0 B 2 .  ? -17.957 -16.030 17.259  0.06 7.76  ? 101 IR0 A O88  1 
HETATM 821  O O89  A IR0 B 2 .  ? -14.069 -18.398 15.086  0.06 7.42  ? 101 IR0 A O89  1 
HETATM 822  O O89  B IR0 B 2 .  ? -10.715 -14.155 19.437  0.06 7.43  ? 101 IR0 A O89  1 
HETATM 823  O O9   A IR0 B 2 .  ? -11.683 -11.469 17.483  0.06 6.68  ? 101 IR0 A O9   1 
HETATM 824  O O9   B IR0 B 2 .  ? -11.125 -7.161  16.770  0.06 6.79  ? 101 IR0 A O9   1 
HETATM 825  O O90  A IR0 B 2 .  ? -10.178 -7.582  18.523  0.06 7.27  ? 101 IR0 A O90  1 
HETATM 826  O O90  B IR0 B 2 .  ? -11.066 -3.326  14.939  0.06 7.12  ? 101 IR0 A O90  1 
HETATM 827  O O91  A IR0 B 2 .  ? -14.243 -2.754  8.589   0.06 7.46  ? 101 IR0 A O91  1 
HETATM 828  O O91  B IR0 B 2 .  ? -17.065 -7.602  5.648   0.06 7.01  ? 101 IR0 A O91  1 
HETATM 829  O O92  A IR0 B 2 .  ? -17.850 -13.604 5.055   0.06 7.49  ? 101 IR0 A O92  1 
HETATM 830  O O92  B IR0 B 2 .  ? -16.753 -18.561 9.936   0.06 7.47  ? 101 IR0 A O92  1 
HETATM 831  O O93  A IR0 B 2 .  ? -16.978 -2.241  9.708   0.06 7.59  ? 101 IR0 A O93  1 
HETATM 832  O O93  B IR0 B 2 .  ? -19.633 -6.936  7.176   0.06 6.92  ? 101 IR0 A O93  1 
HETATM 833  O O94  A IR0 B 2 .  ? -20.538 -13.029 6.213   0.06 7.53  ? 101 IR0 A O94  1 
HETATM 834  O O94  B IR0 B 2 .  ? -19.320 -18.193 11.496  0.06 7.56  ? 101 IR0 A O94  1 
HETATM 835  O O95  A IR0 B 2 .  ? -16.815 -17.737 16.246  0.06 7.33  ? 101 IR0 A O95  1 
HETATM 836  O O95  B IR0 B 2 .  ? -13.358 -13.789 20.849  0.06 7.53  ? 101 IR0 A O95  1 
HETATM 837  O O96  A IR0 B 2 .  ? -12.916 -7.008  19.791  0.06 7.11  ? 101 IR0 A O96  1 
HETATM 838  O O96  B IR0 B 2 .  ? -13.719 -2.761  16.182  0.06 7.15  ? 101 IR0 A O96  1 
HETATM 839  O O97  A IR0 B 2 .  ? -10.888 -14.550 20.458  0.06 7.16  ? 101 IR0 A O97  1 
HETATM 840  O O97  B IR0 B 2 .  ? -9.118  -7.229  20.670  0.06 8.14  ? 101 IR0 A O97  1 
HETATM 841  O O98  A IR0 B 2 .  ? -17.213 -6.623  3.246   0.06 6.84  ? 101 IR0 A O98  1 
HETATM 842  O O98  B IR0 B 2 .  ? -19.272 -14.463 4.631   0.06 7.49  ? 101 IR0 A O98  1 
HETATM 843  O O99  A IR0 B 2 .  ? -17.389 -19.728 8.861   0.06 7.19  ? 101 IR0 A O99  1 
HETATM 844  O O99  B IR0 B 2 .  ? -13.295 -20.060 16.221  0.06 7.55  ? 101 IR0 A O99  1 
HETATM 845  P P1   A IR0 B 2 .  ? -13.791 -14.867 17.468  0.06 7.16  ? 101 IR0 A P1   1 
HETATM 846  P P1   B IR0 B 2 .  ? -11.804 -10.098 19.394  0.06 7.53  ? 101 IR0 A P1   1 
HETATM 847  P P2   A IR0 B 2 .  ? -17.093 -5.656  7.297   0.06 6.60  ? 101 IR0 A P2   1 
HETATM 848  P P2   B IR0 B 2 .  ? -18.564 -11.236 7.175   0.06 6.97  ? 101 IR0 A P2   1 
HETATM 849  P P3   A IR0 B 2 .  ? -18.241 -15.703 8.664   0.06 7.11  ? 101 IR0 A P3   1 
HETATM 850  P P3   B IR0 B 2 .  ? -15.988 -17.669 14.097  0.06 7.08  ? 101 IR0 A P3   1 
HETATM 851  P P4   A IR0 B 2 .  ? -12.614 -4.808  16.156  0.06 6.67  ? 101 IR0 A P4   1 
HETATM 852  P P4   B IR0 B 2 .  ? -14.360 -3.604  12.112  0.06 7.34  ? 101 IR0 A P4   1 
HETATM 853  P P5   A IR0 B 2 .  ? -12.417 -11.069 18.717  0.06 6.73  ? 101 IR0 A P5   1 
HETATM 854  P P5   B IR0 B 2 .  ? -11.879 -6.289  17.696  0.06 6.99  ? 101 IR0 A P5   1 
HETATM 855  P P6   A IR0 B 2 .  ? -18.267 -9.507  6.104   0.06 6.93  ? 101 IR0 A P6   1 
HETATM 856  P P6   B IR0 B 2 .  ? -18.613 -15.141 8.747   0.06 7.36  ? 101 IR0 A P6   1 
HETATM 857  P P7   A IR0 B 2 .  ? -16.963 -17.332 12.272  0.06 6.63  ? 101 IR0 A P7   1 
HETATM 858  P P7   B IR0 B 2 .  ? -13.826 -16.097 17.393  0.06 6.99  ? 101 IR0 A P7   1 
HETATM 859  P P8   A IR0 B 2 .  ? -14.051 -3.271  12.656  0.06 7.30  ? 101 IR0 A P8   1 
HETATM 860  P P8   B IR0 B 2 .  ? -16.565 -5.081  8.985   0.06 6.99  ? 101 IR0 A P8   1 
HETATM 861  W W1   A IR0 B 2 .  ? -10.794 -15.234 15.911  0.06 7.11  ? 101 IR0 A W1   1 
HETATM 862  W W1   B IR0 B 2 .  ? -9.045  -10.589 17.512  0.06 5.92  ? 101 IR0 A W1   1 
HETATM 863  W W10  A IR0 B 2 .  ? -15.656 -10.395 19.559  0.06 8.96  ? 101 IR0 A W10  1 
HETATM 864  W W10  B IR0 B 2 .  ? -15.071 -6.171  18.702  0.06 3.42  ? 101 IR0 A W10  1 
HETATM 865  W W11  A IR0 B 2 .  ? -15.024 -10.153 5.330   0.06 5.27  ? 101 IR0 A W11  1 
HETATM 866  W W11  B IR0 B 2 .  ? -15.555 -15.362 7.129   0.06 9.29  ? 101 IR0 A W11  1 
HETATM 867  W W12  A IR0 B 2 .  ? -21.131 -8.833  7.816   0.06 7.63  ? 101 IR0 A W12  1 
HETATM 868  W W12  B IR0 B 2 .  ? -21.337 -14.292 10.807  0.06 9.26  ? 101 IR0 A W12  1 
HETATM 869  W W13  A IR0 B 2 .  ? -13.876 -17.445 10.864  0.06 4.79  ? 101 IR0 A W13  1 
HETATM 870  W W13  B IR0 B 2 .  ? -11.102 -16.107 15.347  0.06 5.35  ? 101 IR0 A W13  1 
HETATM 871  W W14  A IR0 B 2 .  ? -19.953 -16.296 13.550  0.06 6.04  ? 101 IR0 A W14  1 
HETATM 872  W W14  B IR0 B 2 .  ? -16.877 -15.479 18.715  0.06 6.25  ? 101 IR0 A W14  1 
HETATM 873  W W15  A IR0 B 2 .  ? -11.101 -4.245  11.208  0.06 5.04  ? 101 IR0 A W15  1 
HETATM 874  W W15  B IR0 B 2 .  ? -13.500 -6.336  7.870   0.06 7.47  ? 101 IR0 A W15  1 
HETATM 875  W W16  A IR0 B 2 .  ? -17.210 -3.234  14.044  0.06 7.10  ? 101 IR0 A W16  1 
HETATM 876  W W16  B IR0 B 2 .  ? -19.567 -4.354  10.768  0.06 9.54  ? 101 IR0 A W16  1 
HETATM 877  W W17  A IR0 B 2 .  ? -13.044 -18.125 16.735  0.06 9.22  ? 101 IR0 A W17  1 
HETATM 878  W W17  B IR0 B 2 .  ? -9.857  -12.710 20.434  0.06 5.63  ? 101 IR0 A W17  1 
HETATM 879  W W18  A IR0 B 2 .  ? -16.060 -17.376 18.003  0.06 10.14 ? 101 IR0 A W18  1 
HETATM 880  W W18  B IR0 B 2 .  ? -12.821 -12.207 21.890  0.06 5.99  ? 101 IR0 A W18  1 
HETATM 881  W W19  A IR0 B 2 .  ? -14.868 -3.108  6.784   0.06 7.68  ? 101 IR0 A W19  1 
HETATM 882  W W19  B IR0 B 2 .  ? -17.823 -9.083  4.637   0.06 10.97 ? 101 IR0 A W19  1 
HETATM 883  W W2   A IR0 B 2 .  ? -16.869 -13.757 18.349  0.06 5.02  ? 101 IR0 A W2   1 
HETATM 884  W W2   B IR0 B 2 .  ? -15.005 -9.575  20.367  0.06 7.82  ? 101 IR0 A W2   1 
HETATM 885  W W20  A IR0 B 2 .  ? -17.934 -2.419  7.996   0.06 8.01  ? 101 IR0 A W20  1 
HETATM 886  W W20  B IR0 B 2 .  ? -20.567 -8.502  6.476   0.06 8.68  ? 101 IR0 A W20  1 
HETATM 887  W W21  A IR0 B 2 .  ? -17.932 -15.546 5.266   0.06 5.88  ? 101 IR0 A W21  1 
HETATM 888  W W21  B IR0 B 2 .  ? -15.881 -19.659 11.301  0.06 6.54  ? 101 IR0 A W21  1 
HETATM 889  W W22  A IR0 B 2 .  ? -20.910 -14.909 6.629   0.06 6.67  ? 101 IR0 A W22  1 
HETATM 890  W W22  B IR0 B 2 .  ? -18.770 -19.342 12.998  0.06 6.48  ? 101 IR0 A W22  1 
HETATM 891  W W23  A IR0 B 2 .  ? -9.908  -5.663  18.126  0.06 9.36  ? 101 IR0 A W23  1 
HETATM 892  W W23  B IR0 B 2 .  ? -11.434 -2.239  13.349  0.06 5.65  ? 101 IR0 A W23  1 
HETATM 893  W W24  A IR0 B 2 .  ? -12.901 -5.072  19.542  0.06 5.92  ? 101 IR0 A W24  1 
HETATM 894  W W24  B IR0 B 2 .  ? -14.346 -1.517  14.804  0.06 6.30  ? 101 IR0 A W24  1 
HETATM 895  W W25  A IR0 B 2 .  ? -9.788  -9.151  19.577  0.06 9.55  ? 101 IR0 A W25  1 
HETATM 896  W W25  B IR0 B 2 .  ? -10.123 -3.626  16.584  0.06 5.77  ? 101 IR0 A W25  1 
HETATM 897  W W26  A IR0 B 2 .  ? -12.795 -8.510  20.957  0.06 6.12  ? 101 IR0 A W26  1 
HETATM 898  W W26  B IR0 B 2 .  ? -13.115 -3.111  17.956  0.06 7.60  ? 101 IR0 A W26  1 
HETATM 899  W W27  A IR0 B 2 .  ? -14.834 -19.555 13.763  0.06 11.22 ? 101 IR0 A W27  1 
HETATM 900  W W27  B IR0 B 2 .  ? -10.885 -16.019 19.093  0.06 5.36  ? 101 IR0 A W27  1 
HETATM 901  W W28  A IR0 B 2 .  ? -17.853 -12.088 3.900   0.06 6.08  ? 101 IR0 A W28  1 
HETATM 902  W W28  B IR0 B 2 .  ? -17.561 -18.323 8.215   0.06 6.38  ? 101 IR0 A W28  1 
HETATM 903  W W29  A IR0 B 2 .  ? -20.887 -11.465 5.166   0.06 6.86  ? 101 IR0 A W29  1 
HETATM 904  W W29  B IR0 B 2 .  ? -20.382 -17.807 9.943   0.06 7.10  ? 101 IR0 A W29  1 
HETATM 905  W W3   A IR0 B 2 .  ? -13.972 -6.725  6.440   0.06 3.08  ? 101 IR0 A W3   1 
HETATM 906  W W3   B IR0 B 2 .  ? -15.567 -11.882 5.641   0.06 6.27  ? 101 IR0 A W3   1 
HETATM 907  W W30  A IR0 B 2 .  ? -13.291 -1.616  9.775   0.06 6.72  ? 101 IR0 A W30  1 
HETATM 908  W W30  B IR0 B 2 .  ? -16.435 -5.809  5.635   0.06 9.58  ? 101 IR0 A W30  1 
HETATM 909  W W31  A IR0 B 2 .  ? -17.827 -18.889 15.121  0.06 10.85 ? 101 IR0 A W31  1 
HETATM 910  W W31  B IR0 B 2 .  ? -13.766 -15.663 20.771  0.06 7.33  ? 101 IR0 A W31  1 
HETATM 911  W W32  A IR0 B 2 .  ? -16.277 -1.163  11.125  0.06 6.67  ? 101 IR0 A W32  1 
HETATM 912  W W32  B IR0 B 2 .  ? -19.350 -5.043  7.108   0.06 5.36  ? 101 IR0 A W32  1 
HETATM 913  W W33  A IR0 B 2 .  ? -11.423 -16.179 19.531  0.06 10.99 ? 101 IR0 A W33  1 
HETATM 914  W W33  B IR0 B 2 .  ? -8.990  -9.126  21.037  0.06 6.91  ? 101 IR0 A W33  1 
HETATM 915  W W34  A IR0 B 2 .  ? -14.476 -15.455 20.765  0.06 9.56  ? 101 IR0 A W34  1 
HETATM 916  W W34  B IR0 B 2 .  ? -11.985 -8.618  22.471  0.06 7.52  ? 101 IR0 A W34  1 
HETATM 917  W W35  A IR0 B 2 .  ? -16.331 -5.075  4.004   0.06 5.83  ? 101 IR0 A W35  1 
HETATM 918  W W35  B IR0 B 2 .  ? -18.914 -12.629 4.079   0.06 12.30 ? 101 IR0 A W35  1 
HETATM 919  W W36  A IR0 B 2 .  ? -19.412 -4.393  5.163   0.06 9.11  ? 101 IR0 A W36  1 
HETATM 920  W W36  B IR0 B 2 .  ? -21.626 -12.038 5.919   0.06 11.49 ? 101 IR0 A W36  1 
HETATM 921  W W37  A IR0 B 2 .  ? -17.665 -18.722 7.225   0.06 9.06  ? 101 IR0 A W37  1 
HETATM 922  W W37  B IR0 B 2 .  ? -14.081 -20.457 14.496  0.06 7.35  ? 101 IR0 A W37  1 
HETATM 923  W W38  A IR0 B 2 .  ? -20.670 -18.073 8.632   0.06 9.31  ? 101 IR0 A W38  1 
HETATM 924  W W38  B IR0 B 2 .  ? -16.971 -20.145 16.214  0.06 8.03  ? 101 IR0 A W38  1 
HETATM 925  W W39  A IR0 B 2 .  ? -10.208 -2.446  16.187  0.06 5.69  ? 101 IR0 A W39  1 
HETATM 926  W W39  B IR0 B 2 .  ? -12.843 -1.489  9.973   0.06 5.89  ? 101 IR0 A W39  1 
HETATM 927  W W4   A IR0 B 2 .  ? -20.185 -5.312  8.729   0.06 7.18  ? 101 IR0 A W4   1 
HETATM 928  W W4   B IR0 B 2 .  ? -21.085 -10.753 9.428   0.06 12.80 ? 101 IR0 A W4   1 
HETATM 929  W W40  A IR0 B 2 .  ? -13.242 -1.924  17.598  0.06 5.88  ? 101 IR0 A W40  1 
HETATM 930  W W40  B IR0 B 2 .  ? -15.797 -0.717  11.455  0.06 6.65  ? 101 IR0 A W40  1 
HETATM 931  W W41  A IR0 B 2 .  ? -10.137 -12.785 20.580  0.06 7.56  ? 101 IR0 A W41  1 
HETATM 932  W W41  B IR0 B 2 .  ? -9.105  -5.690  19.544  0.06 6.99  ? 101 IR0 A W41  1 
HETATM 933  W W42  A IR0 B 2 .  ? -13.170 -12.095 21.875  0.06 6.80  ? 101 IR0 A W42  1 
HETATM 934  W W42  B IR0 B 2 .  ? -12.147 -5.192  20.932  0.06 8.74  ? 101 IR0 A W42  1 
HETATM 935  W W43  A IR0 B 2 .  ? -17.453 -8.492  2.947   0.06 5.60  ? 101 IR0 A W43  1 
HETATM 936  W W43  B IR0 B 2 .  ? -18.835 -16.143 5.446   0.06 11.28 ? 101 IR0 A W43  1 
HETATM 937  W W44  A IR0 B 2 .  ? -20.537 -7.850  4.192   0.06 8.39  ? 101 IR0 A W44  1 
HETATM 938  W W44  B IR0 B 2 .  ? -21.618 -15.540 7.221   0.06 14.55 ? 101 IR0 A W44  1 
HETATM 939  W W45  A IR0 B 2 .  ? -16.454 -20.194 10.461  0.06 9.46  ? 101 IR0 A W45  1 
HETATM 940  W W45  B IR0 B 2 .  ? -12.184 -19.098 17.435  0.06 6.34  ? 101 IR0 A W45  1 
HETATM 941  W W46  A IR0 B 2 .  ? -19.465 -19.638 11.856  0.06 10.86 ? 101 IR0 A W46  1 
HETATM 942  W W46  B IR0 B 2 .  ? -15.069 -18.766 19.140  0.06 8.87  ? 101 IR0 A W46  1 
HETATM 943  W W47  A IR0 B 2 .  ? -11.563 -0.932  13.013  0.06 7.16  ? 101 IR0 A W47  1 
HETATM 944  W W47  B IR0 B 2 .  ? -14.769 -2.841  7.092   0.06 6.49  ? 101 IR0 A W47  1 
HETATM 945  W W48  A IR0 B 2 .  ? -14.622 -0.440  14.427  0.06 6.09  ? 101 IR0 A W48  1 
HETATM 946  W W48  B IR0 B 2 .  ? -17.745 -1.941  8.487   0.06 6.38  ? 101 IR0 A W48  1 
HETATM 947  W W5   A IR0 B 2 .  ? -15.032 -16.020 7.589   0.06 7.79  ? 101 IR0 A W5   1 
HETATM 948  W W5   B IR0 B 2 .  ? -13.063 -17.454 12.396  0.06 5.60  ? 101 IR0 A W5   1 
HETATM 949  W W6   A IR0 B 2 .  ? -21.021 -14.711 10.313  0.06 6.49  ? 101 IR0 A W6   1 
HETATM 950  W W6   B IR0 B 2 .  ? -18.835 -16.886 15.793  0.06 7.69  ? 101 IR0 A W6   1 
HETATM 951  W W7   A IR0 B 2 .  ? -9.803  -5.735  14.410  0.06 4.29  ? 101 IR0 A W7   1 
HETATM 952  W W7   B IR0 B 2 .  ? -11.497 -4.928  10.780  0.06 5.23  ? 101 IR0 A W7   1 
HETATM 953  W W8   A IR0 B 2 .  ? -15.834 -4.634  17.261  0.06 6.47  ? 101 IR0 A W8   1 
HETATM 954  W W8   B IR0 B 2 .  ? -17.368 -3.361  13.665  0.06 6.47  ? 101 IR0 A W8   1 
HETATM 955  W W9   A IR0 B 2 .  ? -9.559  -11.833 16.980  0.06 6.21  ? 101 IR0 A W9   1 
HETATM 956  W W9   B IR0 B 2 .  ? -9.062  -7.142  16.010  0.06 4.03  ? 101 IR0 A W9   1 
HETATM 957  O O100 A IR0 B 2 .  ? -10.948 -1.312  14.790  0.06 6.98  ? 101 IR0 A O100 1 
HETATM 958  O O100 B IR0 B 2 .  ? -13.979 -1.772  8.444   0.06 7.49  ? 101 IR0 A O100 1 
HETATM 959  O O101 A IR0 B 2 .  ? -19.840 -6.069  4.278   0.06 6.97  ? 101 IR0 A O101 1 
HETATM 960  O O101 B IR0 B 2 .  ? -21.592 -13.956 6.166   0.06 7.33  ? 101 IR0 A O101 1 
HETATM 961  O O102 A IR0 B 2 .  ? -13.525 -13.956 21.571  0.06 7.40  ? 101 IR0 A O102 1 
HETATM 962  O O102 B IR0 B 2 .  ? -11.697 -6.790  21.885  0.06 7.61  ? 101 IR0 A O102 1 
HETATM 963  O O103 A IR0 B 2 .  ? -13.642 -0.867  16.020  0.06 7.23  ? 101 IR0 A O103 1 
HETATM 964  O O103 B IR0 B 2 .  ? -16.577 -1.050  9.708   0.06 7.42  ? 101 IR0 A O103 1 
HETATM 965  O O104 A IR0 B 2 .  ? -19.974 -19.205 10.058  0.06 7.35  ? 101 IR0 A O104 1 
HETATM 966  O O104 B IR0 B 2 .  ? -15.764 -19.784 17.683  0.06 8.02  ? 101 IR0 A O104 1 
HETATM 967  O O105 A IR0 B 2 .  ? -14.665 -18.661 17.639  0.06 8.06  ? 101 IR0 A O105 1 
HETATM 968  O O105 B IR0 B 2 .  ? -11.053 -12.974 21.922  0.06 7.00  ? 101 IR0 A O105 1 
HETATM 969  O O106 A IR0 B 2 .  ? -16.306 -1.859  7.112   0.06 7.46  ? 101 IR0 A O106 1 
HETATM 970  O O106 B IR0 B 2 .  ? -19.552 -8.246  4.857   0.06 7.39  ? 101 IR0 A O106 1 
HETATM 971  O O107 A IR0 B 2 .  ? -19.849 -15.411 5.100   0.06 7.54  ? 101 IR0 A O107 1 
HETATM 972  O O107 B IR0 B 2 .  ? -17.640 -20.318 11.766  0.06 6.76  ? 101 IR0 A O107 1 
HETATM 973  O O108 A IR0 B 2 .  ? -10.976 -5.208  19.673  0.06 7.47  ? 101 IR0 A O108 1 
HETATM 974  O O108 B IR0 B 2 .  ? -12.502 -1.077  14.457  0.06 7.34  ? 101 IR0 A O108 1 
HETATM 975  O O109 A IR0 B 2 .  ? -10.856 -8.303  20.973  0.06 7.49  ? 101 IR0 A O109 1 
HETATM 976  O O109 B IR0 B 2 .  ? -11.383 -2.401  17.419  0.06 7.42  ? 101 IR0 A O109 1 
HETATM 977  O O110 A IR0 B 2 .  ? -19.787 -12.279 3.785   0.06 7.45  ? 101 IR0 A O110 1 
HETATM 978  O O110 B IR0 B 2 .  ? -19.222 -19.002 8.946   0.06 7.26  ? 101 IR0 A O110 1 
HETATM 979  O O111 A IR0 B 2 .  ? -16.249 -20.023 15.011  0.06 7.87  ? 101 IR0 A O111 1 
HETATM 980  O O111 B IR0 B 2 .  ? -11.859 -16.054 20.785  0.06 6.81  ? 101 IR0 A O111 1 
HETATM 981  O O112 A IR0 B 2 .  ? -14.902 -0.544  9.914   0.06 7.68  ? 101 IR0 A O112 1 
HETATM 982  O O112 B IR0 B 2 .  ? -18.287 -5.260  5.492   0.06 7.43  ? 101 IR0 A O112 1 
HETATM 983  O O113 A IR0 B 2 .  ? -12.780 -16.420 20.929  0.06 7.00  ? 101 IR0 A O113 1 
HETATM 984  O O113 B IR0 B 2 .  ? -10.043 -8.764  22.636  0.06 7.38  ? 101 IR0 A O113 1 
HETATM 985  O O114 A IR0 B 2 .  ? -18.043 -4.162  3.797   0.06 7.10  ? 101 IR0 A O114 1 
HETATM 986  O O114 B IR0 B 2 .  ? -20.839 -12.382 4.173   0.06 7.57  ? 101 IR0 A O114 1 
HETATM 987  O O115 A IR0 B 2 .  ? -19.562 -19.146 7.434   0.06 7.89  ? 101 IR0 A O115 1 
HETATM 988  O O115 B IR0 B 2 .  ? -15.535 -21.274 15.513  0.06 7.81  ? 101 IR0 A O115 1 
HETATM 989  O O116 A IR0 B 2 .  ? -11.360 -1.428  17.386  0.06 6.79  ? 101 IR0 A O116 1 
HETATM 990  O O116 B IR0 B 2 .  ? -14.185 -0.163  10.492  0.06 7.36  ? 101 IR0 A O116 1 
HETATM 991  O O117 A IR0 B 2 .  ? -11.285 -12.540 22.139  0.06 6.88  ? 101 IR0 A O117 1 
HETATM 992  O O117 B IR0 B 2 .  ? -10.223 -4.816  20.890  0.06 7.56  ? 101 IR0 A O117 1 
HETATM 993  O O118 A IR0 B 2 .  ? -19.346 -8.099  2.659   0.06 7.24  ? 101 IR0 A O118 1 
HETATM 994  O O118 B IR0 B 2 .  ? -20.734 -16.447 5.740   0.06 7.38  ? 101 IR0 A O118 1 
HETATM 995  O O119 A IR0 B 2 .  ? -18.154 -20.882 11.126  0.06 6.95  ? 101 IR0 A O119 1 
HETATM 996  O O119 B IR0 B 2 .  ? -13.377 -19.696 18.863  0.06 7.82  ? 101 IR0 A O119 1 
HETATM 997  O O120 A IR0 B 2 .  ? -12.915 0.267   13.765  0.06 6.95  ? 101 IR0 A O120 1 
HETATM 998  O O120 B IR0 B 2 .  ? -16.338 -1.674  7.147   0.06 7.41  ? 101 IR0 A O120 1 
HETATM 999  O O121 A IR0 B 2 .  ? -11.251 -14.819 14.222  0.06 7.27  ? 101 IR0 A O121 1 
HETATM 1000 O O121 B IR0 B 2 .  ? -9.760  -11.486 16.125  0.06 7.07  ? 101 IR0 A O121 1 
HETATM 1001 O O122 A IR0 B 2 .  ? -13.395 -7.142  8.092   0.06 6.67  ? 101 IR0 A O122 1 
HETATM 1002 O O122 B IR0 B 2 .  ? -14.415 -11.060 6.751   0.06 7.12  ? 101 IR0 A O122 1 
HETATM 1003 O O123 A IR0 B 2 .  ? -14.489 -14.328 7.870   0.06 6.93  ? 101 IR0 A O123 1 
HETATM 1004 O O123 B IR0 B 2 .  ? -13.338 -15.917 11.503  0.06 6.91  ? 101 IR0 A O123 1 
HETATM 1005 O O124 A IR0 B 2 .  ? -10.239 -7.449  14.086  0.06 6.53  ? 101 IR0 A O124 1 
HETATM 1006 O O124 B IR0 B 2 .  ? -11.367 -6.409  11.789  0.06 6.98  ? 101 IR0 A O124 1 
HETATM 1007 O O125 A IR0 B 2 .  ? -19.808 -5.572  10.470  0.06 7.16  ? 101 IR0 A O125 1 
HETATM 1008 O O125 B IR0 B 2 .  ? -20.137 -9.947  10.724  0.06 7.27  ? 101 IR0 A O125 1 
HETATM 1009 O O126 A IR0 B 2 .  ? -17.493 -13.222 16.751  0.06 8.07  ? 101 IR0 A O126 1 
HETATM 1010 O O126 B IR0 B 2 .  ? -15.852 -10.501 19.079  0.06 7.54  ? 101 IR0 A O126 1 
HETATM 1011 O O127 A IR0 B 2 .  ? -16.350 -6.319  16.899  0.06 6.47  ? 101 IR0 A O127 1 
HETATM 1012 O O127 B IR0 B 2 .  ? -17.373 -4.899  14.593  0.06 6.84  ? 101 IR0 A O127 1 
HETATM 1013 O O128 A IR0 B 2 .  ? -20.514 -13.044 10.758  0.06 7.05  ? 101 IR0 A O128 1 
HETATM 1014 O O128 B IR0 B 2 .  ? -19.249 -15.350 14.953  0.06 7.28  ? 101 IR0 A O128 1 
HETATM 1015 O O129 A IR0 B 2 .  ? -9.869  -10.969 15.504  0.06 6.49  ? 101 IR0 A O129 1 
HETATM 1016 O O129 B IR0 B 2 .  ? -9.711  -7.474  14.429  0.06 6.64  ? 101 IR0 A O129 1 
HETATM 1017 O O130 A IR0 B 2 .  ? -13.190 -16.040 11.618  0.06 6.84  ? 101 IR0 A O130 1 
HETATM 1018 O O130 B IR0 B 2 .  ? -11.015 -14.425 14.919  0.06 6.72  ? 101 IR0 A O130 1 
HETATM 1019 O O131 A IR0 B 2 .  ? -14.555 -11.071 6.727   0.06 7.14  ? 101 IR0 A O131 1 
HETATM 1020 O O131 B IR0 B 2 .  ? -14.469 -15.144 8.467   0.06 7.47  ? 101 IR0 A O131 1 
HETATM 1021 O O132 A IR0 B 2 .  ? -11.619 -5.679  10.378  0.06 7.43  ? 101 IR0 A O132 1 
HETATM 1022 O O132 B IR0 B 2 .  ? -13.669 -7.998  8.337   0.06 7.18  ? 101 IR0 A O132 1 
HETATM 1023 O O133 A IR0 B 2 .  ? -20.755 -9.663  9.298   0.06 7.04  ? 101 IR0 A O133 1 
HETATM 1024 O O133 B IR0 B 2 .  ? -20.507 -14.082 12.317  0.06 7.75  ? 101 IR0 A O133 1 
HETATM 1025 O O134 A IR0 B 2 .  ? -17.766 -4.767  13.460  0.06 7.24  ? 101 IR0 A O134 1 
HETATM 1026 O O134 B IR0 B 2 .  ? -19.945 -5.960  11.316  0.06 6.85  ? 101 IR0 A O134 1 
HETATM 1027 O O135 A IR0 B 2 .  ? -16.151 -9.447  18.193  0.06 7.09  ? 101 IR0 A O135 1 
HETATM 1028 O O135 B IR0 B 2 .  ? -15.851 -6.525  17.189  0.06 7.00  ? 101 IR0 A O135 1 
HETATM 1029 O O136 A IR0 B 2 .  ? -19.677 -14.876 14.515  0.06 7.77  ? 101 IR0 A O136 1 
HETATM 1030 O O136 B IR0 B 2 .  ? -17.079 -13.763 18.529  0.06 6.85  ? 101 IR0 A O136 1 
HETATM 1031 O O137 A IR0 B 2 .  ? -9.215  -15.908 15.727  0.06 7.98  ? 101 IR0 A O137 1 
HETATM 1032 O O137 B IR0 B 2 .  ? -7.386  -10.979 17.379  0.06 7.95  ? 101 IR0 A O137 1 
HETATM 1033 O O138 A IR0 B 2 .  ? -12.453 -6.613  5.624   0.06 7.56  ? 101 IR0 A O138 1 
HETATM 1034 O O138 B IR0 B 2 .  ? -14.632 -12.211 4.242   0.06 7.78  ? 101 IR0 A O138 1 
HETATM 1035 O O139 A IR0 B 2 .  ? -13.823 -16.573 6.491   0.06 8.31  ? 101 IR0 A O139 1 
HETATM 1036 O O139 B IR0 B 2 .  ? -11.815 -18.170 11.480  0.06 7.93  ? 101 IR0 A O139 1 
HETATM 1037 O O140 A IR0 B 2 .  ? -8.112  -5.798  14.081  0.06 7.47  ? 101 IR0 A O140 1 
HETATM 1038 O O140 B IR0 B 2 .  ? -9.953  -4.881  10.030  0.06 8.52  ? 101 IR0 A O140 1 
HETATM 1039 O O141 A IR0 B 2 .  ? -21.860 -4.778  8.703   0.06 9.04  ? 101 IR0 A O141 1 
HETATM 1040 O O141 B IR0 B 2 .  ? -22.714 -10.390 9.921   0.06 7.71  ? 101 IR0 A O141 1 
HETATM 1041 O O142 A IR0 B 2 .  ? -18.281 -13.729 19.349  0.06 7.89  ? 101 IR0 A O142 1 
HETATM 1042 O O142 B IR0 B 2 .  ? -16.271 -9.296  21.511  0.06 7.72  ? 101 IR0 A O142 1 
HETATM 1043 O O143 A IR0 B 2 .  ? -17.022 -4.192  18.418  0.06 7.73  ? 101 IR0 A O143 1 
HETATM 1044 O O143 B IR0 B 2 .  ? -18.604 -2.452  14.457  0.06 7.69  ? 101 IR0 A O143 1 
HETATM 1045 O O144 A IR0 B 2 .  ? -22.710 -14.649 10.633  0.06 7.90  ? 101 IR0 A O144 1 
HETATM 1046 O O144 B IR0 B 2 .  ? -20.282 -17.245 16.667  0.06 8.43  ? 101 IR0 A O144 1 
HETATM 1047 O O145 A IR0 B 2 .  ? -7.830  -12.025 16.857  0.06 7.64  ? 101 IR0 A O145 1 
HETATM 1048 O O145 B IR0 B 2 .  ? -7.350  -6.980  15.677  0.06 8.34  ? 101 IR0 A O145 1 
HETATM 1049 O O146 A IR0 B 2 .  ? -13.719 -10.526 4.232   0.06 7.53  ? 101 IR0 A O146 1 
HETATM 1050 O O146 B IR0 B 2 .  ? -14.496 -16.111 5.947   0.06 7.96  ? 101 IR0 A O146 1 
HETATM 1051 O O147 A IR0 B 2 .  ? -12.401 -18.253 10.436  0.06 7.83  ? 101 IR0 A O147 1 
HETATM 1052 O O147 B IR0 B 2 .  ? -9.500  -16.666 14.906  0.06 8.04  ? 101 IR0 A O147 1 
HETATM 1053 O O148 A IR0 B 2 .  ? -9.565  -3.921  10.429  0.06 7.71  ? 101 IR0 A O148 1 
HETATM 1054 O O148 B IR0 B 2 .  ? -12.194 -6.421  6.701   0.06 8.09  ? 101 IR0 A O148 1 
HETATM 1055 O O149 A IR0 B 2 .  ? -22.875 -8.793  7.940   0.06 8.53  ? 101 IR0 A O149 1 
HETATM 1056 O O149 B IR0 B 2 .  ? -23.080 -14.211 11.370  0.06 8.09  ? 101 IR0 A O149 1 
HETATM 1057 O O150 A IR0 B 2 .  ? -16.943 -10.090 20.706  0.06 7.39  ? 101 IR0 A O150 1 
HETATM 1058 O O150 B IR0 B 2 .  ? -16.360 -5.404  19.501  0.06 8.23  ? 101 IR0 A O150 1 
HETATM 1059 O O151 A IR0 B 2 .  ? -18.821 -2.455  14.245  0.06 7.78  ? 101 IR0 A O151 1 
HETATM 1060 O O151 B IR0 B 2 .  ? -21.161 -3.501  11.245  0.06 8.51  ? 101 IR0 A O151 1 
HETATM 1061 O O152 A IR0 B 2 .  ? -21.652 -16.567 14.014  0.06 7.80  ? 101 IR0 A O152 1 
HETATM 1062 O O152 B IR0 B 2 .  ? -17.937 -15.618 20.077  0.06 8.50  ? 101 IR0 A O152 1 
HETATM 1063 O O153 A IR0 B 2 .  ? -12.244 -19.648 16.694  0.06 7.70  ? 101 IR0 A O153 1 
HETATM 1064 O O153 B IR0 B 2 .  ? -8.519  -13.626 21.004  0.06 7.74  ? 101 IR0 A O153 1 
HETATM 1065 O O154 A IR0 B 2 .  ? -13.745 -2.061  6.014   0.06 7.62  ? 101 IR0 A O154 1 
HETATM 1066 O O154 B IR0 B 2 .  ? -17.434 -8.467  3.081   0.06 6.84  ? 101 IR0 A O154 1 
HETATM 1067 O O155 A IR0 B 2 .  ? -17.564 -15.939 3.636   0.06 7.51  ? 101 IR0 A O155 1 
HETATM 1068 O O155 B IR0 B 2 .  ? -15.373 -20.904 10.233  0.06 7.36  ? 101 IR0 A O155 1 
HETATM 1069 O O156 A IR0 B 2 .  ? -8.342  -5.572  18.827  0.06 7.89  ? 101 IR0 A O156 1 
HETATM 1070 O O156 B IR0 B 2 .  ? -9.957  -1.368  13.406  0.06 7.85  ? 101 IR0 A O156 1 
HETATM 1071 O O157 A IR0 B 2 .  ? -18.740 -0.902  8.032   0.06 7.80  ? 101 IR0 A O157 1 
HETATM 1072 O O157 B IR0 B 2 .  ? -21.999 -7.635  6.093   0.06 7.38  ? 101 IR0 A O157 1 
HETATM 1073 O O158 A IR0 B 2 .  ? -17.174 -18.383 18.833  0.06 8.29  ? 101 IR0 A O158 1 
HETATM 1074 O O158 B IR0 B 2 .  ? -13.391 -12.782 23.404  0.06 7.65  ? 101 IR0 A O158 1 
HETATM 1075 O O159 A IR0 B 2 .  ? -13.281 -4.654  21.165  0.06 8.03  ? 101 IR0 A O159 1 
HETATM 1076 O O159 B IR0 B 2 .  ? -14.755 -0.199  15.826  0.06 7.68  ? 101 IR0 A O159 1 
HETATM 1077 O O160 A IR0 B 2 .  ? -22.463 -14.959 5.897   0.06 7.73  ? 101 IR0 A O160 1 
HETATM 1078 O O160 B IR0 B 2 .  ? -20.143 -20.371 12.976  0.06 7.23  ? 101 IR0 A O160 1 
HETATM 1079 O O161 A IR0 B 2 .  ? -8.226  -8.621  20.148  0.06 7.92  ? 101 IR0 A O161 1 
HETATM 1080 O O161 B IR0 B 2 .  ? -8.864  -2.447  16.322  0.06 7.38  ? 101 IR0 A O161 1 
HETATM 1081 O O162 A IR0 B 2 .  ? -17.425 -12.963 2.453   0.06 7.86  ? 101 IR0 A O162 1 
HETATM 1082 O O162 B IR0 B 2 .  ? -16.991 -19.799 7.475   0.06 7.44  ? 101 IR0 A O162 1 
HETATM 1083 O O163 A IR0 B 2 .  ? -13.775 -20.914 14.045  0.06 7.97  ? 101 IR0 A O163 1 
HETATM 1084 O O163 B IR0 B 2 .  ? -9.307  -16.452 19.698  0.06 7.31  ? 101 IR0 A O163 1 
HETATM 1085 O O164 A IR0 B 2 .  ? -12.502 -0.649  8.557   0.06 7.76  ? 101 IR0 A O164 1 
HETATM 1086 O O164 B IR0 B 2 .  ? -16.014 -5.779  3.942   0.06 7.67  ? 101 IR0 A O164 1 
HETATM 1087 O O165 A IR0 B 2 .  ? -22.456 -11.980 4.608   0.06 7.58  ? 101 IR0 A O165 1 
HETATM 1088 O O165 B IR0 B 2 .  ? -21.630 -18.970 10.266  0.06 8.39  ? 101 IR0 A O165 1 
HETATM 1089 O O166 A IR0 B 2 .  ? -13.177 -7.660  22.432  0.06 8.11  ? 101 IR0 A O166 1 
HETATM 1090 O O166 B IR0 B 2 .  ? -13.791 -1.663  18.658  0.06 7.56  ? 101 IR0 A O166 1 
HETATM 1091 O O167 A IR0 B 2 .  ? -17.422 0.143   10.935  0.06 7.98  ? 101 IR0 A O167 1 
HETATM 1092 O O167 B IR0 B 2 .  ? -20.839 -4.593  6.319   0.06 7.97  ? 101 IR0 A O167 1 
HETATM 1093 O O168 A IR0 B 2 .  ? -18.664 -19.755 16.382  0.06 7.53  ? 101 IR0 A O168 1 
HETATM 1094 O O168 B IR0 B 2 .  ? -14.098 -15.840 22.474  0.06 7.41  ? 101 IR0 A O168 1 
HETATM 1095 O O169 A IR0 B 2 .  ? -10.167 -17.222 20.148  0.06 7.65  ? 101 IR0 A O169 1 
HETATM 1096 O O169 B IR0 B 2 .  ? -7.381  -9.072  21.700  0.06 8.07  ? 101 IR0 A O169 1 
HETATM 1097 O O170 A IR0 B 2 .  ? -15.536 -4.516  2.556   0.06 7.82  ? 101 IR0 A O170 1 
HETATM 1098 O O170 B IR0 B 2 .  ? -18.748 -12.956 2.371   0.06 8.05  ? 101 IR0 A O170 1 
HETATM 1099 O O171 A IR0 B 2 .  ? -17.201 -19.972 6.100   0.06 8.07  ? 101 IR0 A O171 1 
HETATM 1100 O O171 B IR0 B 2 .  ? -13.116 -21.869 14.157  0.06 8.24  ? 101 IR0 A O171 1 
HETATM 1101 O O172 A IR0 B 2 .  ? -8.694  -1.611  16.424  0.06 7.10  ? 101 IR0 A O172 1 
HETATM 1102 O O172 B IR0 B 2 .  ? -11.668 -0.455  9.197   0.06 8.05  ? 101 IR0 A O172 1 
HETATM 1103 O O173 A IR0 B 2 .  ? -20.699 -3.431  4.474   0.06 7.84  ? 101 IR0 A O173 1 
HETATM 1104 O O173 B IR0 B 2 .  ? -23.281 -11.846 5.427   0.06 7.91  ? 101 IR0 A O173 1 
HETATM 1105 O O174 A IR0 B 2 .  ? -15.518 -16.031 22.074  0.06 8.43  ? 101 IR0 A O174 1 
HETATM 1106 O O174 B IR0 B 2 .  ? -12.400 -8.304  24.135  0.06 8.49  ? 101 IR0 A O174 1 
HETATM 1107 O O175 A IR0 B 2 .  ? -13.706 -0.737  18.792  0.06 7.60  ? 101 IR0 A O175 1 
HETATM 1108 O O175 B IR0 B 2 .  ? -16.550 0.837   11.698  0.06 7.82  ? 101 IR0 A O175 1 
HETATM 1109 O O176 A IR0 B 2 .  ? -22.207 -18.869 8.411   0.06 8.29  ? 101 IR0 A O176 1 
HETATM 1110 O O176 B IR0 B 2 .  ? -17.933 -21.355 17.027  0.06 7.96  ? 101 IR0 A O176 1 
HETATM 1111 O O177 A IR0 B 2 .  ? -8.642  -13.161 21.418  0.06 7.40  ? 101 IR0 A O177 1 
HETATM 1112 O O177 B IR0 B 2 .  ? -7.549  -5.022  20.002  0.06 7.52  ? 101 IR0 A O177 1 
HETATM 1113 O O178 A IR0 B 2 .  ? -16.941 -8.584  1.276   0.06 8.32  ? 101 IR0 A O178 1 
HETATM 1114 O O178 B IR0 B 2 .  ? -18.629 -17.137 4.017   0.06 8.11  ? 101 IR0 A O178 1 
HETATM 1115 O O179 A IR0 B 2 .  ? -15.760 -21.720 9.954   0.06 7.68  ? 101 IR0 A O179 1 
HETATM 1116 O O179 B IR0 B 2 .  ? -10.906 -20.272 17.659  0.06 8.73  ? 101 IR0 A O179 1 
HETATM 1117 O O180 A IR0 B 2 .  ? -10.344 0.243   12.559  0.06 7.83  ? 101 IR0 A O180 1 
HETATM 1118 O O180 B IR0 B 2 .  ? -13.947 -2.152  5.705   0.06 7.61  ? 101 IR0 A O180 1 
HETATM 1119 O O181 A IR0 B 2 .  ? -22.026 -7.509  3.333   0.06 8.07  ? 101 IR0 A O181 1 
HETATM 1120 O O181 B IR0 B 2 .  ? -23.256 -15.991 6.827   0.06 8.54  ? 101 IR0 A O181 1 
HETATM 1121 O O182 A IR0 B 2 .  ? -13.658 -11.988 23.555  0.06 7.41  ? 101 IR0 A O182 1 
HETATM 1122 O O182 B IR0 B 2 .  ? -12.598 -4.164  22.278  0.06 7.86  ? 101 IR0 A O182 1 
HETATM 1123 O O183 A IR0 B 2 .  ? -15.325 1.081   14.922  0.06 7.49  ? 101 IR0 A O183 1 
HETATM 1124 O O183 B IR0 B 2 .  ? -18.786 -0.608  8.023   0.06 7.72  ? 101 IR0 A O183 1 
HETATM 1125 O O184 A IR0 B 2 .  ? -20.723 -20.791 12.252  0.06 7.92  ? 101 IR0 A O184 1 
HETATM 1126 O O184 B IR0 B 2 .  ? -15.687 -19.716 20.480  0.06 8.42  ? 101 IR0 A O184 1 
HETATM 1127 O O    . HOH C 3 .  ? -14.658 -21.656 17.850  0.50 28.79 ? 201 HOH A O    1 
HETATM 1128 O O    . HOH C 3 .  ? 11.218  -0.423  -2.953  1.00 35.53 ? 202 HOH A O    1 
HETATM 1129 O O    . HOH C 3 .  ? 5.363   -0.114  -11.896 1.00 29.41 ? 203 HOH A O    1 
HETATM 1130 O O    . HOH C 3 .  ? 2.274   -4.637  -13.276 1.00 22.72 ? 204 HOH A O    1 
HETATM 1131 O O    . HOH C 3 .  ? 11.667  2.985   -4.257  1.00 39.26 ? 205 HOH A O    1 
HETATM 1132 O O    . HOH C 3 .  ? 12.997  4.024   0.513   1.00 31.57 ? 206 HOH A O    1 
HETATM 1133 O O    . HOH C 3 .  ? 8.027   -3.311  -15.936 1.00 39.22 ? 207 HOH A O    1 
HETATM 1134 O O    . HOH C 3 .  ? 13.416  -7.939  -9.141  1.00 34.44 ? 208 HOH A O    1 
HETATM 1135 O O    . HOH C 3 .  ? 8.944   3.109   -3.746  1.00 24.48 ? 209 HOH A O    1 
HETATM 1136 O O    . HOH C 3 .  ? 7.705   10.075  10.053  1.00 36.42 ? 210 HOH A O    1 
HETATM 1137 O O    . HOH C 3 .  ? -11.540 -3.905  -14.027 1.00 42.46 ? 211 HOH A O    1 
HETATM 1138 O O    . HOH C 3 .  ? 7.643   -0.349  -11.503 1.00 40.37 ? 212 HOH A O    1 
HETATM 1139 O O    . HOH C 3 .  ? 11.022  -0.481  -9.548  1.00 33.64 ? 213 HOH A O    1 
HETATM 1140 O O    . HOH C 3 .  ? 15.647  3.199   0.675   1.00 31.40 ? 214 HOH A O    1 
HETATM 1141 O O    . HOH C 3 .  ? -1.085  8.796   -6.393  1.00 42.76 ? 215 HOH A O    1 
HETATM 1142 O O    . HOH C 3 .  ? 4.090   -8.439  -11.501 1.00 23.60 ? 216 HOH A O    1 
HETATM 1143 O O    . HOH C 3 .  ? 0.834   8.653   -4.247  1.00 33.90 ? 217 HOH A O    1 
HETATM 1144 O O    . HOH C 3 .  ? 4.821   -5.476  -14.340 1.00 42.53 ? 218 HOH A O    1 
HETATM 1145 O O    . HOH C 3 .  ? 9.026   -1.427  -5.105  1.00 26.16 ? 219 HOH A O    1 
HETATM 1146 O O    . HOH C 3 .  ? 6.301   -10.382 -3.804  1.00 39.49 ? 220 HOH A O    1 
HETATM 1147 O O    . HOH C 3 .  ? 4.399   -9.051  6.481   1.00 20.59 ? 221 HOH A O    1 
HETATM 1148 O O    . HOH C 3 .  ? 2.789   -8.160  2.749   1.00 22.96 ? 222 HOH A O    1 
HETATM 1149 O O    . HOH C 3 .  ? -8.947  -5.031  1.625   1.00 25.08 ? 223 HOH A O    1 
HETATM 1150 O O    . HOH C 3 .  ? 8.896   7.822   12.025  1.00 31.47 ? 224 HOH A O    1 
HETATM 1151 O O    . HOH C 3 .  ? -2.267  7.966   -9.041  1.00 21.57 ? 225 HOH A O    1 
HETATM 1152 O O    . HOH C 3 .  ? 11.093  -5.318  -6.634  1.00 30.73 ? 226 HOH A O    1 
HETATM 1153 O O    . HOH C 3 .  ? 4.168   -9.632  -0.007  1.00 33.25 ? 227 HOH A O    1 
HETATM 1154 O O    . HOH C 3 .  ? 6.144   -9.248  3.738   1.00 31.42 ? 228 HOH A O    1 
HETATM 1155 O O    . HOH C 3 .  ? 7.161   11.531  7.451   1.00 28.82 ? 229 HOH A O    1 
HETATM 1156 O O    . HOH C 3 .  ? -3.853  9.119   -3.809  1.00 45.58 ? 230 HOH A O    1 
HETATM 1157 O O    . HOH C 3 .  ? 8.663   -8.233  -0.185  1.00 34.47 ? 231 HOH A O    1 
HETATM 1158 O O    . HOH C 3 .  ? 8.453   -8.302  2.676   1.00 24.92 ? 232 HOH A O    1 
HETATM 1159 O O    . HOH C 3 .  ? 11.277  -3.161  -5.099  1.00 17.95 ? 233 HOH A O    1 
HETATM 1160 O O    . HOH C 3 .  ? -7.174  0.721   -14.568 1.00 25.75 ? 234 HOH A O    1 
HETATM 1161 O O    . HOH C 3 .  ? 2.736   10.101  -5.323  1.00 39.74 ? 235 HOH A O    1 
HETATM 1162 O O    . HOH C 3 .  ? 6.129   -8.997  -1.591  1.00 20.77 ? 236 HOH A O    1 
HETATM 1163 O O    . HOH C 3 .  ? 10.234  5.665   -6.660  1.00 32.14 ? 237 HOH A O    1 
HETATM 1164 O O    . HOH C 3 .  ? 13.530  -0.875  -5.003  1.00 31.74 ? 238 HOH A O    1 
HETATM 1165 O O    . HOH C 3 .  ? 6.792   10.902  -3.674  1.00 45.41 ? 239 HOH A O    1 
HETATM 1166 O O    . HOH C 3 .  ? 7.889   9.280   -5.159  1.00 36.39 ? 240 HOH A O    1 
HETATM 1167 O O    . HOH C 3 .  ? 10.152  5.643   -8.952  1.00 24.92 ? 241 HOH A O    1 
HETATM 1168 O O    . HOH C 3 .  ? 10.151  13.878  10.231  1.00 41.21 ? 242 HOH A O    1 
HETATM 1169 O O    . HOH C 3 .  ? 3.337   -11.415 5.941   1.00 36.80 ? 243 HOH A O    1 
HETATM 1170 O O    . HOH C 3 .  ? -4.924  8.191   -9.357  1.00 41.88 ? 244 HOH A O    1 
# 
